data_5T6M
#
_entry.id   5T6M
#
_cell.length_a   82.819
_cell.length_b   107.705
_cell.length_c   160.061
_cell.angle_alpha   90.00
_cell.angle_beta   90.00
_cell.angle_gamma   90.00
#
_symmetry.space_group_name_H-M   'P 21 21 21'
#
loop_
_entity.id
_entity.type
_entity.pdbx_description
1 polymer 'Tryptophan synthase beta chain 1'
2 non-polymer 'SODIUM ION'
3 non-polymer 'PHOSPHATE ION'
4 non-polymer (betaS)-beta-methyl-L-tryptophan
5 water water
#
_entity_poly.entity_id   1
_entity_poly.type   'polypeptide(L)'
_entity_poly.pdbx_seq_one_letter_code
;MWFGEFGGQYVPETLIEPLKELEKAYKRFKDDEEFNRQLNYYLKTWAGRPTPLYYAKRLTEKIGGAKIYLKREDLVHGGA
H(LLP)TNNAIGQALLAKFMGKTRLIAETGAGQHGVATAMAGALLGMKVDIYMGAEDVERQKMNVFRMKLLGANVIPVNS
GSRTLKDAINEALRDWVATFEYTHYLIGSVVGPHPYPTIVRDFQSVIGREAKAQILEAEGQLPDVIVACVGGGSNAMGIF
YPFVNDKKVKLVGVEAGGKGLESGKHSASLNAGQVGVFHGMLSYFLQDEEGQIKPTHSIAPGLDYPGVGPEHAYLKKIQR
AEYVTVTDEEALKAFHELSRTEGIIPALESAHAVAYAMKLAKEMSRDEIIIVNLSGRGDKDLDIVLKVSGNVLEHHHHHH
;
_entity_poly.pdbx_strand_id   A,B,C,D
#
loop_
_chem_comp.id
_chem_comp.type
_chem_comp.name
_chem_comp.formula
78U non-polymer (betaS)-beta-methyl-L-tryptophan 'C12 H14 N2 O2'
NA non-polymer 'SODIUM ION' 'Na 1'
PO4 non-polymer 'PHOSPHATE ION' 'O4 P -3'
#
# COMPACT_ATOMS: atom_id res chain seq x y z
N MET A 1 11.82 12.12 -21.33
CA MET A 1 13.27 12.44 -21.46
C MET A 1 13.53 13.93 -21.47
N TRP A 2 12.59 14.69 -22.02
CA TRP A 2 12.75 16.12 -22.19
C TRP A 2 11.81 16.90 -21.31
N PHE A 3 12.32 17.98 -20.72
CA PHE A 3 11.52 18.96 -20.00
C PHE A 3 11.69 20.30 -20.74
N GLY A 4 10.82 20.54 -21.71
CA GLY A 4 11.06 21.58 -22.72
C GLY A 4 12.41 21.39 -23.42
N GLU A 5 13.30 22.38 -23.30
CA GLU A 5 14.64 22.33 -23.91
C GLU A 5 15.73 21.67 -23.02
N PHE A 6 15.32 21.03 -21.92
CA PHE A 6 16.27 20.51 -20.92
C PHE A 6 16.02 19.03 -20.66
N GLY A 7 17.09 18.28 -20.44
CA GLY A 7 17.00 16.85 -20.20
C GLY A 7 17.87 16.04 -21.14
N GLY A 8 17.30 14.98 -21.69
CA GLY A 8 17.99 14.19 -22.70
C GLY A 8 18.80 13.08 -22.10
N GLN A 9 19.70 12.52 -22.92
CA GLN A 9 20.37 11.28 -22.62
C GLN A 9 21.71 11.21 -23.35
N TYR A 10 22.66 12.01 -22.90
CA TYR A 10 23.92 12.22 -23.61
C TYR A 10 24.98 11.31 -23.07
N VAL A 11 25.01 10.10 -23.60
CA VAL A 11 25.85 9.06 -23.07
C VAL A 11 26.55 8.37 -24.23
N PRO A 12 27.68 7.69 -23.96
CA PRO A 12 28.27 6.89 -25.04
C PRO A 12 27.37 5.69 -25.34
N GLU A 13 27.46 5.18 -26.56
CA GLU A 13 26.55 4.15 -27.07
C GLU A 13 26.43 2.96 -26.12
N THR A 14 27.55 2.62 -25.50
CA THR A 14 27.61 1.51 -24.56
C THR A 14 26.58 1.58 -23.42
N LEU A 15 26.23 2.79 -22.98
CA LEU A 15 25.27 3.00 -21.89
C LEU A 15 23.80 3.09 -22.31
N ILE A 16 23.53 3.02 -23.62
CA ILE A 16 22.15 3.14 -24.12
C ILE A 16 21.34 1.89 -23.74
N GLU A 17 21.98 0.71 -23.84
CA GLU A 17 21.36 -0.57 -23.49
C GLU A 17 20.96 -0.62 -21.99
N PRO A 18 21.91 -0.37 -21.06
CA PRO A 18 21.51 -0.36 -19.65
C PRO A 18 20.46 0.71 -19.26
N LEU A 19 20.48 1.87 -19.92
CA LEU A 19 19.50 2.93 -19.65
C LEU A 19 18.11 2.58 -20.19
N LYS A 20 18.05 1.90 -21.33
CA LYS A 20 16.77 1.41 -21.87
C LYS A 20 16.21 0.33 -20.94
N GLU A 21 17.07 -0.59 -20.50
CA GLU A 21 16.71 -1.57 -19.47
C GLU A 21 16.15 -0.90 -18.21
N LEU A 22 16.85 0.11 -17.72
CA LEU A 22 16.42 0.82 -16.53
C LEU A 22 15.05 1.45 -16.72
N GLU A 23 14.84 2.07 -17.87
CA GLU A 23 13.57 2.72 -18.18
C GLU A 23 12.42 1.70 -18.18
N LYS A 24 12.66 0.55 -18.79
CA LYS A 24 11.63 -0.48 -18.96
C LYS A 24 11.30 -1.15 -17.64
N ALA A 25 12.33 -1.44 -16.85
CA ALA A 25 12.15 -1.99 -15.53
C ALA A 25 11.40 -0.99 -14.62
N TYR A 26 11.76 0.28 -14.70
CA TYR A 26 11.07 1.31 -13.93
C TYR A 26 9.60 1.36 -14.28
N LYS A 27 9.30 1.47 -15.57
CA LYS A 27 7.91 1.44 -16.08
C LYS A 27 7.13 0.19 -15.59
N ARG A 28 7.81 -0.95 -15.57
CA ARG A 28 7.25 -2.22 -15.08
C ARG A 28 6.93 -2.20 -13.58
N PHE A 29 7.85 -1.68 -12.76
CA PHE A 29 7.73 -1.80 -11.30
C PHE A 29 7.12 -0.60 -10.58
N LYS A 30 7.14 0.58 -11.19
CA LYS A 30 6.66 1.79 -10.50
C LYS A 30 5.23 1.66 -9.97
N ASP A 31 4.34 1.02 -10.75
CA ASP A 31 2.94 0.75 -10.33
C ASP A 31 2.68 -0.72 -9.95
N ASP A 32 3.72 -1.53 -9.85
CA ASP A 32 3.60 -2.94 -9.50
C ASP A 32 3.31 -3.07 -8.00
N GLU A 33 2.32 -3.91 -7.67
CA GLU A 33 1.84 -4.04 -6.28
C GLU A 33 2.91 -4.56 -5.32
N GLU A 34 3.66 -5.59 -5.73
CA GLU A 34 4.68 -6.17 -4.86
C GLU A 34 5.82 -5.17 -4.61
N PHE A 35 6.26 -4.47 -5.66
CA PHE A 35 7.29 -3.43 -5.53
C PHE A 35 6.86 -2.34 -4.56
N ASN A 36 5.63 -1.84 -4.73
CA ASN A 36 5.12 -0.79 -3.85
C ASN A 36 4.83 -1.27 -2.42
N ARG A 37 4.45 -2.54 -2.26
CA ARG A 37 4.28 -3.13 -0.94
C ARG A 37 5.60 -3.05 -0.19
N GLN A 38 6.67 -3.55 -0.81
CA GLN A 38 8.01 -3.54 -0.18
C GLN A 38 8.53 -2.12 0.05
N LEU A 39 8.40 -1.27 -0.95
CA LEU A 39 8.83 0.11 -0.85
C LEU A 39 8.14 0.81 0.32
N ASN A 40 6.81 0.75 0.37
CA ASN A 40 6.07 1.41 1.45
C ASN A 40 6.41 0.79 2.79
N TYR A 41 6.63 -0.53 2.79
CA TYR A 41 7.02 -1.23 3.98
C TYR A 41 8.37 -0.70 4.51
N TYR A 42 9.35 -0.58 3.63
CA TYR A 42 10.67 -0.04 4.03
C TYR A 42 10.59 1.43 4.41
N LEU A 43 9.83 2.24 3.65
CA LEU A 43 9.64 3.65 4.00
C LEU A 43 8.98 3.83 5.36
N LYS A 44 7.99 2.98 5.67
CA LYS A 44 7.31 3.06 6.94
C LYS A 44 8.22 2.58 8.09
N THR A 45 8.64 1.33 8.03
CA THR A 45 9.17 0.71 9.24
C THR A 45 10.66 0.92 9.40
N TRP A 46 11.36 1.19 8.31
CA TRP A 46 12.84 1.39 8.36
C TRP A 46 13.21 2.88 8.32
N ALA A 47 12.53 3.64 7.48
CA ALA A 47 12.84 5.03 7.32
C ALA A 47 12.03 5.94 8.22
N GLY A 48 10.84 5.50 8.65
CA GLY A 48 10.00 6.26 9.55
C GLY A 48 9.02 7.24 8.90
N ARG A 49 8.63 6.99 7.64
CA ARG A 49 7.64 7.85 6.98
C ARG A 49 6.27 7.44 7.51
N PRO A 50 5.33 8.36 7.58
CA PRO A 50 5.46 9.76 7.16
C PRO A 50 6.21 10.63 8.14
N THR A 51 6.96 11.58 7.63
CA THR A 51 7.55 12.60 8.46
C THR A 51 6.46 13.63 8.77
N PRO A 52 6.55 14.29 9.93
CA PRO A 52 5.50 15.24 10.28
C PRO A 52 5.64 16.59 9.55
N LEU A 53 4.55 17.36 9.53
CA LEU A 53 4.56 18.76 9.13
C LEU A 53 4.40 19.61 10.40
N TYR A 54 5.41 20.43 10.70
CA TYR A 54 5.50 21.12 11.98
C TYR A 54 5.25 22.63 11.84
N TYR A 55 4.38 23.17 12.68
CA TYR A 55 4.09 24.60 12.71
C TYR A 55 5.11 25.27 13.62
N ALA A 56 5.99 26.08 13.03
CA ALA A 56 7.03 26.76 13.79
C ALA A 56 6.43 28.02 14.41
N LYS A 57 5.77 27.82 15.55
CA LYS A 57 4.93 28.87 16.17
C LYS A 57 5.75 30.05 16.64
N ARG A 58 6.86 29.77 17.33
CA ARG A 58 7.71 30.84 17.84
C ARG A 58 8.39 31.66 16.73
N LEU A 59 8.95 30.98 15.73
CA LEU A 59 9.56 31.66 14.58
C LEU A 59 8.51 32.49 13.81
N THR A 60 7.33 31.91 13.61
CA THR A 60 6.18 32.60 12.97
C THR A 60 5.76 33.88 13.72
N GLU A 61 5.55 33.76 15.03
CA GLU A 61 5.17 34.90 15.88
C GLU A 61 6.26 35.96 15.93
N LYS A 62 7.51 35.52 16.03
CA LYS A 62 8.65 36.42 16.14
C LYS A 62 8.79 37.29 14.90
N ILE A 63 8.79 36.67 13.73
CA ILE A 63 8.92 37.40 12.45
C ILE A 63 7.68 38.23 12.17
N GLY A 64 6.50 37.70 12.52
CA GLY A 64 5.26 38.48 12.56
C GLY A 64 4.49 38.60 11.27
N GLY A 65 4.74 37.70 10.31
CA GLY A 65 3.97 37.65 9.06
C GLY A 65 3.35 36.28 8.87
N ALA A 66 3.71 35.64 7.76
CA ALA A 66 3.14 34.34 7.36
C ALA A 66 3.40 33.21 8.35
N LYS A 67 2.45 32.29 8.40
CA LYS A 67 2.64 31.02 9.11
C LYS A 67 3.71 30.19 8.40
N ILE A 68 4.70 29.78 9.18
CA ILE A 68 5.77 28.97 8.67
C ILE A 68 5.62 27.54 9.18
N TYR A 69 5.47 26.63 8.23
CA TYR A 69 5.46 25.22 8.49
C TYR A 69 6.73 24.59 7.93
N LEU A 70 7.22 23.57 8.63
CA LEU A 70 8.42 22.83 8.23
C LEU A 70 8.06 21.38 7.95
N LYS A 71 8.27 20.91 6.72
CA LYS A 71 8.17 19.49 6.40
C LYS A 71 9.42 18.81 6.92
N ARG A 72 9.26 17.92 7.90
CA ARG A 72 10.40 17.46 8.75
C ARG A 72 11.17 16.25 8.17
N GLU A 73 11.80 16.44 7.02
CA GLU A 73 12.63 15.39 6.41
C GLU A 73 13.91 15.14 7.20
N ASP A 74 14.23 16.07 8.08
CA ASP A 74 15.29 15.89 9.07
C ASP A 74 15.01 14.68 10.00
N LEU A 75 13.73 14.24 10.10
CA LEU A 75 13.40 13.06 10.92
C LEU A 75 13.45 11.72 10.20
N VAL A 76 13.61 11.70 8.87
CA VAL A 76 13.76 10.43 8.18
C VAL A 76 15.04 9.75 8.63
N HIS A 77 15.06 8.41 8.57
CA HIS A 77 16.26 7.61 8.92
C HIS A 77 17.46 8.08 8.10
N GLY A 78 18.53 8.38 8.81
CA GLY A 78 19.74 8.94 8.20
C GLY A 78 19.82 10.45 8.34
N GLY A 79 18.68 11.11 8.56
CA GLY A 79 18.68 12.56 8.79
C GLY A 79 18.58 13.43 7.55
N ALA A 80 18.35 12.82 6.38
CA ALA A 80 18.17 13.57 5.14
C ALA A 80 17.18 12.91 4.22
N HIS A 81 16.47 13.73 3.47
CA HIS A 81 15.52 13.27 2.46
C HIS A 81 16.12 12.26 1.44
N1 LLP A 82 19.59 19.01 1.82
C2 LLP A 82 20.17 17.95 2.43
C2' LLP A 82 19.92 17.72 3.90
C3 LLP A 82 20.99 17.04 1.66
O3 LLP A 82 21.55 15.98 2.24
C4 LLP A 82 21.19 17.30 0.20
C4' LLP A 82 22.00 16.42 -0.70
C5 LLP A 82 20.52 18.51 -0.35
C6 LLP A 82 19.75 19.29 0.49
C5' LLP A 82 20.69 18.93 -1.81
OP4 LLP A 82 20.35 17.94 -2.75
P LLP A 82 19.01 18.06 -3.59
OP1 LLP A 82 17.89 17.99 -2.60
OP2 LLP A 82 19.07 19.45 -4.17
OP3 LLP A 82 19.08 16.88 -4.55
N LLP A 82 17.45 12.28 1.24
CA LLP A 82 18.11 11.37 0.32
CB LLP A 82 19.64 11.51 0.47
CG LLP A 82 20.15 12.78 -0.16
CD LLP A 82 21.66 12.71 -0.32
CE LLP A 82 22.18 13.94 -1.03
NZ LLP A 82 22.04 15.08 -0.18
C LLP A 82 17.77 9.91 0.50
O LLP A 82 17.78 9.16 -0.46
N THR A 83 17.49 9.50 1.73
CA THR A 83 17.06 8.12 2.03
C THR A 83 15.86 7.64 1.18
N ASN A 84 14.94 8.53 0.88
CA ASN A 84 13.73 8.16 0.12
C ASN A 84 14.12 7.62 -1.26
N ASN A 85 15.10 8.28 -1.88
CA ASN A 85 15.61 7.93 -3.20
C ASN A 85 16.54 6.72 -3.14
N ALA A 86 17.39 6.65 -2.12
CA ALA A 86 18.32 5.53 -1.98
C ALA A 86 17.57 4.22 -1.83
N ILE A 87 16.51 4.21 -1.03
CA ILE A 87 15.69 2.99 -0.85
C ILE A 87 14.99 2.62 -2.17
N GLY A 88 14.38 3.63 -2.78
CA GLY A 88 13.62 3.44 -4.03
C GLY A 88 14.47 2.83 -5.13
N GLN A 89 15.64 3.43 -5.38
CA GLN A 89 16.54 2.90 -6.42
C GLN A 89 17.18 1.57 -6.05
N ALA A 90 17.55 1.42 -4.78
CA ALA A 90 18.17 0.17 -4.32
C ALA A 90 17.16 -0.98 -4.45
N LEU A 91 15.91 -0.72 -4.13
CA LEU A 91 14.88 -1.72 -4.31
C LEU A 91 14.67 -2.04 -5.82
N LEU A 92 14.68 -0.99 -6.65
CA LEU A 92 14.57 -1.16 -8.10
C LEU A 92 15.69 -2.04 -8.63
N ALA A 93 16.91 -1.73 -8.20
CA ALA A 93 18.08 -2.52 -8.54
C ALA A 93 17.93 -3.98 -8.14
N LYS A 94 17.42 -4.22 -6.94
CA LYS A 94 17.25 -5.60 -6.44
C LYS A 94 16.21 -6.33 -7.29
N PHE A 95 15.11 -5.66 -7.59
CA PHE A 95 14.08 -6.21 -8.48
C PHE A 95 14.60 -6.43 -9.91
N MET A 96 15.67 -5.71 -10.31
CA MET A 96 16.30 -5.97 -11.60
C MET A 96 17.39 -7.05 -11.56
N GLY A 97 17.59 -7.67 -10.39
CA GLY A 97 18.60 -8.74 -10.23
C GLY A 97 20.02 -8.23 -9.99
N LYS A 98 20.18 -6.92 -9.77
CA LYS A 98 21.51 -6.35 -9.49
C LYS A 98 21.93 -6.73 -8.09
N THR A 99 23.24 -6.88 -7.89
CA THR A 99 23.83 -7.27 -6.63
C THR A 99 24.72 -6.18 -6.04
N ARG A 100 24.91 -5.09 -6.79
CA ARG A 100 25.88 -4.08 -6.44
C ARG A 100 25.33 -2.69 -6.78
N LEU A 101 25.57 -1.74 -5.87
CA LEU A 101 25.23 -0.35 -6.05
C LEU A 101 26.52 0.41 -6.09
N ILE A 102 26.66 1.28 -7.08
CA ILE A 102 27.70 2.32 -7.05
C ILE A 102 27.06 3.69 -6.98
N ALA A 103 27.81 4.64 -6.43
CA ALA A 103 27.35 6.01 -6.38
C ALA A 103 28.52 6.93 -6.27
N GLU A 104 28.21 8.20 -6.52
N GLU A 104 28.33 8.20 -6.60
CA GLU A 104 29.12 9.32 -6.43
CA GLU A 104 29.35 9.20 -6.27
C GLU A 104 28.76 10.09 -5.15
C GLU A 104 28.81 10.08 -5.18
N THR A 105 29.72 10.77 -4.51
CA THR A 105 29.37 11.67 -3.41
C THR A 105 30.42 12.76 -3.25
N GLY A 106 29.96 13.96 -2.92
CA GLY A 106 30.85 15.06 -2.59
C GLY A 106 30.90 15.34 -1.10
N ALA A 107 29.73 15.56 -0.52
CA ALA A 107 29.57 15.80 0.91
C ALA A 107 29.65 14.50 1.75
N GLY A 108 29.36 13.37 1.11
CA GLY A 108 29.26 12.07 1.80
C GLY A 108 27.82 11.71 2.10
N GLN A 109 26.92 12.66 1.87
CA GLN A 109 25.56 12.50 2.33
C GLN A 109 24.82 11.48 1.49
N HIS A 110 24.95 11.58 0.17
CA HIS A 110 24.39 10.56 -0.70
C HIS A 110 25.12 9.22 -0.56
N GLY A 111 26.42 9.26 -0.29
CA GLY A 111 27.18 8.04 -0.08
C GLY A 111 26.66 7.27 1.14
N VAL A 112 26.34 8.00 2.20
CA VAL A 112 25.81 7.40 3.42
C VAL A 112 24.42 6.84 3.15
N ALA A 113 23.59 7.62 2.48
CA ALA A 113 22.21 7.17 2.17
C ALA A 113 22.27 5.87 1.34
N THR A 114 23.18 5.82 0.38
CA THR A 114 23.32 4.66 -0.50
C THR A 114 23.82 3.47 0.30
N ALA A 115 24.89 3.68 1.09
CA ALA A 115 25.39 2.68 2.01
C ALA A 115 24.31 2.11 2.92
N MET A 116 23.49 2.97 3.50
CA MET A 116 22.38 2.52 4.35
C MET A 116 21.41 1.59 3.61
N ALA A 117 21.01 1.99 2.40
CA ALA A 117 20.00 1.23 1.63
C ALA A 117 20.56 -0.09 1.15
N GLY A 118 21.85 -0.10 0.82
CA GLY A 118 22.51 -1.28 0.38
C GLY A 118 22.70 -2.30 1.47
N ALA A 119 23.03 -1.82 2.67
CA ALA A 119 23.10 -2.66 3.86
C ALA A 119 21.75 -3.29 4.12
N LEU A 120 20.72 -2.46 4.15
CA LEU A 120 19.33 -2.96 4.29
C LEU A 120 19.02 -4.12 3.33
N LEU A 121 19.34 -3.94 2.04
CA LEU A 121 18.94 -4.91 1.03
C LEU A 121 19.99 -5.96 0.75
N GLY A 122 21.13 -5.92 1.46
CA GLY A 122 22.17 -6.95 1.31
C GLY A 122 22.97 -6.87 0.01
N MET A 123 23.23 -5.65 -0.43
CA MET A 123 23.93 -5.41 -1.68
C MET A 123 25.30 -4.85 -1.42
N LYS A 124 26.25 -5.18 -2.28
CA LYS A 124 27.56 -4.57 -2.18
C LYS A 124 27.42 -3.08 -2.56
N VAL A 125 28.14 -2.23 -1.84
CA VAL A 125 28.09 -0.80 -2.09
C VAL A 125 29.52 -0.27 -2.23
N ASP A 126 29.82 0.32 -3.40
CA ASP A 126 31.08 1.05 -3.61
C ASP A 126 30.74 2.50 -3.92
N ILE A 127 31.37 3.41 -3.20
CA ILE A 127 31.09 4.84 -3.32
C ILE A 127 32.35 5.54 -3.83
N TYR A 128 32.23 6.26 -4.96
CA TYR A 128 33.33 7.05 -5.48
C TYR A 128 33.33 8.45 -4.89
N MET A 129 34.49 8.88 -4.41
CA MET A 129 34.58 10.13 -3.73
C MET A 129 35.94 10.72 -4.01
N GLY A 130 35.98 11.98 -4.40
CA GLY A 130 37.25 12.64 -4.69
C GLY A 130 38.10 12.70 -3.44
N ALA A 131 39.41 12.48 -3.58
CA ALA A 131 40.33 12.43 -2.41
C ALA A 131 40.29 13.68 -1.50
N GLU A 132 40.11 14.85 -2.10
CA GLU A 132 40.01 16.11 -1.34
C GLU A 132 38.71 16.09 -0.49
N ASP A 133 37.62 15.63 -1.09
CA ASP A 133 36.35 15.44 -0.37
C ASP A 133 36.44 14.37 0.73
N VAL A 134 37.18 13.30 0.49
CA VAL A 134 37.46 12.30 1.53
C VAL A 134 38.01 12.99 2.77
N GLU A 135 39.08 13.75 2.59
CA GLU A 135 39.72 14.48 3.69
C GLU A 135 38.73 15.44 4.40
N ARG A 136 37.89 16.12 3.63
CA ARG A 136 36.95 17.10 4.18
C ARG A 136 35.73 16.47 4.93
N GLN A 137 35.46 15.19 4.70
CA GLN A 137 34.25 14.54 5.22
C GLN A 137 34.63 13.24 5.94
N LYS A 138 35.59 13.34 6.84
CA LYS A 138 36.05 12.19 7.65
C LYS A 138 34.90 11.38 8.30
N MET A 139 33.95 12.06 8.91
CA MET A 139 32.88 11.36 9.66
C MET A 139 31.88 10.67 8.74
N ASN A 140 31.55 11.29 7.61
CA ASN A 140 30.69 10.63 6.61
C ASN A 140 31.39 9.46 5.96
N VAL A 141 32.70 9.57 5.75
CA VAL A 141 33.50 8.46 5.26
C VAL A 141 33.40 7.30 6.26
N PHE A 142 33.56 7.62 7.55
CA PHE A 142 33.45 6.61 8.60
C PHE A 142 32.06 5.95 8.63
N ARG A 143 30.99 6.75 8.57
CA ARG A 143 29.60 6.18 8.54
C ARG A 143 29.50 5.16 7.42
N MET A 144 29.94 5.54 6.22
CA MET A 144 29.85 4.65 5.06
C MET A 144 30.59 3.34 5.30
N LYS A 145 31.81 3.43 5.84
CA LYS A 145 32.54 2.22 6.19
C LYS A 145 31.86 1.38 7.29
N LEU A 146 31.35 2.03 8.34
CA LEU A 146 30.53 1.34 9.36
C LEU A 146 29.36 0.58 8.76
N LEU A 147 28.77 1.15 7.70
CA LEU A 147 27.61 0.54 7.02
C LEU A 147 27.99 -0.59 6.04
N GLY A 148 29.30 -0.86 5.89
CA GLY A 148 29.78 -1.97 5.06
C GLY A 148 30.14 -1.55 3.65
N ALA A 149 30.07 -0.25 3.33
CA ALA A 149 30.42 0.26 1.99
C ALA A 149 31.92 0.44 1.88
N ASN A 150 32.41 0.38 0.66
CA ASN A 150 33.80 0.75 0.36
C ASN A 150 33.77 2.17 -0.20
N VAL A 151 34.74 2.98 0.19
CA VAL A 151 34.87 4.32 -0.32
C VAL A 151 36.14 4.35 -1.16
N ILE A 152 35.97 4.55 -2.47
CA ILE A 152 37.07 4.54 -3.42
C ILE A 152 37.52 5.99 -3.60
N PRO A 153 38.72 6.34 -3.09
CA PRO A 153 39.16 7.69 -3.32
C PRO A 153 39.61 7.87 -4.75
N VAL A 154 39.18 8.97 -5.36
CA VAL A 154 39.55 9.30 -6.71
C VAL A 154 40.65 10.35 -6.66
N ASN A 155 41.83 9.99 -7.17
CA ASN A 155 43.03 10.83 -7.06
C ASN A 155 43.36 11.60 -8.35
N SER A 156 42.57 11.40 -9.39
CA SER A 156 42.80 12.09 -10.67
C SER A 156 42.31 13.55 -10.59
N GLY A 157 42.97 14.43 -11.34
CA GLY A 157 42.50 15.81 -11.52
C GLY A 157 42.51 16.61 -10.23
N SER A 158 41.40 17.31 -9.98
CA SER A 158 41.22 18.11 -8.77
C SER A 158 40.85 17.25 -7.54
N ARG A 159 40.57 15.96 -7.74
CA ARG A 159 40.22 15.04 -6.66
C ARG A 159 38.94 15.47 -5.90
N THR A 160 37.93 15.89 -6.66
CA THR A 160 36.65 16.36 -6.11
C THR A 160 35.49 15.74 -6.89
N LEU A 161 34.27 16.25 -6.67
CA LEU A 161 33.06 15.56 -7.13
C LEU A 161 33.06 15.25 -8.65
N LYS A 162 33.51 16.19 -9.48
CA LYS A 162 33.52 15.97 -10.93
C LYS A 162 34.43 14.79 -11.32
N ASP A 163 35.56 14.62 -10.61
CA ASP A 163 36.47 13.52 -10.90
C ASP A 163 35.86 12.19 -10.42
N ALA A 164 35.15 12.23 -9.30
CA ALA A 164 34.43 11.07 -8.79
C ALA A 164 33.29 10.65 -9.73
N ILE A 165 32.58 11.63 -10.29
CA ILE A 165 31.51 11.37 -11.27
C ILE A 165 32.04 10.66 -12.52
N ASN A 166 33.16 11.16 -13.05
CA ASN A 166 33.81 10.54 -14.21
C ASN A 166 34.24 9.09 -13.94
N GLU A 167 34.73 8.82 -12.71
CA GLU A 167 35.16 7.46 -12.32
C GLU A 167 33.97 6.48 -12.18
N ALA A 168 32.91 6.92 -11.50
CA ALA A 168 31.65 6.15 -11.40
C ALA A 168 31.10 5.78 -12.77
N LEU A 169 31.10 6.74 -13.69
CA LEU A 169 30.63 6.49 -15.05
C LEU A 169 31.45 5.41 -15.76
N ARG A 170 32.79 5.49 -15.64
CA ARG A 170 33.69 4.46 -16.18
C ARG A 170 33.40 3.09 -15.58
N ASP A 171 33.16 3.05 -14.26
CA ASP A 171 32.82 1.82 -13.58
C ASP A 171 31.51 1.27 -14.11
N TRP A 172 30.49 2.11 -14.22
CA TRP A 172 29.18 1.63 -14.68
C TRP A 172 29.23 1.01 -16.09
N VAL A 173 30.03 1.62 -16.98
CA VAL A 173 30.27 1.10 -18.34
C VAL A 173 30.75 -0.36 -18.29
N ALA A 174 31.63 -0.68 -17.34
CA ALA A 174 32.20 -2.02 -17.19
C ALA A 174 31.30 -3.01 -16.47
N THR A 175 30.53 -2.55 -15.49
CA THR A 175 29.89 -3.44 -14.52
C THR A 175 28.36 -3.46 -14.52
N PHE A 176 27.73 -2.75 -15.46
CA PHE A 176 26.26 -2.56 -15.45
C PHE A 176 25.42 -3.83 -15.45
N GLU A 177 25.98 -4.97 -15.90
CA GLU A 177 25.20 -6.23 -15.91
C GLU A 177 24.79 -6.66 -14.47
N TYR A 178 25.62 -6.37 -13.46
CA TYR A 178 25.27 -6.65 -12.05
C TYR A 178 25.23 -5.41 -11.12
N THR A 179 25.52 -4.23 -11.66
CA THR A 179 25.68 -3.02 -10.89
C THR A 179 24.62 -1.99 -11.27
N HIS A 180 23.97 -1.41 -10.27
CA HIS A 180 23.07 -0.26 -10.48
C HIS A 180 23.79 1.00 -10.09
N TYR A 181 23.79 1.98 -10.97
CA TYR A 181 24.37 3.30 -10.68
C TYR A 181 23.32 4.15 -9.97
N LEU A 182 23.54 4.36 -8.67
CA LEU A 182 22.54 5.03 -7.86
C LEU A 182 22.81 6.53 -7.78
N ILE A 183 22.18 7.27 -8.70
CA ILE A 183 22.33 8.71 -8.79
C ILE A 183 21.53 9.40 -7.70
N GLY A 184 22.12 10.43 -7.11
CA GLY A 184 21.62 11.00 -5.84
C GLY A 184 20.73 12.21 -5.94
N SER A 185 20.57 12.75 -7.13
CA SER A 185 19.70 13.91 -7.31
C SER A 185 18.88 13.76 -8.62
N VAL A 186 18.00 14.73 -8.89
CA VAL A 186 17.20 14.73 -10.15
C VAL A 186 18.04 15.17 -11.39
N VAL A 187 19.12 14.42 -11.63
CA VAL A 187 20.16 14.81 -12.58
C VAL A 187 20.56 13.54 -13.31
N GLY A 188 21.47 13.66 -14.25
CA GLY A 188 21.88 12.51 -15.03
C GLY A 188 21.05 12.33 -16.30
N PRO A 189 21.41 11.33 -17.12
CA PRO A 189 20.67 11.04 -18.33
C PRO A 189 19.32 10.45 -17.96
N HIS A 190 18.34 10.67 -18.82
CA HIS A 190 17.06 9.98 -18.72
C HIS A 190 17.35 8.47 -18.52
N PRO A 191 16.68 7.78 -17.58
CA PRO A 191 15.48 8.23 -16.90
C PRO A 191 15.68 8.68 -15.45
N TYR A 192 16.91 9.07 -15.06
CA TYR A 192 17.19 9.38 -13.66
C TYR A 192 16.45 10.61 -13.13
N PRO A 193 16.39 11.72 -13.91
CA PRO A 193 15.65 12.85 -13.36
C PRO A 193 14.18 12.56 -13.01
N THR A 194 13.52 11.72 -13.82
CA THR A 194 12.12 11.34 -13.59
C THR A 194 11.98 10.38 -12.40
N ILE A 195 12.82 9.34 -12.39
CA ILE A 195 12.85 8.36 -11.31
C ILE A 195 13.08 8.98 -9.92
N VAL A 196 14.14 9.79 -9.78
CA VAL A 196 14.49 10.38 -8.49
C VAL A 196 13.36 11.31 -8.05
N ARG A 197 12.82 12.07 -8.99
CA ARG A 197 11.71 12.94 -8.70
C ARG A 197 10.49 12.14 -8.23
N ASP A 198 10.19 11.03 -8.90
CA ASP A 198 9.10 10.16 -8.46
C ASP A 198 9.33 9.55 -7.07
N PHE A 199 10.58 9.20 -6.75
CA PHE A 199 10.89 8.65 -5.41
C PHE A 199 10.93 9.71 -4.31
N GLN A 200 11.06 10.98 -4.66
CA GLN A 200 10.97 12.06 -3.69
C GLN A 200 9.59 12.70 -3.57
N SER A 201 8.69 12.35 -4.49
CA SER A 201 7.38 12.96 -4.55
C SER A 201 6.53 12.68 -3.32
N VAL A 202 6.79 11.54 -2.67
CA VAL A 202 6.20 11.23 -1.38
C VAL A 202 6.26 12.38 -0.38
N ILE A 203 7.34 13.18 -0.40
CA ILE A 203 7.45 14.33 0.46
C ILE A 203 6.29 15.28 0.22
N GLY A 204 6.09 15.64 -1.04
CA GLY A 204 5.01 16.55 -1.44
C GLY A 204 3.61 15.98 -1.22
N ARG A 205 3.45 14.68 -1.45
CA ARG A 205 2.13 14.04 -1.27
C ARG A 205 1.73 14.03 0.18
N GLU A 206 2.68 13.70 1.06
CA GLU A 206 2.44 13.80 2.50
C GLU A 206 2.14 15.25 2.91
N ALA A 207 3.00 16.18 2.48
CA ALA A 207 2.87 17.60 2.86
C ALA A 207 1.52 18.19 2.49
N LYS A 208 1.04 17.82 1.31
CA LYS A 208 -0.26 18.29 0.80
C LYS A 208 -1.38 17.81 1.71
N ALA A 209 -1.45 16.51 1.96
CA ALA A 209 -2.45 15.96 2.89
C ALA A 209 -2.34 16.56 4.30
N GLN A 210 -1.11 16.85 4.75
CA GLN A 210 -0.89 17.34 6.11
C GLN A 210 -1.28 18.81 6.28
N ILE A 211 -1.02 19.62 5.27
CA ILE A 211 -1.38 21.03 5.35
C ILE A 211 -2.91 21.18 5.19
N LEU A 212 -3.52 20.34 4.35
CA LEU A 212 -5.00 20.34 4.21
C LEU A 212 -5.66 19.98 5.54
N GLU A 213 -5.12 18.97 6.21
CA GLU A 213 -5.53 18.56 7.56
C GLU A 213 -5.31 19.68 8.61
N ALA A 214 -4.13 20.28 8.60
CA ALA A 214 -3.76 21.26 9.63
C ALA A 214 -4.49 22.59 9.45
N GLU A 215 -4.60 23.07 8.21
CA GLU A 215 -5.04 24.44 7.91
C GLU A 215 -6.28 24.56 7.04
N GLY A 216 -6.77 23.46 6.46
CA GLY A 216 -7.89 23.54 5.52
C GLY A 216 -7.61 24.22 4.18
N GLN A 217 -6.33 24.33 3.81
CA GLN A 217 -5.95 24.99 2.56
C GLN A 217 -4.55 24.58 2.10
N LEU A 218 -4.28 24.85 0.84
CA LEU A 218 -2.95 24.69 0.27
C LEU A 218 -2.06 25.84 0.75
N PRO A 219 -0.73 25.62 0.74
CA PRO A 219 0.12 26.72 1.12
C PRO A 219 0.15 27.80 0.04
N ASP A 220 0.51 29.01 0.43
CA ASP A 220 0.73 30.08 -0.53
C ASP A 220 2.08 29.94 -1.20
N VAL A 221 3.08 29.50 -0.45
CA VAL A 221 4.42 29.34 -0.99
C VAL A 221 5.06 28.08 -0.44
N ILE A 222 5.82 27.38 -1.30
CA ILE A 222 6.63 26.24 -0.89
C ILE A 222 8.08 26.63 -1.17
N VAL A 223 8.92 26.58 -0.14
CA VAL A 223 10.34 26.96 -0.24
C VAL A 223 11.23 25.73 0.03
N ALA A 224 12.19 25.49 -0.84
CA ALA A 224 13.11 24.37 -0.69
C ALA A 224 14.45 24.75 -1.28
N CYS A 225 15.53 24.29 -0.64
CA CYS A 225 16.87 24.52 -1.17
C CYS A 225 17.10 23.60 -2.39
N VAL A 226 18.04 24.00 -3.24
CA VAL A 226 18.28 23.37 -4.53
C VAL A 226 19.79 23.21 -4.71
N GLY A 227 20.25 21.96 -4.60
CA GLY A 227 21.57 21.58 -5.10
C GLY A 227 21.39 21.07 -6.53
N GLY A 228 21.31 19.75 -6.70
CA GLY A 228 20.83 19.16 -7.92
C GLY A 228 19.31 19.29 -8.10
N GLY A 229 18.56 19.30 -7.00
CA GLY A 229 17.13 19.64 -7.02
C GLY A 229 16.12 18.61 -6.52
N SER A 230 16.58 17.51 -5.91
CA SER A 230 15.69 16.39 -5.59
C SER A 230 14.69 16.66 -4.44
N ASN A 231 15.14 17.24 -3.33
CA ASN A 231 14.18 17.57 -2.24
C ASN A 231 13.17 18.60 -2.71
N ALA A 232 13.63 19.56 -3.54
CA ALA A 232 12.73 20.60 -4.04
C ALA A 232 11.68 20.04 -4.98
N MET A 233 12.12 19.22 -5.94
CA MET A 233 11.17 18.54 -6.86
C MET A 233 10.24 17.61 -6.11
N GLY A 234 10.78 16.91 -5.11
CA GLY A 234 9.96 16.01 -4.31
C GLY A 234 8.79 16.71 -3.66
N ILE A 235 9.05 17.88 -3.08
CA ILE A 235 7.99 18.64 -2.44
C ILE A 235 7.19 19.51 -3.42
N PHE A 236 7.81 19.96 -4.51
CA PHE A 236 7.10 20.78 -5.53
C PHE A 236 6.07 19.99 -6.30
N TYR A 237 6.44 18.76 -6.71
CA TYR A 237 5.81 18.12 -7.85
C TYR A 237 4.30 17.91 -7.66
N PRO A 238 3.88 17.47 -6.46
CA PRO A 238 2.44 17.26 -6.26
C PRO A 238 1.58 18.55 -6.24
N PHE A 239 2.24 19.72 -6.21
CA PHE A 239 1.58 21.02 -6.21
C PHE A 239 1.71 21.75 -7.56
N VAL A 240 2.40 21.13 -8.54
CA VAL A 240 2.66 21.82 -9.81
C VAL A 240 1.35 22.25 -10.52
N ASN A 241 0.30 21.43 -10.43
CA ASN A 241 -1.00 21.76 -11.06
C ASN A 241 -1.96 22.59 -10.17
N ASP A 242 -1.52 22.99 -8.97
CA ASP A 242 -2.29 23.91 -8.12
C ASP A 242 -1.78 25.34 -8.36
N LYS A 243 -2.53 26.09 -9.15
CA LYS A 243 -2.06 27.39 -9.70
C LYS A 243 -1.70 28.40 -8.62
N LYS A 244 -2.52 28.42 -7.58
CA LYS A 244 -2.33 29.25 -6.39
C LYS A 244 -0.96 29.09 -5.69
N VAL A 245 -0.39 27.87 -5.71
CA VAL A 245 0.83 27.57 -4.92
C VAL A 245 2.09 28.09 -5.61
N LYS A 246 2.74 29.07 -4.99
CA LYS A 246 4.03 29.58 -5.48
C LYS A 246 5.15 28.60 -5.07
N LEU A 247 6.11 28.39 -5.97
CA LEU A 247 7.20 27.44 -5.75
C LEU A 247 8.52 28.19 -5.81
N VAL A 248 9.32 28.11 -4.74
CA VAL A 248 10.56 28.89 -4.64
C VAL A 248 11.74 27.97 -4.31
N GLY A 249 12.68 27.87 -5.24
CA GLY A 249 13.91 27.11 -5.03
C GLY A 249 15.06 28.03 -4.64
N VAL A 250 15.85 27.60 -3.66
CA VAL A 250 16.90 28.43 -3.12
C VAL A 250 18.25 27.78 -3.37
N GLU A 251 19.08 28.45 -4.16
CA GLU A 251 20.41 27.97 -4.49
C GLU A 251 21.44 28.60 -3.58
N ALA A 252 22.64 28.00 -3.57
CA ALA A 252 23.74 28.49 -2.76
C ALA A 252 24.37 29.75 -3.33
N GLY A 253 24.16 30.86 -2.62
CA GLY A 253 24.78 32.13 -2.95
C GLY A 253 26.25 32.22 -2.52
N GLY A 254 26.64 31.36 -1.58
CA GLY A 254 28.05 31.24 -1.17
C GLY A 254 28.62 32.51 -0.54
N LYS A 255 29.78 32.93 -1.03
CA LYS A 255 30.40 34.21 -0.60
C LYS A 255 29.79 35.44 -1.32
N GLY A 256 28.82 35.21 -2.20
CA GLY A 256 28.19 36.26 -2.99
C GLY A 256 28.26 35.87 -4.45
N LEU A 257 27.23 36.21 -5.21
CA LEU A 257 27.19 35.90 -6.66
C LEU A 257 28.34 36.60 -7.42
N GLU A 258 28.55 37.87 -7.07
CA GLU A 258 29.71 38.65 -7.53
C GLU A 258 31.09 37.98 -7.27
N SER A 259 31.23 37.26 -6.16
CA SER A 259 32.53 36.70 -5.72
C SER A 259 33.10 35.61 -6.63
N GLY A 260 32.24 34.93 -7.37
CA GLY A 260 32.63 33.73 -8.11
C GLY A 260 32.66 32.45 -7.28
N LYS A 261 32.30 32.52 -5.99
CA LYS A 261 32.34 31.36 -5.08
C LYS A 261 30.94 31.05 -4.57
N HIS A 262 30.19 30.35 -5.41
CA HIS A 262 28.82 30.01 -5.13
C HIS A 262 28.46 28.74 -5.93
N SER A 263 27.20 28.32 -5.88
CA SER A 263 26.79 27.10 -6.57
C SER A 263 25.40 27.26 -7.21
N ALA A 264 25.17 28.47 -7.71
CA ALA A 264 23.89 28.97 -8.14
C ALA A 264 23.81 28.78 -9.64
N SER A 265 23.64 27.52 -10.05
CA SER A 265 23.67 27.13 -11.45
C SER A 265 22.54 27.76 -12.26
N LEU A 266 21.31 27.76 -11.73
CA LEU A 266 20.17 28.39 -12.41
C LEU A 266 20.29 29.91 -12.54
N ASN A 267 20.70 30.58 -11.47
CA ASN A 267 20.76 32.06 -11.47
C ASN A 267 21.94 32.59 -12.29
N ALA A 268 23.09 31.91 -12.24
CA ALA A 268 24.33 32.43 -12.86
C ALA A 268 25.01 31.47 -13.85
N GLY A 269 24.46 30.29 -14.08
CA GLY A 269 25.11 29.30 -14.97
C GLY A 269 24.67 29.46 -16.41
N GLN A 270 25.21 28.60 -17.28
CA GLN A 270 24.87 28.59 -18.71
C GLN A 270 24.39 27.19 -19.10
N VAL A 271 23.54 27.12 -20.13
CA VAL A 271 23.01 25.84 -20.62
C VAL A 271 24.12 25.02 -21.28
N GLY A 272 24.16 23.73 -21.00
CA GLY A 272 25.10 22.83 -21.64
C GLY A 272 25.00 21.39 -21.16
N VAL A 273 25.82 20.52 -21.75
CA VAL A 273 25.80 19.09 -21.46
C VAL A 273 26.84 18.72 -20.40
N PHE A 274 26.38 18.12 -19.31
CA PHE A 274 27.24 17.57 -18.27
C PHE A 274 26.47 16.46 -17.61
N HIS A 275 27.15 15.36 -17.28
CA HIS A 275 26.58 14.25 -16.50
C HIS A 275 25.39 13.59 -17.26
N GLY A 276 25.45 13.63 -18.59
CA GLY A 276 24.42 13.04 -19.45
C GLY A 276 23.15 13.84 -19.65
N MET A 277 23.12 15.10 -19.23
CA MET A 277 21.91 15.91 -19.33
C MET A 277 22.20 17.30 -19.87
N LEU A 278 21.17 17.91 -20.43
CA LEU A 278 21.19 19.28 -20.89
C LEU A 278 20.49 20.16 -19.87
N SER A 279 21.29 20.94 -19.16
CA SER A 279 20.76 21.81 -18.09
C SER A 279 21.72 22.96 -17.85
N TYR A 280 21.45 23.75 -16.80
CA TYR A 280 22.33 24.84 -16.41
C TYR A 280 23.47 24.27 -15.59
N PHE A 281 24.70 24.61 -15.98
CA PHE A 281 25.93 24.23 -15.27
C PHE A 281 26.86 25.45 -15.14
N LEU A 282 27.61 25.51 -14.04
CA LEU A 282 28.55 26.61 -13.82
C LEU A 282 29.84 26.35 -14.59
N GLN A 283 30.07 27.14 -15.63
CA GLN A 283 31.17 26.92 -16.56
C GLN A 283 31.84 28.22 -16.97
N ASP A 284 33.08 28.09 -17.45
CA ASP A 284 33.86 29.24 -17.95
C ASP A 284 33.51 29.56 -19.42
N GLY A 287 34.03 26.03 -22.21
CA GLY A 287 32.86 25.55 -21.47
C GLY A 287 33.18 24.43 -20.48
N GLN A 288 34.30 24.57 -19.76
CA GLN A 288 34.70 23.61 -18.72
C GLN A 288 33.99 23.90 -17.41
N ILE A 289 33.90 22.90 -16.55
CA ILE A 289 33.19 23.01 -15.27
C ILE A 289 33.97 23.90 -14.29
N LYS A 290 33.37 25.03 -13.89
CA LYS A 290 33.99 25.95 -12.93
C LYS A 290 33.86 25.42 -11.49
N PRO A 291 34.86 25.70 -10.62
CA PRO A 291 34.75 25.27 -9.21
C PRO A 291 33.56 25.92 -8.51
N THR A 292 32.96 25.18 -7.58
CA THR A 292 31.77 25.63 -6.85
C THR A 292 32.04 25.69 -5.34
N HIS A 293 31.29 26.55 -4.64
CA HIS A 293 31.40 26.66 -3.18
C HIS A 293 30.07 26.90 -2.51
N SER A 294 29.85 26.19 -1.41
CA SER A 294 28.86 26.54 -0.41
C SER A 294 29.34 26.07 0.95
N ILE A 295 28.98 26.81 1.99
CA ILE A 295 29.13 26.32 3.37
C ILE A 295 28.33 25.00 3.58
N ALA A 296 27.22 24.86 2.87
CA ALA A 296 26.44 23.64 2.89
C ALA A 296 27.03 22.68 1.84
N PRO A 297 27.76 21.64 2.29
CA PRO A 297 28.46 20.79 1.29
C PRO A 297 27.52 20.09 0.28
N GLY A 298 26.28 19.83 0.67
CA GLY A 298 25.31 19.23 -0.24
C GLY A 298 24.83 20.12 -1.40
N LEU A 299 25.15 21.41 -1.34
CA LEU A 299 24.86 22.34 -2.43
C LEU A 299 26.10 22.64 -3.29
N ASP A 300 27.07 21.74 -3.31
CA ASP A 300 28.33 21.98 -4.04
C ASP A 300 28.28 21.46 -5.50
N TYR A 301 27.20 20.79 -5.87
CA TYR A 301 27.05 20.24 -7.23
C TYR A 301 27.06 21.37 -8.29
N PRO A 302 27.86 21.21 -9.36
CA PRO A 302 28.03 22.31 -10.32
C PRO A 302 26.86 22.57 -11.29
N GLY A 303 25.92 21.62 -11.40
CA GLY A 303 24.73 21.77 -12.24
C GLY A 303 23.42 21.80 -11.46
N VAL A 304 22.32 21.51 -12.16
CA VAL A 304 20.99 21.49 -11.58
C VAL A 304 20.09 20.64 -12.47
N GLY A 305 19.07 20.04 -11.88
CA GLY A 305 18.22 19.10 -12.61
C GLY A 305 17.44 19.79 -13.72
N PRO A 306 17.23 19.08 -14.85
CA PRO A 306 16.57 19.72 -16.00
C PRO A 306 15.13 20.12 -15.74
N GLU A 307 14.45 19.43 -14.83
CA GLU A 307 13.05 19.77 -14.55
C GLU A 307 12.95 21.12 -13.84
N HIS A 308 13.95 21.47 -13.02
CA HIS A 308 14.04 22.85 -12.50
C HIS A 308 14.32 23.92 -13.57
N ALA A 309 15.19 23.61 -14.53
CA ALA A 309 15.47 24.52 -15.64
C ALA A 309 14.19 24.81 -16.42
N TYR A 310 13.39 23.76 -16.60
CA TYR A 310 12.10 23.87 -17.24
C TYR A 310 11.11 24.72 -16.41
N LEU A 311 10.97 24.42 -15.11
CA LEU A 311 10.04 25.20 -14.28
C LEU A 311 10.43 26.67 -14.24
N LYS A 312 11.73 26.94 -14.24
CA LYS A 312 12.24 28.32 -14.35
C LYS A 312 11.85 28.94 -15.70
N LYS A 313 12.09 28.20 -16.78
CA LYS A 313 11.80 28.69 -18.13
C LYS A 313 10.33 29.07 -18.29
N ILE A 314 9.43 28.19 -17.89
CA ILE A 314 8.00 28.50 -17.98
C ILE A 314 7.48 29.40 -16.81
N GLN A 315 8.37 29.82 -15.91
CA GLN A 315 8.00 30.69 -14.76
C GLN A 315 6.93 30.06 -13.83
N ARG A 316 6.92 28.72 -13.74
CA ARG A 316 6.09 28.01 -12.76
C ARG A 316 6.74 28.10 -11.36
N ALA A 317 8.07 28.14 -11.32
CA ALA A 317 8.80 28.31 -10.08
C ALA A 317 9.78 29.46 -10.20
N GLU A 318 10.04 30.14 -9.07
CA GLU A 318 11.02 31.20 -8.97
C GLU A 318 12.26 30.65 -8.26
N TYR A 319 13.44 31.08 -8.68
CA TYR A 319 14.70 30.60 -8.09
C TYR A 319 15.52 31.77 -7.57
N VAL A 320 15.95 31.65 -6.32
CA VAL A 320 16.67 32.70 -5.60
C VAL A 320 17.94 32.13 -5.01
N THR A 321 18.76 32.99 -4.42
CA THR A 321 19.97 32.57 -3.73
C THR A 321 20.04 33.11 -2.31
N VAL A 322 20.72 32.36 -1.45
CA VAL A 322 20.99 32.79 -0.10
C VAL A 322 22.49 32.56 0.15
N THR A 323 23.15 33.53 0.76
CA THR A 323 24.60 33.45 1.06
C THR A 323 24.91 32.49 2.25
N ASP A 324 26.20 32.12 2.37
CA ASP A 324 26.72 31.40 3.52
C ASP A 324 26.33 32.04 4.86
N GLU A 325 26.40 33.37 4.91
CA GLU A 325 26.12 34.15 6.12
C GLU A 325 24.63 34.07 6.50
N GLU A 326 23.76 34.29 5.52
CA GLU A 326 22.32 34.20 5.79
C GLU A 326 21.91 32.80 6.23
N ALA A 327 22.46 31.76 5.58
CA ALA A 327 22.18 30.37 5.96
C ALA A 327 22.66 30.05 7.39
N LEU A 328 23.88 30.48 7.72
CA LEU A 328 24.41 30.25 9.05
C LEU A 328 23.55 30.93 10.13
N LYS A 329 23.06 32.14 9.87
CA LYS A 329 22.19 32.83 10.84
C LYS A 329 20.88 32.06 11.04
N ALA A 330 20.33 31.56 9.95
CA ALA A 330 19.08 30.76 10.01
C ALA A 330 19.31 29.38 10.69
N PHE A 331 20.51 28.82 10.52
CA PHE A 331 20.91 27.60 11.25
C PHE A 331 20.84 27.85 12.78
N HIS A 332 21.40 28.96 13.24
CA HIS A 332 21.34 29.33 14.65
C HIS A 332 19.94 29.69 15.11
N GLU A 333 19.23 30.42 14.27
CA GLU A 333 17.89 30.91 14.62
C GLU A 333 16.92 29.77 14.86
N LEU A 334 16.89 28.80 13.95
CA LEU A 334 15.97 27.66 14.07
C LEU A 334 16.30 26.84 15.31
N SER A 335 17.59 26.63 15.54
CA SER A 335 18.07 25.88 16.71
C SER A 335 17.57 26.51 18.01
N ARG A 336 17.78 27.83 18.12
CA ARG A 336 17.40 28.62 19.30
C ARG A 336 15.92 28.79 19.48
N THR A 337 15.19 28.92 18.37
CA THR A 337 13.81 29.34 18.43
C THR A 337 12.83 28.21 18.45
N GLU A 338 13.17 27.10 17.77
CA GLU A 338 12.27 25.93 17.65
C GLU A 338 12.85 24.62 18.20
N GLY A 339 14.14 24.63 18.59
CA GLY A 339 14.78 23.45 19.10
C GLY A 339 15.03 22.41 18.02
N ILE A 340 15.23 22.87 16.80
CA ILE A 340 15.52 22.02 15.67
C ILE A 340 16.81 22.50 15.05
N ILE A 341 17.83 21.65 15.07
CA ILE A 341 19.10 21.95 14.43
C ILE A 341 19.03 21.47 12.96
N PRO A 342 18.94 22.41 11.99
CA PRO A 342 18.75 22.03 10.59
C PRO A 342 20.06 21.75 9.89
N ALA A 343 19.99 21.01 8.79
CA ALA A 343 21.13 20.89 7.90
C ALA A 343 21.43 22.27 7.31
N LEU A 344 22.72 22.53 7.05
CA LEU A 344 23.12 23.80 6.47
C LEU A 344 22.48 24.04 5.12
N GLU A 345 22.23 22.96 4.38
CA GLU A 345 21.49 23.00 3.12
C GLU A 345 20.10 23.54 3.37
N SER A 346 19.37 22.89 4.27
CA SER A 346 17.98 23.28 4.60
C SER A 346 17.92 24.70 5.20
N ALA A 347 19.01 25.13 5.83
CA ALA A 347 19.08 26.44 6.41
C ALA A 347 19.03 27.54 5.37
N HIS A 348 19.43 27.25 4.13
CA HIS A 348 19.23 28.18 3.04
C HIS A 348 17.71 28.44 2.81
N ALA A 349 16.91 27.39 2.79
CA ALA A 349 15.45 27.54 2.62
C ALA A 349 14.80 28.25 3.82
N VAL A 350 15.26 27.91 5.03
CA VAL A 350 14.80 28.60 6.22
C VAL A 350 15.06 30.10 6.10
N ALA A 351 16.29 30.46 5.72
CA ALA A 351 16.68 31.87 5.67
C ALA A 351 15.77 32.65 4.69
N TYR A 352 15.61 32.13 3.47
CA TYR A 352 14.73 32.77 2.50
C TYR A 352 13.27 32.84 2.96
N ALA A 353 12.78 31.78 3.59
CA ALA A 353 11.37 31.76 4.05
C ALA A 353 11.13 32.81 5.14
N MET A 354 12.15 33.04 5.97
CA MET A 354 12.10 34.07 7.02
C MET A 354 11.99 35.49 6.41
N LYS A 355 12.80 35.76 5.38
CA LYS A 355 12.69 37.03 4.63
C LYS A 355 11.32 37.19 3.99
N LEU A 356 10.85 36.13 3.38
CA LEU A 356 9.59 36.15 2.68
C LEU A 356 8.39 36.28 3.63
N ALA A 357 8.45 35.58 4.76
CA ALA A 357 7.35 35.57 5.73
C ALA A 357 7.08 36.96 6.28
N LYS A 358 8.14 37.72 6.50
CA LYS A 358 8.06 39.07 7.01
C LYS A 358 7.19 39.98 6.12
N GLU A 359 7.24 39.76 4.82
CA GLU A 359 6.52 40.60 3.85
C GLU A 359 5.14 40.03 3.43
N MET A 360 4.68 38.98 4.11
CA MET A 360 3.42 38.33 3.77
C MET A 360 2.41 38.51 4.90
N SER A 361 1.17 38.18 4.59
CA SER A 361 0.05 38.31 5.51
C SER A 361 0.05 37.15 6.50
N ARG A 362 -0.53 37.40 7.68
CA ARG A 362 -0.54 36.42 8.77
C ARG A 362 -1.51 35.25 8.54
N ASP A 363 -2.47 35.44 7.64
CA ASP A 363 -3.31 34.32 7.17
C ASP A 363 -2.64 33.49 6.06
N GLU A 364 -1.52 33.97 5.50
CA GLU A 364 -0.80 33.21 4.48
C GLU A 364 0.18 32.18 5.09
N ILE A 365 0.48 31.15 4.30
CA ILE A 365 1.19 29.96 4.75
C ILE A 365 2.41 29.68 3.85
N ILE A 366 3.56 29.51 4.49
CA ILE A 366 4.77 29.03 3.82
C ILE A 366 5.09 27.63 4.34
N ILE A 367 5.30 26.66 3.45
CA ILE A 367 5.91 25.39 3.83
C ILE A 367 7.39 25.42 3.40
N VAL A 368 8.28 25.20 4.37
CA VAL A 368 9.71 25.04 4.09
C VAL A 368 9.98 23.55 4.12
N ASN A 369 10.66 23.03 3.10
CA ASN A 369 11.14 21.67 3.17
C ASN A 369 12.42 21.62 4.00
N LEU A 370 12.31 21.07 5.20
CA LEU A 370 13.48 20.92 6.07
C LEU A 370 14.19 19.61 5.68
N SER A 371 15.00 19.70 4.62
CA SER A 371 15.54 18.53 3.92
C SER A 371 16.37 17.60 4.80
N GLY A 372 17.01 18.17 5.81
CA GLY A 372 17.82 17.38 6.72
C GLY A 372 18.09 18.01 8.05
N ARG A 373 18.76 17.23 8.90
CA ARG A 373 19.20 17.70 10.21
C ARG A 373 20.67 18.12 10.21
N GLY A 374 21.05 18.93 11.20
CA GLY A 374 22.37 19.54 11.27
C GLY A 374 23.46 18.81 12.02
N ASP A 375 23.17 17.60 12.51
CA ASP A 375 24.16 16.83 13.29
C ASP A 375 25.43 16.64 12.49
N LYS A 376 25.27 16.25 11.22
CA LYS A 376 26.40 16.12 10.27
C LYS A 376 27.24 17.41 10.08
N ASP A 377 26.65 18.58 10.35
CA ASP A 377 27.33 19.86 10.13
C ASP A 377 28.01 20.47 11.35
N LEU A 378 28.01 19.78 12.49
CA LEU A 378 28.46 20.43 13.74
C LEU A 378 29.96 20.77 13.72
N ASP A 379 30.77 19.90 13.12
CA ASP A 379 32.18 20.18 12.89
C ASP A 379 32.38 21.46 12.08
N ILE A 380 31.72 21.55 10.92
CA ILE A 380 31.80 22.75 10.06
C ILE A 380 31.41 23.99 10.86
N VAL A 381 30.30 23.89 11.59
CA VAL A 381 29.74 25.06 12.29
C VAL A 381 30.60 25.47 13.50
N LEU A 382 31.16 24.48 14.21
CA LEU A 382 32.14 24.74 15.27
C LEU A 382 33.28 25.64 14.77
N LYS A 383 33.86 25.28 13.62
CA LYS A 383 34.95 26.06 13.01
C LYS A 383 34.51 27.47 12.58
N VAL A 384 33.47 27.56 11.77
CA VAL A 384 33.08 28.84 11.16
C VAL A 384 32.46 29.81 12.17
N SER A 385 31.48 29.33 12.93
CA SER A 385 30.82 30.18 13.94
C SER A 385 31.77 30.48 15.09
N MET B 1 4.94 6.75 45.68
CA MET B 1 6.29 7.12 46.21
C MET B 1 7.22 5.92 46.28
N TRP B 2 6.66 4.75 46.59
CA TRP B 2 7.46 3.54 46.77
C TRP B 2 7.11 2.52 45.70
N PHE B 3 8.13 1.76 45.33
CA PHE B 3 7.97 0.57 44.51
C PHE B 3 8.44 -0.58 45.38
N GLY B 4 7.49 -1.22 46.06
CA GLY B 4 7.83 -2.07 47.21
C GLY B 4 8.61 -1.22 48.20
N GLU B 5 9.82 -1.67 48.54
CA GLU B 5 10.67 -0.94 49.48
C GLU B 5 11.56 0.16 48.87
N PHE B 6 11.53 0.35 47.55
CA PHE B 6 12.47 1.26 46.86
C PHE B 6 11.81 2.55 46.48
N GLY B 7 12.58 3.62 46.48
CA GLY B 7 12.05 4.96 46.15
C GLY B 7 12.20 5.94 47.30
N GLY B 8 11.11 6.62 47.63
CA GLY B 8 11.09 7.58 48.75
C GLY B 8 11.34 9.00 48.32
N GLN B 9 11.46 9.89 49.29
CA GLN B 9 11.87 11.29 49.09
C GLN B 9 12.96 11.66 50.08
N TYR B 10 14.14 11.12 49.88
CA TYR B 10 15.23 11.32 50.84
C TYR B 10 15.95 12.64 50.64
N VAL B 11 15.28 13.72 51.03
CA VAL B 11 15.73 15.09 50.73
C VAL B 11 15.69 15.99 51.97
N PRO B 12 16.44 17.10 51.94
CA PRO B 12 16.27 18.17 52.93
C PRO B 12 14.86 18.74 52.95
N GLU B 13 14.40 19.21 54.12
CA GLU B 13 13.10 19.88 54.26
C GLU B 13 12.90 21.02 53.24
N THR B 14 13.99 21.68 52.87
CA THR B 14 13.96 22.75 51.87
C THR B 14 13.46 22.29 50.47
N LEU B 15 13.53 21.00 50.17
CA LEU B 15 12.98 20.44 48.92
C LEU B 15 11.53 19.92 48.99
N ILE B 16 10.95 19.84 50.20
CA ILE B 16 9.64 19.19 50.37
C ILE B 16 8.53 20.01 49.72
N GLU B 17 8.61 21.33 49.83
CA GLU B 17 7.63 22.22 49.22
C GLU B 17 7.68 22.16 47.66
N PRO B 18 8.88 22.29 47.05
CA PRO B 18 8.90 22.13 45.58
C PRO B 18 8.38 20.79 45.09
N LEU B 19 8.79 19.72 45.76
CA LEU B 19 8.35 18.37 45.41
C LEU B 19 6.85 18.15 45.59
N LYS B 20 6.28 18.69 46.66
CA LYS B 20 4.83 18.58 46.92
C LYS B 20 4.05 19.37 45.90
N GLU B 21 4.56 20.55 45.56
CA GLU B 21 4.03 21.38 44.47
C GLU B 21 4.09 20.65 43.12
N LEU B 22 5.17 19.92 42.87
CA LEU B 22 5.29 19.15 41.63
C LEU B 22 4.25 18.02 41.58
N GLU B 23 4.10 17.28 42.66
CA GLU B 23 3.15 16.14 42.68
C GLU B 23 1.71 16.61 42.57
N LYS B 24 1.40 17.70 43.27
CA LYS B 24 0.09 18.35 43.17
C LYS B 24 -0.18 18.79 41.71
N ALA B 25 0.79 19.48 41.12
CA ALA B 25 0.67 19.91 39.71
C ALA B 25 0.56 18.71 38.76
N TYR B 26 1.34 17.66 38.99
CA TYR B 26 1.31 16.48 38.13
C TYR B 26 -0.03 15.72 38.24
N LYS B 27 -0.55 15.56 39.46
CA LYS B 27 -1.84 14.90 39.67
C LYS B 27 -2.95 15.61 38.88
N ARG B 28 -2.94 16.94 38.92
CA ARG B 28 -3.93 17.75 38.20
C ARG B 28 -3.79 17.59 36.67
N PHE B 29 -2.58 17.75 36.15
CA PHE B 29 -2.37 17.85 34.72
C PHE B 29 -2.19 16.53 33.97
N LYS B 30 -1.78 15.46 34.65
CA LYS B 30 -1.48 14.18 33.98
C LYS B 30 -2.65 13.67 33.11
N ASP B 31 -3.88 13.86 33.61
CA ASP B 31 -5.09 13.48 32.87
C ASP B 31 -5.91 14.69 32.35
N ASP B 32 -5.33 15.90 32.37
CA ASP B 32 -6.03 17.11 31.90
C ASP B 32 -6.13 17.09 30.38
N GLU B 33 -7.29 17.48 29.86
CA GLU B 33 -7.57 17.38 28.41
C GLU B 33 -6.64 18.22 27.57
N GLU B 34 -6.52 19.50 27.92
CA GLU B 34 -5.65 20.42 27.21
C GLU B 34 -4.17 20.05 27.34
N PHE B 35 -3.76 19.54 28.50
CA PHE B 35 -2.36 19.15 28.68
C PHE B 35 -2.00 17.97 27.77
N ASN B 36 -2.87 16.96 27.71
CA ASN B 36 -2.64 15.80 26.86
C ASN B 36 -2.81 16.09 25.36
N ARG B 37 -3.69 17.02 24.99
CA ARG B 37 -3.81 17.46 23.59
C ARG B 37 -2.51 18.14 23.14
N GLN B 38 -2.01 19.05 23.97
CA GLN B 38 -0.75 19.75 23.69
C GLN B 38 0.47 18.82 23.68
N LEU B 39 0.53 17.90 24.63
CA LEU B 39 1.62 16.92 24.71
C LEU B 39 1.65 16.05 23.45
N ASN B 40 0.48 15.55 23.04
CA ASN B 40 0.39 14.66 21.90
C ASN B 40 0.73 15.37 20.60
N TYR B 41 0.31 16.64 20.53
CA TYR B 41 0.60 17.51 19.42
C TYR B 41 2.11 17.73 19.18
N TYR B 42 2.84 18.01 20.26
CA TYR B 42 4.30 18.15 20.18
C TYR B 42 4.99 16.81 19.93
N LEU B 43 4.54 15.75 20.60
CA LEU B 43 5.11 14.42 20.35
C LEU B 43 4.98 14.03 18.85
N LYS B 44 3.78 14.25 18.28
CA LYS B 44 3.53 13.97 16.88
C LYS B 44 4.29 14.94 15.92
N THR B 45 4.02 16.24 16.01
CA THR B 45 4.46 17.16 14.96
C THR B 45 5.93 17.60 15.14
N TRP B 46 6.43 17.62 16.36
CA TRP B 46 7.80 18.09 16.62
C TRP B 46 8.78 16.94 16.81
N ALA B 47 8.37 15.93 17.57
CA ALA B 47 9.25 14.79 17.89
C ALA B 47 9.21 13.65 16.88
N GLY B 48 8.08 13.53 16.17
CA GLY B 48 7.91 12.53 15.12
C GLY B 48 7.32 11.21 15.57
N ARG B 49 6.58 11.20 16.68
CA ARG B 49 5.94 9.98 17.15
C ARG B 49 4.69 9.79 16.29
N PRO B 50 4.26 8.54 16.02
CA PRO B 50 4.87 7.32 16.57
C PRO B 50 6.14 6.92 15.85
N THR B 51 7.08 6.30 16.55
CA THR B 51 8.23 5.73 15.89
C THR B 51 7.84 4.34 15.43
N PRO B 52 8.43 3.87 14.33
CA PRO B 52 8.12 2.55 13.84
C PRO B 52 8.65 1.38 14.67
N LEU B 53 8.03 0.23 14.47
CA LEU B 53 8.56 -1.05 14.94
C LEU B 53 9.06 -1.82 13.73
N TYR B 54 10.36 -2.09 13.69
CA TYR B 54 11.04 -2.58 12.52
C TYR B 54 11.46 -4.06 12.71
N TYR B 55 11.11 -4.92 11.77
CA TYR B 55 11.58 -6.31 11.77
C TYR B 55 12.98 -6.40 11.13
N ALA B 56 13.99 -6.63 11.98
CA ALA B 56 15.38 -6.83 11.51
C ALA B 56 15.52 -8.20 10.87
N LYS B 57 15.03 -8.31 9.63
CA LYS B 57 14.95 -9.60 8.93
C LYS B 57 16.33 -10.22 8.71
N ARG B 58 17.26 -9.41 8.20
CA ARG B 58 18.62 -9.90 7.91
C ARG B 58 19.38 -10.31 9.17
N LEU B 59 19.28 -9.51 10.23
CA LEU B 59 19.90 -9.87 11.52
C LEU B 59 19.28 -11.17 12.08
N THR B 60 17.97 -11.30 11.93
CA THR B 60 17.23 -12.46 12.45
C THR B 60 17.66 -13.74 11.71
N GLU B 61 17.70 -13.66 10.40
CA GLU B 61 18.04 -14.82 9.57
C GLU B 61 19.51 -15.19 9.68
N LYS B 62 20.37 -14.21 9.96
CA LYS B 62 21.79 -14.48 10.20
C LYS B 62 21.99 -15.35 11.46
N ILE B 63 21.37 -14.94 12.56
CA ILE B 63 21.47 -15.66 13.82
C ILE B 63 20.63 -16.96 13.83
N GLY B 64 19.50 -16.94 13.11
CA GLY B 64 18.73 -18.16 12.85
C GLY B 64 17.82 -18.61 13.98
N GLY B 65 17.40 -17.68 14.83
CA GLY B 65 16.56 -18.00 15.99
C GLY B 65 15.29 -17.18 16.00
N ALA B 66 14.97 -16.59 17.16
CA ALA B 66 13.77 -15.76 17.30
C ALA B 66 13.80 -14.56 16.37
N LYS B 67 12.62 -14.05 16.06
CA LYS B 67 12.47 -12.83 15.26
C LYS B 67 12.80 -11.59 16.08
N ILE B 68 13.79 -10.82 15.61
CA ILE B 68 14.24 -9.62 16.28
C ILE B 68 13.57 -8.40 15.69
N TYR B 69 12.72 -7.76 16.51
CA TYR B 69 12.11 -6.48 16.17
C TYR B 69 12.82 -5.38 16.92
N LEU B 70 12.88 -4.19 16.29
CA LEU B 70 13.49 -3.03 16.92
C LEU B 70 12.47 -1.90 17.03
N LYS B 71 12.22 -1.44 18.28
CA LYS B 71 11.44 -0.24 18.50
C LYS B 71 12.37 0.94 18.26
N ARG B 72 12.03 1.75 17.25
CA ARG B 72 12.96 2.70 16.64
C ARG B 72 12.94 4.07 17.31
N GLU B 73 13.32 4.12 18.59
CA GLU B 73 13.42 5.40 19.28
C GLU B 73 14.61 6.22 18.78
N ASP B 74 15.50 5.56 18.06
CA ASP B 74 16.55 6.25 17.30
C ASP B 74 16.01 7.24 16.27
N LEU B 75 14.74 7.12 15.84
CA LEU B 75 14.16 8.10 14.91
C LEU B 75 13.47 9.29 15.56
N VAL B 76 13.29 9.31 16.87
CA VAL B 76 12.71 10.49 17.52
C VAL B 76 13.61 11.70 17.34
N HIS B 77 13.01 12.88 17.26
CA HIS B 77 13.78 14.12 17.13
C HIS B 77 14.84 14.21 18.25
N GLY B 78 16.08 14.47 17.88
CA GLY B 78 17.16 14.48 18.81
C GLY B 78 17.95 13.20 18.81
N GLY B 79 17.35 12.09 18.35
CA GLY B 79 18.08 10.84 18.22
C GLY B 79 18.00 9.86 19.40
N ALA B 80 17.22 10.19 20.42
CA ALA B 80 17.09 9.32 21.61
C ALA B 80 15.74 9.47 22.25
N HIS B 81 15.30 8.42 22.92
CA HIS B 81 14.05 8.41 23.69
C HIS B 81 13.90 9.55 24.70
N1 LLP B 82 20.06 4.99 25.42
C2 LLP B 82 20.26 6.22 24.90
C2' LLP B 82 20.32 6.44 23.44
C3 LLP B 82 20.39 7.37 25.79
O3 LLP B 82 20.54 8.63 25.28
C4 LLP B 82 20.26 7.16 27.24
C4' LLP B 82 20.36 8.32 28.15
C5 LLP B 82 20.13 5.76 27.72
C6 LLP B 82 20.01 4.75 26.76
C5' LLP B 82 20.08 5.37 29.18
OP4 LLP B 82 19.21 6.10 30.00
P LLP B 82 17.96 5.34 30.59
OP1 LLP B 82 17.34 6.33 31.56
OP2 LLP B 82 17.10 5.04 29.41
OP3 LLP B 82 18.55 4.12 31.20
N LLP B 82 15.02 10.14 25.15
CA LLP B 82 14.98 11.21 26.14
CB LLP B 82 16.39 11.75 26.27
CG LLP B 82 17.28 10.75 27.00
CD LLP B 82 18.44 11.51 27.53
CE LLP B 82 19.37 10.61 28.33
NZ LLP B 82 19.83 9.51 27.54
C LLP B 82 14.05 12.34 25.81
O LLP B 82 13.52 12.97 26.68
N THR B 83 13.84 12.61 24.52
CA THR B 83 12.98 13.68 24.07
C THR B 83 11.54 13.51 24.59
N ASN B 84 11.06 12.28 24.73
CA ASN B 84 9.68 12.03 25.22
C ASN B 84 9.49 12.63 26.64
N ASN B 85 10.51 12.44 27.48
CA ASN B 85 10.53 12.92 28.86
C ASN B 85 10.79 14.41 28.91
N ALA B 86 11.73 14.89 28.09
CA ALA B 86 11.99 16.34 27.97
C ALA B 86 10.74 17.16 27.62
N ILE B 87 9.99 16.75 26.60
CA ILE B 87 8.78 17.49 26.19
C ILE B 87 7.74 17.44 27.32
N GLY B 88 7.47 16.24 27.82
CA GLY B 88 6.49 16.03 28.90
C GLY B 88 6.72 16.94 30.08
N GLN B 89 7.94 16.92 30.62
CA GLN B 89 8.25 17.70 31.81
C GLN B 89 8.36 19.19 31.51
N ALA B 90 8.88 19.54 30.33
CA ALA B 90 9.01 20.96 29.95
C ALA B 90 7.63 21.59 29.80
N LEU B 91 6.69 20.85 29.21
CA LEU B 91 5.30 21.31 29.08
C LEU B 91 4.57 21.36 30.42
N LEU B 92 4.80 20.35 31.28
CA LEU B 92 4.30 20.37 32.65
C LEU B 92 4.80 21.65 33.37
N ALA B 93 6.09 21.92 33.25
CA ALA B 93 6.71 23.14 33.77
C ALA B 93 6.01 24.41 33.27
N LYS B 94 5.78 24.46 31.96
CA LYS B 94 5.09 25.59 31.35
C LYS B 94 3.68 25.74 31.90
N PHE B 95 2.95 24.63 32.01
CA PHE B 95 1.59 24.65 32.61
C PHE B 95 1.60 25.11 34.08
N MET B 96 2.67 24.82 34.80
CA MET B 96 2.83 25.30 36.18
C MET B 96 3.23 26.79 36.24
N GLY B 97 3.38 27.44 35.09
CA GLY B 97 3.82 28.83 35.03
C GLY B 97 5.33 29.03 35.25
N LYS B 98 6.12 27.98 35.12
CA LYS B 98 7.57 28.11 35.25
C LYS B 98 8.12 28.68 33.95
N THR B 99 9.20 29.46 34.04
CA THR B 99 9.83 30.09 32.88
C THR B 99 11.29 29.66 32.68
N ARG B 100 11.77 28.73 33.52
CA ARG B 100 13.15 28.26 33.44
C ARG B 100 13.22 26.76 33.71
N LEU B 101 14.08 26.06 32.96
CA LEU B 101 14.38 24.63 33.18
C LEU B 101 15.82 24.49 33.58
N ILE B 102 16.06 23.65 34.58
CA ILE B 102 17.41 23.19 34.89
C ILE B 102 17.46 21.68 34.71
N ALA B 103 18.65 21.15 34.42
CA ALA B 103 18.83 19.70 34.30
C ALA B 103 20.27 19.29 34.51
N GLU B 104 20.42 18.06 34.98
CA GLU B 104 21.70 17.39 35.01
C GLU B 104 21.96 16.74 33.67
N THR B 105 23.23 16.55 33.37
CA THR B 105 23.59 15.71 32.26
C THR B 105 25.00 15.19 32.50
N GLY B 106 25.26 13.99 32.01
CA GLY B 106 26.57 13.34 32.08
C GLY B 106 27.07 13.02 30.68
N ALA B 107 26.37 12.13 29.99
CA ALA B 107 26.66 11.85 28.57
C ALA B 107 26.37 13.07 27.66
N GLY B 108 25.50 13.98 28.12
CA GLY B 108 25.17 15.18 27.37
C GLY B 108 23.87 15.07 26.58
N GLN B 109 23.31 13.87 26.49
CA GLN B 109 22.13 13.66 25.66
C GLN B 109 20.86 14.19 26.34
N HIS B 110 20.79 14.05 27.66
CA HIS B 110 19.68 14.64 28.38
C HIS B 110 19.74 16.14 28.37
N GLY B 111 20.95 16.69 28.42
CA GLY B 111 21.11 18.12 28.37
C GLY B 111 20.62 18.69 27.05
N VAL B 112 20.94 17.99 25.97
CA VAL B 112 20.56 18.41 24.62
C VAL B 112 19.03 18.32 24.48
N ALA B 113 18.46 17.20 24.92
CA ALA B 113 17.00 17.01 24.88
C ALA B 113 16.25 18.06 25.68
N THR B 114 16.76 18.39 26.86
CA THR B 114 16.22 19.48 27.67
C THR B 114 16.35 20.82 26.96
N ALA B 115 17.54 21.10 26.41
CA ALA B 115 17.77 22.32 25.66
C ALA B 115 16.78 22.46 24.49
N MET B 116 16.53 21.35 23.79
CA MET B 116 15.63 21.35 22.65
C MET B 116 14.21 21.71 23.06
N ALA B 117 13.73 21.05 24.10
CA ALA B 117 12.38 21.26 24.61
C ALA B 117 12.18 22.67 25.19
N GLY B 118 13.20 23.19 25.87
CA GLY B 118 13.18 24.57 26.36
C GLY B 118 13.14 25.61 25.25
N ALA B 119 13.95 25.40 24.20
CA ALA B 119 13.87 26.20 22.99
C ALA B 119 12.46 26.15 22.36
N LEU B 120 11.94 24.95 22.18
CA LEU B 120 10.58 24.76 21.66
C LEU B 120 9.55 25.62 22.42
N LEU B 121 9.66 25.62 23.75
CA LEU B 121 8.66 26.25 24.62
C LEU B 121 9.03 27.67 25.06
N GLY B 122 10.16 28.19 24.60
CA GLY B 122 10.59 29.56 24.95
C GLY B 122 10.97 29.72 26.41
N MET B 123 11.61 28.71 26.98
CA MET B 123 12.05 28.74 28.37
C MET B 123 13.56 28.92 28.42
N LYS B 124 14.06 29.60 29.45
CA LYS B 124 15.49 29.63 29.75
C LYS B 124 15.90 28.22 30.19
N VAL B 125 17.09 27.78 29.77
CA VAL B 125 17.61 26.45 30.10
C VAL B 125 19.05 26.55 30.60
N ASP B 126 19.28 26.04 31.82
CA ASP B 126 20.62 25.98 32.44
C ASP B 126 20.92 24.51 32.70
N ILE B 127 22.03 24.03 32.19
CA ILE B 127 22.37 22.60 32.28
C ILE B 127 23.57 22.44 33.20
N TYR B 128 23.40 21.64 34.26
CA TYR B 128 24.48 21.32 35.19
C TYR B 128 25.21 20.06 34.70
N MET B 129 26.53 20.15 34.59
CA MET B 129 27.34 19.10 33.98
C MET B 129 28.73 19.07 34.62
N GLY B 130 29.12 17.92 35.15
CA GLY B 130 30.39 17.78 35.82
C GLY B 130 31.52 18.07 34.86
N ALA B 131 32.52 18.81 35.32
CA ALA B 131 33.62 19.24 34.44
C ALA B 131 34.30 18.09 33.67
N GLU B 132 34.42 16.92 34.28
CA GLU B 132 34.94 15.73 33.58
C GLU B 132 34.09 15.38 32.38
N ASP B 133 32.77 15.51 32.54
CA ASP B 133 31.84 15.26 31.44
C ASP B 133 31.83 16.37 30.38
N VAL B 134 31.92 17.63 30.81
CA VAL B 134 32.04 18.76 29.87
C VAL B 134 33.24 18.53 28.94
N GLU B 135 34.36 18.10 29.52
CA GLU B 135 35.58 17.75 28.78
C GLU B 135 35.37 16.60 27.77
N ARG B 136 34.72 15.53 28.22
CA ARG B 136 34.49 14.32 27.39
C ARG B 136 33.41 14.47 26.27
N GLN B 137 32.55 15.48 26.38
CA GLN B 137 31.36 15.57 25.52
C GLN B 137 31.27 16.96 24.85
N LYS B 138 32.37 17.41 24.25
CA LYS B 138 32.44 18.73 23.62
C LYS B 138 31.29 18.96 22.63
N MET B 139 31.03 17.96 21.80
CA MET B 139 30.00 18.02 20.75
C MET B 139 28.57 18.19 21.28
N ASN B 140 28.23 17.46 22.34
CA ASN B 140 26.94 17.62 22.98
C ASN B 140 26.81 18.97 23.70
N VAL B 141 27.89 19.43 24.33
CA VAL B 141 27.92 20.77 24.93
C VAL B 141 27.65 21.85 23.85
N PHE B 142 28.29 21.67 22.69
CA PHE B 142 28.12 22.57 21.57
C PHE B 142 26.66 22.55 21.04
N ARG B 143 26.07 21.37 20.88
CA ARG B 143 24.62 21.26 20.60
C ARG B 143 23.79 22.09 21.58
N MET B 144 24.07 21.92 22.88
CA MET B 144 23.34 22.64 23.93
C MET B 144 23.44 24.15 23.80
N LYS B 145 24.65 24.63 23.51
CA LYS B 145 24.88 26.06 23.27
C LYS B 145 24.18 26.54 22.02
N LEU B 146 24.25 25.76 20.94
CA LEU B 146 23.50 26.05 19.67
C LEU B 146 22.00 26.22 19.90
N LEU B 147 21.47 25.39 20.80
CA LEU B 147 20.06 25.39 21.13
C LEU B 147 19.69 26.49 22.15
N GLY B 148 20.68 27.26 22.61
CA GLY B 148 20.43 28.44 23.44
C GLY B 148 20.59 28.24 24.94
N ALA B 149 21.00 27.05 25.36
CA ALA B 149 21.09 26.71 26.77
C ALA B 149 22.45 27.17 27.31
N ASN B 150 22.51 27.41 28.61
CA ASN B 150 23.78 27.65 29.29
C ASN B 150 24.19 26.36 29.93
N VAL B 151 25.46 26.03 29.77
CA VAL B 151 26.04 24.86 30.38
C VAL B 151 26.88 25.35 31.55
N ILE B 152 26.58 24.85 32.75
CA ILE B 152 27.27 25.26 33.96
C ILE B 152 28.17 24.11 34.41
N PRO B 153 29.51 24.26 34.23
CA PRO B 153 30.41 23.22 34.72
C PRO B 153 30.36 23.08 36.25
N VAL B 154 30.42 21.83 36.70
CA VAL B 154 30.30 21.52 38.13
C VAL B 154 31.66 21.01 38.58
N ASN B 155 32.30 21.79 39.46
CA ASN B 155 33.70 21.54 39.87
C ASN B 155 33.83 20.93 41.29
N SER B 156 32.70 20.59 41.91
CA SER B 156 32.70 19.97 43.24
C SER B 156 32.79 18.45 43.11
N GLY B 157 33.09 17.80 44.23
CA GLY B 157 33.06 16.35 44.31
C GLY B 157 33.90 15.69 43.26
N SER B 158 33.36 14.65 42.63
CA SER B 158 34.05 13.92 41.57
C SER B 158 33.89 14.53 40.14
N ARG B 159 33.29 15.72 40.03
CA ARG B 159 33.20 16.46 38.76
C ARG B 159 32.49 15.65 37.67
N THR B 160 31.43 14.96 38.07
CA THR B 160 30.74 14.04 37.18
C THR B 160 29.24 14.05 37.48
N LEU B 161 28.51 13.08 36.92
CA LEU B 161 27.05 13.07 36.92
C LEU B 161 26.43 13.17 38.32
N LYS B 162 26.93 12.36 39.26
CA LYS B 162 26.44 12.41 40.65
C LYS B 162 26.54 13.81 41.25
N ASP B 163 27.60 14.53 40.90
CA ASP B 163 27.84 15.87 41.44
C ASP B 163 26.96 16.90 40.74
N ALA B 164 26.70 16.69 39.45
CA ALA B 164 25.79 17.56 38.69
C ALA B 164 24.38 17.52 39.26
N ILE B 165 23.91 16.32 39.59
CA ILE B 165 22.60 16.13 40.21
C ILE B 165 22.51 16.91 41.54
N ASN B 166 23.56 16.83 42.36
CA ASN B 166 23.53 17.51 43.66
C ASN B 166 23.52 19.01 43.52
N GLU B 167 24.27 19.54 42.56
CA GLU B 167 24.30 20.99 42.32
C GLU B 167 22.96 21.48 41.75
N ALA B 168 22.35 20.70 40.87
CA ALA B 168 21.02 21.03 40.34
C ALA B 168 19.99 21.11 41.45
N LEU B 169 20.02 20.12 42.36
CA LEU B 169 19.12 20.12 43.52
C LEU B 169 19.27 21.37 44.40
N ARG B 170 20.50 21.85 44.56
CA ARG B 170 20.77 23.06 45.32
C ARG B 170 20.21 24.30 44.59
N ASP B 171 20.40 24.37 43.28
CA ASP B 171 19.79 25.42 42.47
C ASP B 171 18.28 25.41 42.69
N TRP B 172 17.69 24.21 42.63
CA TRP B 172 16.24 24.11 42.65
C TRP B 172 15.63 24.61 43.98
N VAL B 173 16.34 24.41 45.08
CA VAL B 173 15.94 24.93 46.40
C VAL B 173 15.74 26.45 46.36
N ALA B 174 16.65 27.15 45.68
CA ALA B 174 16.63 28.60 45.58
C ALA B 174 15.63 29.16 44.55
N THR B 175 15.26 28.35 43.55
CA THR B 175 14.67 28.87 42.31
C THR B 175 13.34 28.25 41.86
N PHE B 176 12.79 27.34 42.65
CA PHE B 176 11.62 26.54 42.26
C PHE B 176 10.34 27.33 42.00
N GLU B 177 10.23 28.57 42.51
CA GLU B 177 9.07 29.44 42.19
C GLU B 177 8.93 29.68 40.66
N TYR B 178 10.07 29.81 39.97
CA TYR B 178 10.10 30.03 38.51
C TYR B 178 10.87 28.94 37.72
N THR B 179 11.49 28.00 38.42
CA THR B 179 12.32 26.96 37.78
C THR B 179 11.70 25.59 37.99
N HIS B 180 11.69 24.78 36.95
CA HIS B 180 11.45 23.35 37.08
C HIS B 180 12.76 22.57 36.90
N TYR B 181 12.97 21.60 37.75
CA TYR B 181 14.14 20.74 37.65
C TYR B 181 13.77 19.52 36.81
N LEU B 182 14.26 19.47 35.58
CA LEU B 182 13.92 18.39 34.63
C LEU B 182 14.90 17.22 34.75
N ILE B 183 14.58 16.25 35.60
CA ILE B 183 15.38 15.05 35.78
C ILE B 183 15.28 14.13 34.55
N GLY B 184 16.40 13.52 34.17
CA GLY B 184 16.55 12.84 32.88
C GLY B 184 16.39 11.34 32.88
N SER B 185 16.22 10.73 34.04
CA SER B 185 15.89 9.32 34.09
C SER B 185 14.92 9.06 35.21
N VAL B 186 14.56 7.79 35.37
CA VAL B 186 13.58 7.33 36.38
C VAL B 186 14.23 7.23 37.79
N VAL B 187 14.75 8.34 38.24
CA VAL B 187 15.59 8.42 39.43
C VAL B 187 15.20 9.69 40.16
N GLY B 188 15.83 9.91 41.31
CA GLY B 188 15.55 11.10 42.11
C GLY B 188 14.46 10.81 43.13
N PRO B 189 14.05 11.83 43.89
CA PRO B 189 12.96 11.67 44.83
C PRO B 189 11.62 11.66 44.13
N HIS B 190 10.62 10.99 44.71
CA HIS B 190 9.23 11.10 44.26
C HIS B 190 8.89 12.59 44.13
N PRO B 191 8.22 13.01 43.05
CA PRO B 191 7.49 12.13 42.10
C PRO B 191 8.20 11.80 40.78
N TYR B 192 9.52 12.00 40.72
CA TYR B 192 10.20 11.93 39.44
C TYR B 192 10.22 10.53 38.82
N PRO B 193 10.56 9.47 39.60
CA PRO B 193 10.63 8.17 38.97
C PRO B 193 9.32 7.77 38.30
N THR B 194 8.20 8.11 38.94
CA THR B 194 6.87 7.86 38.37
C THR B 194 6.62 8.74 37.12
N ILE B 195 6.91 10.03 37.21
CA ILE B 195 6.65 10.98 36.12
C ILE B 195 7.42 10.65 34.85
N VAL B 196 8.73 10.43 35.00
CA VAL B 196 9.56 10.07 33.89
C VAL B 196 9.11 8.75 33.26
N ARG B 197 8.75 7.77 34.10
CA ARG B 197 8.25 6.50 33.57
C ARG B 197 6.93 6.72 32.80
N ASP B 198 6.04 7.54 33.35
CA ASP B 198 4.76 7.85 32.69
C ASP B 198 4.99 8.52 31.34
N PHE B 199 5.99 9.41 31.24
CA PHE B 199 6.24 10.11 29.98
C PHE B 199 6.92 9.23 28.94
N GLN B 200 7.57 8.17 29.39
CA GLN B 200 8.22 7.21 28.52
C GLN B 200 7.34 6.03 28.13
N SER B 201 6.22 5.86 28.83
CA SER B 201 5.30 4.73 28.60
C SER B 201 4.73 4.69 27.18
N VAL B 202 4.64 5.86 26.55
CA VAL B 202 4.29 5.95 25.14
C VAL B 202 5.05 4.94 24.28
N ILE B 203 6.34 4.71 24.58
CA ILE B 203 7.11 3.72 23.84
C ILE B 203 6.48 2.33 23.87
N GLY B 204 6.20 1.83 25.07
CA GLY B 204 5.61 0.51 25.23
C GLY B 204 4.17 0.40 24.72
N ARG B 205 3.42 1.49 24.81
CA ARG B 205 2.01 1.48 24.34
C ARG B 205 1.98 1.41 22.82
N GLU B 206 2.85 2.18 22.16
CA GLU B 206 3.00 2.07 20.71
C GLU B 206 3.50 0.67 20.31
N ALA B 207 4.57 0.19 20.97
CA ALA B 207 5.17 -1.11 20.68
C ALA B 207 4.17 -2.26 20.81
N LYS B 208 3.29 -2.19 21.82
CA LYS B 208 2.25 -3.19 22.05
C LYS B 208 1.24 -3.22 20.89
N ALA B 209 0.75 -2.04 20.49
CA ALA B 209 -0.20 -1.96 19.37
C ALA B 209 0.47 -2.41 18.07
N GLN B 210 1.76 -2.13 17.93
CA GLN B 210 2.47 -2.45 16.69
C GLN B 210 2.82 -3.94 16.56
N ILE B 211 3.22 -4.59 17.63
CA ILE B 211 3.51 -6.02 17.57
C ILE B 211 2.23 -6.85 17.41
N LEU B 212 1.14 -6.45 18.07
CA LEU B 212 -0.16 -7.09 17.87
C LEU B 212 -0.61 -6.97 16.42
N GLU B 213 -0.35 -5.82 15.79
CA GLU B 213 -0.63 -5.62 14.37
C GLU B 213 0.26 -6.46 13.44
N ALA B 214 1.57 -6.41 13.63
CA ALA B 214 2.50 -7.12 12.74
C ALA B 214 2.47 -8.65 12.92
N GLU B 215 2.34 -9.12 14.17
CA GLU B 215 2.47 -10.55 14.46
C GLU B 215 1.21 -11.24 15.00
N GLY B 216 0.21 -10.46 15.41
CA GLY B 216 -1.03 -11.02 15.98
C GLY B 216 -0.94 -11.53 17.41
N GLN B 217 0.16 -11.20 18.10
CA GLN B 217 0.40 -11.67 19.47
C GLN B 217 1.42 -10.79 20.18
N LEU B 218 1.50 -10.92 21.50
CA LEU B 218 2.49 -10.21 22.30
C LEU B 218 3.88 -10.84 22.11
N PRO B 219 4.96 -10.09 22.41
CA PRO B 219 6.29 -10.66 22.28
C PRO B 219 6.61 -11.61 23.40
N ASP B 220 7.56 -12.51 23.16
CA ASP B 220 8.05 -13.41 24.18
C ASP B 220 9.02 -12.71 25.13
N VAL B 221 9.85 -11.84 24.59
CA VAL B 221 10.84 -11.08 25.36
C VAL B 221 10.90 -9.62 24.89
N ILE B 222 10.96 -8.69 25.84
CA ILE B 222 11.34 -7.31 25.55
C ILE B 222 12.71 -7.04 26.20
N VAL B 223 13.67 -6.58 25.39
CA VAL B 223 15.04 -6.33 25.85
C VAL B 223 15.34 -4.81 25.72
N ALA B 224 15.82 -4.21 26.82
CA ALA B 224 16.20 -2.80 26.83
C ALA B 224 17.43 -2.61 27.71
N CYS B 225 18.32 -1.68 27.29
CA CYS B 225 19.47 -1.33 28.11
C CYS B 225 18.99 -0.52 29.32
N VAL B 226 19.77 -0.53 30.41
CA VAL B 226 19.40 0.15 31.66
C VAL B 226 20.58 0.98 32.12
N GLY B 227 20.44 2.30 31.98
CA GLY B 227 21.33 3.28 32.57
C GLY B 227 20.75 3.64 33.91
N GLY B 228 20.00 4.73 33.94
CA GLY B 228 19.11 5.01 35.06
C GLY B 228 17.79 4.22 34.97
N GLY B 229 17.39 3.86 33.75
CA GLY B 229 16.27 2.94 33.54
C GLY B 229 15.01 3.47 32.85
N SER B 230 15.06 4.68 32.27
CA SER B 230 13.87 5.30 31.68
C SER B 230 13.43 4.63 30.38
N ASN B 231 14.34 4.37 29.45
CA ASN B 231 13.93 3.72 28.18
C ASN B 231 13.34 2.33 28.44
N ALA B 232 13.94 1.60 29.38
CA ALA B 232 13.51 0.27 29.75
C ALA B 232 12.15 0.31 30.42
N MET B 233 11.96 1.22 31.38
CA MET B 233 10.64 1.39 32.00
C MET B 233 9.57 1.79 31.00
N GLY B 234 9.91 2.66 30.07
CA GLY B 234 8.96 3.15 29.08
C GLY B 234 8.42 2.02 28.22
N ILE B 235 9.30 1.11 27.82
CA ILE B 235 8.88 -0.04 27.04
C ILE B 235 8.36 -1.21 27.89
N PHE B 236 8.85 -1.38 29.13
CA PHE B 236 8.38 -2.48 29.98
C PHE B 236 6.96 -2.25 30.49
N TYR B 237 6.65 -1.00 30.86
CA TYR B 237 5.55 -0.73 31.77
C TYR B 237 4.18 -1.17 31.22
N PRO B 238 3.90 -0.91 29.93
CA PRO B 238 2.57 -1.33 29.41
C PRO B 238 2.42 -2.84 29.23
N PHE B 239 3.52 -3.60 29.38
CA PHE B 239 3.48 -5.07 29.39
C PHE B 239 3.65 -5.71 30.79
N VAL B 240 3.66 -4.91 31.87
CA VAL B 240 3.97 -5.47 33.20
C VAL B 240 2.92 -6.52 33.63
N ASN B 241 1.64 -6.26 33.29
CA ASN B 241 0.54 -7.19 33.62
C ASN B 241 0.38 -8.35 32.63
N ASP B 242 1.17 -8.38 31.56
CA ASP B 242 1.10 -9.47 30.59
C ASP B 242 2.13 -10.53 30.99
N LYS B 243 1.67 -11.48 31.80
CA LYS B 243 2.52 -12.48 32.45
C LYS B 243 3.35 -13.33 31.48
N LYS B 244 2.88 -13.48 30.24
CA LYS B 244 3.63 -14.19 29.21
C LYS B 244 4.91 -13.44 28.78
N VAL B 245 4.89 -12.11 28.86
CA VAL B 245 5.97 -11.29 28.32
C VAL B 245 7.14 -11.21 29.29
N LYS B 246 8.24 -11.82 28.90
CA LYS B 246 9.50 -11.74 29.62
C LYS B 246 10.15 -10.36 29.43
N LEU B 247 10.63 -9.75 30.52
CA LEU B 247 11.29 -8.45 30.46
C LEU B 247 12.74 -8.59 30.88
N VAL B 248 13.66 -8.08 30.06
CA VAL B 248 15.09 -8.18 30.34
C VAL B 248 15.77 -6.81 30.21
N GLY B 249 16.34 -6.34 31.31
CA GLY B 249 17.14 -5.13 31.31
C GLY B 249 18.60 -5.50 31.19
N VAL B 250 19.34 -4.71 30.43
CA VAL B 250 20.75 -4.99 30.16
C VAL B 250 21.61 -3.84 30.68
N GLU B 251 22.48 -4.16 31.61
CA GLU B 251 23.38 -3.18 32.21
C GLU B 251 24.76 -3.28 31.59
N ALA B 252 25.52 -2.20 31.73
CA ALA B 252 26.90 -2.13 31.24
C ALA B 252 27.83 -3.05 32.05
N GLY B 253 28.32 -4.10 31.40
CA GLY B 253 29.35 -4.99 31.98
C GLY B 253 30.79 -4.50 31.81
N GLY B 254 30.98 -3.45 31.00
CA GLY B 254 32.27 -2.76 30.92
C GLY B 254 33.39 -3.67 30.46
N LYS B 255 34.49 -3.70 31.21
CA LYS B 255 35.59 -4.62 30.92
C LYS B 255 35.34 -6.02 31.48
N GLY B 256 34.17 -6.23 32.11
CA GLY B 256 33.82 -7.49 32.77
C GLY B 256 33.56 -7.22 34.24
N LEU B 257 32.60 -7.93 34.80
CA LEU B 257 32.20 -7.72 36.19
C LEU B 257 33.36 -7.99 37.20
N GLU B 258 34.20 -8.97 36.89
CA GLU B 258 35.41 -9.26 37.67
C GLU B 258 36.52 -8.21 37.53
N SER B 259 36.49 -7.43 36.45
CA SER B 259 37.46 -6.33 36.26
C SER B 259 37.27 -5.16 37.24
N GLY B 260 36.05 -4.98 37.74
CA GLY B 260 35.69 -3.79 38.51
C GLY B 260 35.36 -2.53 37.69
N LYS B 261 35.58 -2.56 36.37
CA LYS B 261 35.24 -1.44 35.50
C LYS B 261 33.94 -1.74 34.72
N HIS B 262 32.83 -1.29 35.28
CA HIS B 262 31.49 -1.57 34.74
C HIS B 262 30.51 -0.62 35.43
N SER B 263 29.22 -0.75 35.13
CA SER B 263 28.22 0.10 35.75
C SER B 263 26.92 -0.66 36.01
N ALA B 264 27.06 -1.94 36.35
CA ALA B 264 25.97 -2.83 36.62
C ALA B 264 25.51 -2.75 38.09
N SER B 265 24.68 -1.74 38.38
CA SER B 265 24.14 -1.48 39.72
C SER B 265 23.27 -2.62 40.29
N LEU B 266 22.41 -3.17 39.44
CA LEU B 266 21.52 -4.25 39.84
C LEU B 266 22.22 -5.60 40.03
N ASN B 267 23.09 -5.96 39.09
CA ASN B 267 23.81 -7.23 39.17
C ASN B 267 24.89 -7.26 40.28
N ALA B 268 25.53 -6.12 40.53
CA ALA B 268 26.73 -6.06 41.41
C ALA B 268 26.73 -4.97 42.49
N GLY B 269 25.68 -4.16 42.56
CA GLY B 269 25.64 -3.06 43.51
C GLY B 269 24.96 -3.50 44.81
N GLN B 270 24.65 -2.54 45.66
CA GLN B 270 23.95 -2.82 46.90
C GLN B 270 22.99 -1.71 47.19
N VAL B 271 22.06 -1.96 48.11
CA VAL B 271 21.04 -1.00 48.42
C VAL B 271 21.71 0.21 49.07
N GLY B 272 21.17 1.39 48.80
CA GLY B 272 21.78 2.64 49.26
C GLY B 272 20.82 3.79 49.09
N VAL B 273 21.21 4.98 49.56
CA VAL B 273 20.39 6.18 49.41
C VAL B 273 21.25 7.33 48.87
N PHE B 274 20.97 7.72 47.61
CA PHE B 274 21.55 8.90 46.99
C PHE B 274 20.51 9.58 46.11
N HIS B 275 20.68 10.89 45.92
CA HIS B 275 19.85 11.69 45.03
C HIS B 275 18.36 11.55 45.34
N GLY B 276 18.03 11.37 46.62
CA GLY B 276 16.64 11.34 47.08
C GLY B 276 15.92 10.02 46.99
N MET B 277 16.64 8.95 46.64
CA MET B 277 16.01 7.66 46.42
C MET B 277 16.76 6.52 47.10
N LEU B 278 15.98 5.57 47.61
CA LEU B 278 16.48 4.28 48.05
C LEU B 278 16.41 3.31 46.87
N SER B 279 17.57 2.84 46.44
CA SER B 279 17.69 1.96 45.29
C SER B 279 19.04 1.28 45.33
N TYR B 280 19.44 0.64 44.22
CA TYR B 280 20.74 -0.04 44.12
C TYR B 280 21.77 0.90 43.56
N PHE B 281 22.94 0.90 44.19
CA PHE B 281 24.03 1.78 43.81
C PHE B 281 25.32 1.03 43.91
N LEU B 282 26.30 1.41 43.11
CA LEU B 282 27.66 0.87 43.23
C LEU B 282 28.46 1.74 44.21
N GLN B 283 28.87 1.13 45.32
CA GLN B 283 29.44 1.87 46.46
C GLN B 283 30.75 1.27 46.92
N ASP B 284 31.69 2.12 47.33
CA ASP B 284 32.89 1.66 48.07
C ASP B 284 32.51 1.18 49.50
N GLU B 285 33.48 0.60 50.21
CA GLU B 285 33.25 0.04 51.56
C GLU B 285 32.89 1.09 52.62
N GLU B 286 33.22 2.36 52.35
CA GLU B 286 32.79 3.49 53.18
C GLU B 286 31.39 4.05 52.83
N GLY B 287 30.67 3.38 51.91
CA GLY B 287 29.32 3.84 51.52
C GLY B 287 29.29 5.10 50.68
N GLN B 288 30.37 5.38 49.96
CA GLN B 288 30.40 6.45 48.97
C GLN B 288 30.29 5.84 47.58
N ILE B 289 29.75 6.61 46.65
CA ILE B 289 29.65 6.19 45.25
C ILE B 289 31.02 5.86 44.68
N LYS B 290 31.14 4.69 44.05
CA LYS B 290 32.41 4.29 43.44
C LYS B 290 32.49 4.67 41.94
N PRO B 291 33.73 4.81 41.39
CA PRO B 291 33.89 5.03 39.94
C PRO B 291 33.21 3.93 39.12
N THR B 292 32.53 4.34 38.05
CA THR B 292 31.93 3.42 37.08
C THR B 292 32.50 3.64 35.70
N HIS B 293 32.32 2.65 34.85
CA HIS B 293 32.77 2.73 33.48
C HIS B 293 31.81 2.04 32.54
N SER B 294 31.59 2.66 31.38
CA SER B 294 31.08 1.96 30.20
C SER B 294 31.58 2.68 28.98
N ILE B 295 31.75 1.93 27.90
CA ILE B 295 31.96 2.51 26.56
C ILE B 295 30.74 3.36 26.15
N ALA B 296 29.54 2.97 26.56
CA ALA B 296 28.34 3.75 26.32
C ALA B 296 28.18 4.82 27.41
N PRO B 297 28.32 6.11 27.06
CA PRO B 297 28.33 7.12 28.13
C PRO B 297 27.02 7.28 28.89
N GLY B 298 25.91 6.93 28.26
CA GLY B 298 24.60 6.96 28.91
C GLY B 298 24.35 5.83 29.89
N LEU B 299 25.29 4.89 30.02
CA LEU B 299 25.15 3.75 30.96
C LEU B 299 26.07 3.84 32.20
N ASP B 300 26.74 4.96 32.44
CA ASP B 300 27.73 4.98 33.53
C ASP B 300 27.25 5.59 34.87
N TYR B 301 25.95 5.85 35.02
CA TYR B 301 25.41 6.25 36.33
C TYR B 301 25.59 5.10 37.36
N PRO B 302 26.17 5.39 38.53
CA PRO B 302 26.40 4.33 39.51
C PRO B 302 25.13 3.77 40.17
N GLY B 303 23.98 4.38 39.94
CA GLY B 303 22.72 3.85 40.47
C GLY B 303 21.75 3.34 39.42
N VAL B 304 20.53 3.12 39.85
CA VAL B 304 19.48 2.68 38.96
C VAL B 304 18.16 3.09 39.59
N GLY B 305 17.14 3.23 38.77
CA GLY B 305 15.84 3.71 39.25
C GLY B 305 15.18 2.72 40.17
N PRO B 306 14.43 3.20 41.17
CA PRO B 306 13.86 2.28 42.17
C PRO B 306 12.87 1.26 41.61
N GLU B 307 12.14 1.64 40.56
CA GLU B 307 11.14 0.76 39.97
C GLU B 307 11.79 -0.48 39.34
N HIS B 308 13.03 -0.36 38.88
CA HIS B 308 13.78 -1.55 38.43
C HIS B 308 14.25 -2.45 39.59
N ALA B 309 14.73 -1.84 40.66
CA ALA B 309 15.10 -2.59 41.89
C ALA B 309 13.90 -3.40 42.38
N TYR B 310 12.73 -2.79 42.31
CA TYR B 310 11.46 -3.45 42.62
C TYR B 310 11.14 -4.62 41.69
N LEU B 311 11.19 -4.39 40.39
CA LEU B 311 10.89 -5.41 39.40
C LEU B 311 11.85 -6.60 39.50
N LYS B 312 13.11 -6.32 39.81
CA LYS B 312 14.11 -7.37 40.01
C LYS B 312 13.81 -8.17 41.29
N LYS B 313 13.52 -7.44 42.39
CA LYS B 313 13.23 -8.07 43.70
C LYS B 313 12.08 -9.05 43.58
N ILE B 314 10.98 -8.61 42.97
CA ILE B 314 9.78 -9.46 42.77
C ILE B 314 9.89 -10.44 41.58
N GLN B 315 11.03 -10.41 40.87
CA GLN B 315 11.31 -11.31 39.74
C GLN B 315 10.40 -11.13 38.51
N ARG B 316 9.82 -9.94 38.35
CA ARG B 316 9.04 -9.62 37.15
C ARG B 316 9.96 -9.37 35.93
N ALA B 317 11.17 -8.89 36.18
CA ALA B 317 12.14 -8.64 35.14
C ALA B 317 13.47 -9.24 35.53
N GLU B 318 14.21 -9.71 34.52
CA GLU B 318 15.58 -10.21 34.70
C GLU B 318 16.57 -9.13 34.28
N TYR B 319 17.71 -9.05 34.97
CA TYR B 319 18.71 -8.05 34.66
C TYR B 319 20.06 -8.71 34.43
N VAL B 320 20.67 -8.40 33.29
CA VAL B 320 21.86 -9.08 32.76
C VAL B 320 22.89 -8.04 32.41
N THR B 321 24.10 -8.49 32.06
CA THR B 321 25.16 -7.58 31.62
C THR B 321 25.71 -7.97 30.28
N VAL B 322 26.17 -6.94 29.57
CA VAL B 322 26.86 -7.10 28.28
C VAL B 322 28.14 -6.25 28.37
N THR B 323 29.25 -6.77 27.86
CA THR B 323 30.54 -6.06 27.94
C THR B 323 30.65 -4.95 26.89
N ASP B 324 31.66 -4.10 27.07
CA ASP B 324 32.02 -3.08 26.07
C ASP B 324 32.24 -3.74 24.72
N GLU B 325 33.00 -4.83 24.74
CA GLU B 325 33.37 -5.56 23.52
C GLU B 325 32.12 -6.12 22.81
N GLU B 326 31.24 -6.79 23.55
CA GLU B 326 29.97 -7.30 22.98
C GLU B 326 29.10 -6.17 22.41
N ALA B 327 28.98 -5.06 23.14
CA ALA B 327 28.24 -3.89 22.66
C ALA B 327 28.82 -3.39 21.35
N LEU B 328 30.14 -3.27 21.34
CA LEU B 328 30.83 -2.75 20.18
C LEU B 328 30.61 -3.63 18.95
N LYS B 329 30.71 -4.96 19.12
CA LYS B 329 30.38 -5.90 18.03
C LYS B 329 28.95 -5.75 17.52
N ALA B 330 27.99 -5.55 18.42
CA ALA B 330 26.59 -5.40 18.02
C ALA B 330 26.35 -4.05 17.31
N PHE B 331 27.09 -3.02 17.71
CA PHE B 331 27.08 -1.72 17.04
C PHE B 331 27.47 -1.89 15.56
N HIS B 332 28.61 -2.55 15.32
CA HIS B 332 29.06 -2.83 13.95
C HIS B 332 28.09 -3.71 13.18
N GLU B 333 27.63 -4.76 13.84
CA GLU B 333 26.78 -5.76 13.20
C GLU B 333 25.45 -5.15 12.73
N LEU B 334 24.77 -4.41 13.61
CA LEU B 334 23.53 -3.75 13.24
C LEU B 334 23.72 -2.76 12.09
N SER B 335 24.83 -2.00 12.13
CA SER B 335 25.14 -1.06 11.06
C SER B 335 25.29 -1.76 9.71
N ARG B 336 26.06 -2.86 9.67
CA ARG B 336 26.37 -3.58 8.41
CA ARG B 336 26.37 -3.54 8.40
C ARG B 336 25.18 -4.36 7.87
N THR B 337 24.42 -4.91 8.78
CA THR B 337 23.39 -5.90 8.45
C THR B 337 22.05 -5.26 8.18
N GLU B 338 21.73 -4.19 8.90
CA GLU B 338 20.41 -3.55 8.75
C GLU B 338 20.46 -2.08 8.31
N GLY B 339 21.65 -1.48 8.23
CA GLY B 339 21.73 -0.10 7.79
C GLY B 339 21.24 0.89 8.83
N ILE B 340 21.29 0.45 10.08
CA ILE B 340 20.97 1.28 11.25
C ILE B 340 22.19 1.36 12.18
N ILE B 341 22.67 2.57 12.39
CA ILE B 341 23.78 2.83 13.31
C ILE B 341 23.19 3.16 14.67
N PRO B 342 23.28 2.22 15.62
CA PRO B 342 22.63 2.39 16.93
C PRO B 342 23.48 3.18 17.88
N ALA B 343 22.86 3.76 18.91
CA ALA B 343 23.64 4.31 20.04
C ALA B 343 24.38 3.17 20.76
N LEU B 344 25.58 3.45 21.28
CA LEU B 344 26.32 2.44 22.06
C LEU B 344 25.52 1.92 23.28
N GLU B 345 24.68 2.76 23.87
CA GLU B 345 23.77 2.31 24.94
C GLU B 345 22.86 1.22 24.40
N SER B 346 22.18 1.53 23.31
CA SER B 346 21.22 0.61 22.65
C SER B 346 21.88 -0.66 22.15
N ALA B 347 23.15 -0.55 21.74
CA ALA B 347 23.90 -1.69 21.24
C ALA B 347 24.04 -2.78 22.28
N HIS B 348 23.99 -2.41 23.57
CA HIS B 348 24.01 -3.38 24.67
C HIS B 348 22.78 -4.28 24.62
N ALA B 349 21.62 -3.67 24.44
CA ALA B 349 20.39 -4.41 24.28
C ALA B 349 20.39 -5.29 23.01
N VAL B 350 20.92 -4.76 21.91
CA VAL B 350 21.06 -5.53 20.66
C VAL B 350 21.97 -6.74 20.87
N ALA B 351 23.12 -6.53 21.53
CA ALA B 351 24.07 -7.63 21.79
C ALA B 351 23.41 -8.74 22.60
N TYR B 352 22.66 -8.38 23.65
CA TYR B 352 22.00 -9.40 24.44
C TYR B 352 20.87 -10.08 23.66
N ALA B 353 20.08 -9.29 22.95
CA ALA B 353 19.02 -9.84 22.09
C ALA B 353 19.57 -10.87 21.09
N MET B 354 20.75 -10.58 20.53
CA MET B 354 21.40 -11.50 19.57
C MET B 354 21.76 -12.83 20.23
N LYS B 355 22.27 -12.78 21.46
CA LYS B 355 22.58 -13.98 22.23
C LYS B 355 21.32 -14.77 22.58
N LEU B 356 20.28 -14.06 23.02
CA LEU B 356 19.04 -14.70 23.41
C LEU B 356 18.28 -15.30 22.21
N ALA B 357 18.21 -14.55 21.12
CA ALA B 357 17.58 -15.05 19.87
C ALA B 357 18.16 -16.41 19.41
N LYS B 358 19.46 -16.61 19.59
CA LYS B 358 20.12 -17.84 19.15
C LYS B 358 19.61 -19.11 19.87
N GLU B 359 19.18 -18.97 21.12
CA GLU B 359 18.69 -20.10 21.94
C GLU B 359 17.16 -20.28 21.88
N MET B 360 16.49 -19.49 21.03
CA MET B 360 15.03 -19.49 20.92
C MET B 360 14.62 -19.98 19.54
N SER B 361 13.35 -20.32 19.39
CA SER B 361 12.85 -20.84 18.12
C SER B 361 12.37 -19.71 17.22
N ARG B 362 12.24 -20.05 15.95
CA ARG B 362 12.01 -19.08 14.88
C ARG B 362 10.59 -18.49 14.85
N ASP B 363 9.66 -19.12 15.58
CA ASP B 363 8.31 -18.54 15.79
C ASP B 363 8.22 -17.60 17.00
N GLU B 364 9.26 -17.58 17.86
CA GLU B 364 9.29 -16.67 19.02
C GLU B 364 9.82 -15.27 18.65
N ILE B 365 9.44 -14.29 19.47
CA ILE B 365 9.55 -12.86 19.13
C ILE B 365 10.25 -12.08 20.22
N ILE B 366 11.29 -11.33 19.84
CA ILE B 366 12.00 -10.40 20.72
C ILE B 366 11.77 -8.98 20.20
N ILE B 367 11.33 -8.07 21.06
CA ILE B 367 11.40 -6.62 20.76
C ILE B 367 12.57 -6.02 21.52
N VAL B 368 13.51 -5.41 20.80
CA VAL B 368 14.60 -4.66 21.40
C VAL B 368 14.26 -3.17 21.34
N ASN B 369 14.42 -2.46 22.45
CA ASN B 369 14.23 -1.03 22.43
C ASN B 369 15.49 -0.40 21.87
N LEU B 370 15.40 0.14 20.67
CA LEU B 370 16.55 0.80 20.09
C LEU B 370 16.48 2.23 20.53
N SER B 371 16.99 2.47 21.74
CA SER B 371 16.79 3.72 22.47
C SER B 371 17.33 4.97 21.77
N GLY B 372 18.38 4.80 20.96
CA GLY B 372 18.97 5.93 20.23
C GLY B 372 19.80 5.56 19.01
N ARG B 373 20.18 6.59 18.25
CA ARG B 373 21.00 6.43 17.07
C ARG B 373 22.44 6.75 17.50
N GLY B 374 23.38 6.33 16.67
CA GLY B 374 24.80 6.29 17.01
C GLY B 374 25.66 7.42 16.53
N ASP B 375 25.07 8.46 15.95
CA ASP B 375 25.88 9.60 15.43
C ASP B 375 26.72 10.26 16.52
N LYS B 376 26.11 10.44 17.69
CA LYS B 376 26.78 10.98 18.87
C LYS B 376 28.04 10.18 19.31
N ASP B 377 28.05 8.88 18.97
CA ASP B 377 29.08 7.93 19.41
C ASP B 377 30.20 7.69 18.38
N LEU B 378 30.13 8.35 17.21
CA LEU B 378 31.03 8.04 16.11
C LEU B 378 32.50 8.32 16.47
N ASP B 379 32.75 9.43 17.18
CA ASP B 379 34.09 9.77 17.69
C ASP B 379 34.64 8.68 18.64
N ILE B 380 33.79 8.14 19.52
CA ILE B 380 34.23 7.09 20.45
C ILE B 380 34.60 5.84 19.67
N VAL B 381 33.71 5.42 18.76
CA VAL B 381 33.88 4.16 18.05
C VAL B 381 35.05 4.23 17.07
N LEU B 382 35.28 5.38 16.46
CA LEU B 382 36.43 5.57 15.57
C LEU B 382 37.73 5.35 16.33
N LYS B 383 37.80 5.86 17.56
CA LYS B 383 38.99 5.69 18.41
C LYS B 383 39.19 4.24 18.86
N VAL B 384 38.11 3.58 19.28
CA VAL B 384 38.22 2.27 19.93
C VAL B 384 38.08 1.09 18.96
N SER B 385 37.52 1.33 17.76
CA SER B 385 37.41 0.28 16.73
C SER B 385 38.38 0.56 15.58
N GLY B 386 38.12 1.65 14.84
CA GLY B 386 38.83 1.97 13.61
C GLY B 386 37.90 2.03 12.41
N MET C 1 -4.77 -15.95 18.81
CA MET C 1 -5.77 -17.03 19.02
C MET C 1 -7.10 -16.49 19.57
N TRP C 2 -7.01 -15.51 20.45
CA TRP C 2 -8.15 -14.94 21.12
C TRP C 2 -8.38 -13.52 20.70
N PHE C 3 -9.66 -13.18 20.52
CA PHE C 3 -10.11 -11.80 20.42
C PHE C 3 -11.03 -11.54 21.61
N GLY C 4 -10.44 -11.07 22.72
CA GLY C 4 -11.13 -11.08 24.01
C GLY C 4 -11.38 -12.52 24.43
N GLU C 5 -12.61 -12.85 24.78
CA GLU C 5 -12.98 -14.23 25.17
C GLU C 5 -13.26 -15.12 23.97
N PHE C 6 -13.34 -14.54 22.77
CA PHE C 6 -13.80 -15.26 21.59
C PHE C 6 -12.64 -15.88 20.82
N GLY C 7 -12.90 -17.02 20.23
CA GLY C 7 -11.91 -17.69 19.37
C GLY C 7 -11.49 -19.03 19.94
N GLY C 8 -10.18 -19.23 20.08
CA GLY C 8 -9.63 -20.46 20.64
C GLY C 8 -9.40 -21.57 19.63
N GLN C 9 -9.12 -22.76 20.15
CA GLN C 9 -8.91 -23.98 19.37
C GLN C 9 -9.68 -25.12 20.05
N TYR C 10 -11.00 -25.05 20.01
CA TYR C 10 -11.83 -26.02 20.69
C TYR C 10 -12.01 -27.26 19.85
N VAL C 11 -10.94 -28.04 19.77
CA VAL C 11 -10.88 -29.18 18.87
C VAL C 11 -10.36 -30.40 19.64
N PRO C 12 -10.62 -31.63 19.14
CA PRO C 12 -9.99 -32.82 19.72
C PRO C 12 -8.48 -32.78 19.56
N GLU C 13 -7.77 -33.44 20.47
CA GLU C 13 -6.29 -33.45 20.55
C GLU C 13 -5.61 -33.82 19.22
N THR C 14 -6.28 -34.62 18.40
CA THR C 14 -5.78 -35.01 17.09
C THR C 14 -5.65 -33.83 16.08
N LEU C 15 -6.30 -32.69 16.36
CA LEU C 15 -6.18 -31.52 15.49
C LEU C 15 -5.10 -30.50 15.93
N ILE C 16 -4.51 -30.68 17.11
CA ILE C 16 -3.51 -29.71 17.61
C ILE C 16 -2.25 -29.74 16.73
N GLU C 17 -1.82 -30.93 16.33
CA GLU C 17 -0.69 -31.09 15.39
C GLU C 17 -0.86 -30.29 14.09
N PRO C 18 -1.90 -30.60 13.29
CA PRO C 18 -2.04 -29.87 12.04
C PRO C 18 -2.21 -28.36 12.21
N LEU C 19 -2.87 -27.94 13.29
CA LEU C 19 -3.12 -26.52 13.52
C LEU C 19 -1.85 -25.75 13.90
N LYS C 20 -0.97 -26.38 14.68
CA LYS C 20 0.31 -25.77 15.06
C LYS C 20 1.22 -25.63 13.85
N GLU C 21 1.26 -26.67 13.01
CA GLU C 21 2.09 -26.64 11.81
C GLU C 21 1.62 -25.57 10.83
N LEU C 22 0.29 -25.44 10.67
CA LEU C 22 -0.28 -24.41 9.83
C LEU C 22 0.05 -23.02 10.35
N GLU C 23 -0.12 -22.82 11.66
CA GLU C 23 0.23 -21.55 12.33
C GLU C 23 1.68 -21.13 12.07
N LYS C 24 2.59 -22.08 12.26
CA LYS C 24 4.03 -21.85 12.05
C LYS C 24 4.31 -21.51 10.58
N ALA C 25 3.72 -22.29 9.69
CA ALA C 25 3.88 -22.08 8.24
C ALA C 25 3.41 -20.70 7.83
N TYR C 26 2.21 -20.35 8.27
CA TYR C 26 1.64 -19.05 7.98
C TYR C 26 2.59 -17.91 8.40
N LYS C 27 3.07 -17.96 9.64
CA LYS C 27 3.96 -16.92 10.16
C LYS C 27 5.34 -16.87 9.47
N ARG C 28 5.79 -18.00 8.94
CA ARG C 28 6.97 -18.01 8.07
C ARG C 28 6.68 -17.29 6.74
N PHE C 29 5.62 -17.70 6.05
CA PHE C 29 5.34 -17.22 4.70
C PHE C 29 4.58 -15.88 4.62
N LYS C 30 3.98 -15.45 5.73
CA LYS C 30 3.23 -14.18 5.83
C LYS C 30 3.96 -12.98 5.23
N ASP C 31 5.21 -12.80 5.65
CA ASP C 31 6.04 -11.67 5.20
C ASP C 31 7.17 -12.12 4.26
N ASP C 32 7.18 -13.40 3.89
CA ASP C 32 8.18 -13.95 2.98
C ASP C 32 8.08 -13.31 1.58
N GLU C 33 9.26 -13.04 0.98
CA GLU C 33 9.37 -12.32 -0.29
C GLU C 33 8.79 -13.10 -1.46
N GLU C 34 9.15 -14.38 -1.60
CA GLU C 34 8.67 -15.21 -2.71
C GLU C 34 7.14 -15.48 -2.62
N PHE C 35 6.64 -15.75 -1.41
CA PHE C 35 5.20 -15.92 -1.18
C PHE C 35 4.43 -14.68 -1.63
N ASN C 36 4.84 -13.52 -1.15
CA ASN C 36 4.16 -12.26 -1.48
C ASN C 36 4.26 -11.84 -2.95
N ARG C 37 5.42 -12.13 -3.57
CA ARG C 37 5.61 -11.94 -5.00
C ARG C 37 4.56 -12.74 -5.79
N GLN C 38 4.45 -14.04 -5.48
CA GLN C 38 3.53 -14.93 -6.17
C GLN C 38 2.06 -14.59 -5.88
N LEU C 39 1.75 -14.31 -4.63
CA LEU C 39 0.39 -13.96 -4.22
C LEU C 39 -0.10 -12.72 -4.99
N ASN C 40 0.72 -11.68 -5.02
CA ASN C 40 0.33 -10.44 -5.72
C ASN C 40 0.21 -10.67 -7.23
N TYR C 41 1.07 -11.55 -7.76
CA TYR C 41 1.08 -11.92 -9.17
C TYR C 41 -0.27 -12.54 -9.55
N TYR C 42 -0.72 -13.48 -8.74
CA TYR C 42 -1.97 -14.18 -8.99
C TYR C 42 -3.16 -13.26 -8.75
N LEU C 43 -3.11 -12.50 -7.66
CA LEU C 43 -4.17 -11.53 -7.40
C LEU C 43 -4.32 -10.55 -8.58
N LYS C 44 -3.19 -10.03 -9.09
CA LYS C 44 -3.24 -9.12 -10.23
C LYS C 44 -3.71 -9.81 -11.53
N THR C 45 -2.97 -10.83 -11.96
CA THR C 45 -3.08 -11.34 -13.33
C THR C 45 -4.19 -12.37 -13.53
N TRP C 46 -4.54 -13.09 -12.48
CA TRP C 46 -5.57 -14.15 -12.54
C TRP C 46 -6.87 -13.67 -11.93
N ALA C 47 -6.79 -13.03 -10.75
CA ALA C 47 -7.98 -12.50 -10.08
C ALA C 47 -8.47 -11.15 -10.60
N GLY C 48 -7.56 -10.33 -11.14
CA GLY C 48 -7.92 -8.98 -11.67
C GLY C 48 -7.89 -7.84 -10.66
N ARG C 49 -7.17 -8.03 -9.55
CA ARG C 49 -7.07 -6.99 -8.50
C ARG C 49 -6.12 -5.91 -9.01
N PRO C 50 -6.30 -4.63 -8.62
CA PRO C 50 -7.32 -4.16 -7.70
C PRO C 50 -8.69 -4.00 -8.34
N THR C 51 -9.72 -4.12 -7.53
CA THR C 51 -11.07 -3.80 -7.96
C THR C 51 -11.34 -2.29 -7.78
N PRO C 52 -12.15 -1.70 -8.66
CA PRO C 52 -12.40 -0.24 -8.48
C PRO C 52 -13.28 0.10 -7.26
N LEU C 53 -13.16 1.35 -6.79
CA LEU C 53 -14.14 1.97 -5.92
C LEU C 53 -15.03 2.87 -6.76
N TYR C 54 -16.33 2.56 -6.81
CA TYR C 54 -17.26 3.19 -7.74
C TYR C 54 -18.23 4.11 -7.01
N TYR C 55 -18.35 5.37 -7.46
CA TYR C 55 -19.31 6.28 -6.88
C TYR C 55 -20.69 6.03 -7.51
N ALA C 56 -21.62 5.51 -6.72
CA ALA C 56 -23.00 5.27 -7.18
C ALA C 56 -23.80 6.59 -7.17
N LYS C 57 -23.50 7.43 -8.15
CA LYS C 57 -24.01 8.79 -8.18
C LYS C 57 -25.53 8.81 -8.28
N ARG C 58 -26.08 8.03 -9.20
CA ARG C 58 -27.53 8.04 -9.42
C ARG C 58 -28.31 7.50 -8.19
N LEU C 59 -27.85 6.40 -7.59
CA LEU C 59 -28.41 5.92 -6.30
C LEU C 59 -28.27 6.97 -5.19
N THR C 60 -27.08 7.58 -5.08
CA THR C 60 -26.85 8.68 -4.16
C THR C 60 -27.88 9.81 -4.31
N GLU C 61 -28.06 10.31 -5.54
CA GLU C 61 -29.01 11.40 -5.80
C GLU C 61 -30.47 10.96 -5.65
N LYS C 62 -30.77 9.73 -6.02
CA LYS C 62 -32.13 9.18 -5.81
C LYS C 62 -32.50 9.10 -4.33
N ILE C 63 -31.62 8.56 -3.50
CA ILE C 63 -31.83 8.46 -2.06
C ILE C 63 -31.81 9.89 -1.47
N GLY C 64 -30.89 10.72 -1.95
CA GLY C 64 -30.85 12.16 -1.61
C GLY C 64 -30.00 12.55 -0.40
N GLY C 65 -29.30 11.57 0.18
CA GLY C 65 -28.50 11.82 1.39
C GLY C 65 -27.00 11.71 1.19
N ALA C 66 -26.33 10.96 2.07
CA ALA C 66 -24.88 10.72 2.03
C ALA C 66 -24.40 10.10 0.69
N LYS C 67 -23.11 10.30 0.39
CA LYS C 67 -22.48 9.70 -0.80
C LYS C 67 -22.30 8.21 -0.58
N ILE C 68 -22.66 7.44 -1.60
CA ILE C 68 -22.58 5.98 -1.55
C ILE C 68 -21.55 5.55 -2.56
N TYR C 69 -20.46 5.01 -2.04
CA TYR C 69 -19.44 4.40 -2.87
C TYR C 69 -19.53 2.84 -2.75
N LEU C 70 -19.26 2.16 -3.86
CA LEU C 70 -19.32 0.70 -3.91
C LEU C 70 -17.91 0.15 -4.18
N LYS C 71 -17.36 -0.60 -3.22
CA LYS C 71 -16.10 -1.35 -3.42
C LYS C 71 -16.43 -2.60 -4.23
N ARG C 72 -15.93 -2.65 -5.46
CA ARG C 72 -16.46 -3.56 -6.47
C ARG C 72 -15.81 -4.95 -6.44
N GLU C 73 -16.01 -5.70 -5.35
CA GLU C 73 -15.51 -7.08 -5.27
C GLU C 73 -16.22 -7.99 -6.23
N ASP C 74 -17.38 -7.54 -6.71
CA ASP C 74 -18.12 -8.23 -7.73
C ASP C 74 -17.32 -8.45 -9.03
N LEU C 75 -16.28 -7.65 -9.26
CA LEU C 75 -15.44 -7.79 -10.46
C LEU C 75 -14.24 -8.73 -10.32
N VAL C 76 -13.97 -9.26 -9.13
CA VAL C 76 -12.87 -10.23 -8.98
C VAL C 76 -13.19 -11.54 -9.73
N HIS C 77 -12.18 -12.23 -10.22
CA HIS C 77 -12.39 -13.53 -10.91
C HIS C 77 -13.18 -14.52 -10.05
N GLY C 78 -14.28 -15.04 -10.60
CA GLY C 78 -15.21 -15.85 -9.83
C GLY C 78 -16.45 -15.10 -9.40
N GLY C 79 -16.35 -13.77 -9.30
CA GLY C 79 -17.50 -12.93 -8.99
C GLY C 79 -17.80 -12.75 -7.51
N ALA C 80 -16.86 -13.15 -6.65
CA ALA C 80 -16.96 -12.92 -5.21
C ALA C 80 -15.58 -12.77 -4.57
N HIS C 81 -15.54 -11.96 -3.52
CA HIS C 81 -14.34 -11.75 -2.66
C HIS C 81 -13.66 -13.04 -2.16
N1 LLP C 82 -21.03 -12.08 -0.11
C2 LLP C 82 -20.70 -12.88 -1.13
C2' LLP C 82 -20.78 -12.37 -2.55
C3 LLP C 82 -20.27 -14.27 -0.87
O3 LLP C 82 -19.97 -15.13 -1.87
C4 LLP C 82 -20.19 -14.72 0.54
C4' LLP C 82 -19.75 -16.12 0.84
C5 LLP C 82 -20.59 -13.75 1.59
C6 LLP C 82 -20.96 -12.48 1.20
C5' LLP C 82 -20.56 -14.12 3.08
OP4 LLP C 82 -19.31 -14.62 3.50
P LLP C 82 -18.41 -13.79 4.50
OP1 LLP C 82 -19.37 -13.42 5.57
OP2 LLP C 82 -17.98 -12.53 3.73
OP3 LLP C 82 -17.27 -14.70 4.93
N LLP C 82 -14.44 -14.13 -1.99
CA LLP C 82 -13.89 -15.44 -1.57
CB LLP C 82 -14.88 -16.58 -1.76
CG LLP C 82 -16.10 -16.42 -0.83
CD LLP C 82 -16.89 -17.69 -0.96
CE LLP C 82 -18.03 -17.76 0.02
NZ LLP C 82 -18.96 -16.69 -0.22
C LLP C 82 -12.64 -15.87 -2.32
O LLP C 82 -11.83 -16.60 -1.78
N THR C 83 -12.50 -15.44 -3.58
CA THR C 83 -11.32 -15.76 -4.38
C THR C 83 -10.01 -15.29 -3.70
N ASN C 84 -10.06 -14.14 -3.03
CA ASN C 84 -8.88 -13.55 -2.38
C ASN C 84 -8.28 -14.53 -1.35
N ASN C 85 -9.18 -15.17 -0.59
CA ASN C 85 -8.83 -16.15 0.44
C ASN C 85 -8.47 -17.50 -0.17
N ALA C 86 -9.20 -17.90 -1.21
CA ALA C 86 -8.95 -19.17 -1.89
C ALA C 86 -7.56 -19.21 -2.47
N ILE C 87 -7.17 -18.15 -3.16
CA ILE C 87 -5.80 -18.06 -3.72
C ILE C 87 -4.77 -18.05 -2.60
N GLY C 88 -4.96 -17.17 -1.63
CA GLY C 88 -4.03 -17.04 -0.48
C GLY C 88 -3.79 -18.37 0.22
N GLN C 89 -4.86 -19.03 0.64
CA GLN C 89 -4.72 -20.31 1.35
C GLN C 89 -4.24 -21.47 0.47
N ALA C 90 -4.64 -21.47 -0.80
CA ALA C 90 -4.20 -22.51 -1.71
C ALA C 90 -2.70 -22.34 -2.01
N LEU C 91 -2.27 -21.09 -2.17
CA LEU C 91 -0.84 -20.80 -2.37
C LEU C 91 -0.03 -21.21 -1.14
N LEU C 92 -0.49 -20.76 0.05
CA LEU C 92 0.11 -21.17 1.32
C LEU C 92 0.23 -22.70 1.41
N ALA C 93 -0.85 -23.40 1.07
CA ALA C 93 -0.84 -24.88 1.03
C ALA C 93 0.24 -25.42 0.11
N LYS C 94 0.41 -24.79 -1.06
CA LYS C 94 1.37 -25.23 -2.04
C LYS C 94 2.80 -25.02 -1.52
N PHE C 95 3.07 -23.83 -0.99
CA PHE C 95 4.35 -23.51 -0.34
C PHE C 95 4.63 -24.44 0.85
N MET C 96 3.58 -24.93 1.53
CA MET C 96 3.72 -25.94 2.61
C MET C 96 3.97 -27.36 2.09
N GLY C 97 4.02 -27.54 0.78
CA GLY C 97 4.22 -28.86 0.18
C GLY C 97 2.98 -29.74 0.13
N LYS C 98 1.79 -29.16 0.27
CA LYS C 98 0.54 -29.93 0.18
C LYS C 98 0.14 -30.07 -1.30
N THR C 99 -0.56 -31.16 -1.60
CA THR C 99 -1.01 -31.47 -2.96
C THR C 99 -2.54 -31.53 -3.08
N ARG C 100 -3.24 -31.51 -1.93
CA ARG C 100 -4.68 -31.66 -1.90
C ARG C 100 -5.31 -30.53 -1.06
N LEU C 101 -6.49 -30.08 -1.47
CA LEU C 101 -7.27 -29.12 -0.73
C LEU C 101 -8.59 -29.78 -0.45
N ILE C 102 -9.07 -29.64 0.79
CA ILE C 102 -10.48 -29.92 1.08
C ILE C 102 -11.14 -28.65 1.61
N ALA C 103 -12.46 -28.55 1.44
CA ALA C 103 -13.23 -27.44 1.95
C ALA C 103 -14.68 -27.84 2.15
N GLU C 104 -15.36 -27.05 2.95
CA GLU C 104 -16.80 -27.13 3.15
C GLU C 104 -17.46 -26.10 2.27
N THR C 105 -18.72 -26.32 1.88
CA THR C 105 -19.50 -25.27 1.27
C THR C 105 -20.98 -25.47 1.57
N GLY C 106 -21.68 -24.35 1.69
CA GLY C 106 -23.13 -24.31 1.90
C GLY C 106 -23.83 -23.76 0.68
N ALA C 107 -23.60 -22.49 0.42
CA ALA C 107 -24.07 -21.86 -0.81
C ALA C 107 -23.44 -22.46 -2.08
N GLY C 108 -22.25 -23.04 -1.97
CA GLY C 108 -21.52 -23.53 -3.13
C GLY C 108 -20.49 -22.51 -3.62
N GLN C 109 -20.50 -21.30 -3.06
CA GLN C 109 -19.67 -20.21 -3.56
C GLN C 109 -18.18 -20.39 -3.13
N HIS C 110 -17.98 -20.85 -1.89
CA HIS C 110 -16.62 -21.16 -1.44
C HIS C 110 -16.10 -22.41 -2.10
N GLY C 111 -16.97 -23.39 -2.30
CA GLY C 111 -16.65 -24.56 -3.10
C GLY C 111 -16.14 -24.23 -4.51
N VAL C 112 -16.84 -23.34 -5.20
CA VAL C 112 -16.42 -22.91 -6.54
C VAL C 112 -15.06 -22.20 -6.44
N ALA C 113 -14.92 -21.26 -5.51
CA ALA C 113 -13.68 -20.48 -5.38
C ALA C 113 -12.47 -21.38 -5.03
N THR C 114 -12.68 -22.37 -4.18
CA THR C 114 -11.66 -23.35 -3.85
C THR C 114 -11.32 -24.22 -5.07
N ALA C 115 -12.33 -24.70 -5.79
CA ALA C 115 -12.10 -25.45 -7.04
C ALA C 115 -11.30 -24.63 -8.09
N MET C 116 -11.67 -23.35 -8.24
CA MET C 116 -10.95 -22.46 -9.15
C MET C 116 -9.46 -22.32 -8.76
N ALA C 117 -9.20 -22.02 -7.49
CA ALA C 117 -7.84 -21.78 -7.02
C ALA C 117 -7.03 -23.06 -7.04
N GLY C 118 -7.66 -24.18 -6.74
CA GLY C 118 -7.01 -25.49 -6.88
C GLY C 118 -6.62 -25.79 -8.31
N ALA C 119 -7.51 -25.52 -9.25
CA ALA C 119 -7.20 -25.73 -10.66
C ALA C 119 -6.03 -24.86 -11.09
N LEU C 120 -6.09 -23.58 -10.74
CA LEU C 120 -5.01 -22.61 -10.98
C LEU C 120 -3.62 -23.13 -10.55
N LEU C 121 -3.55 -23.70 -9.36
CA LEU C 121 -2.28 -24.09 -8.75
C LEU C 121 -1.95 -25.59 -8.92
N GLY C 122 -2.80 -26.33 -9.63
CA GLY C 122 -2.59 -27.78 -9.83
C GLY C 122 -2.68 -28.55 -8.52
N MET C 123 -3.60 -28.11 -7.66
CA MET C 123 -3.92 -28.81 -6.41
C MET C 123 -5.18 -29.62 -6.67
N LYS C 124 -5.32 -30.76 -6.00
CA LYS C 124 -6.49 -31.61 -6.14
C LYS C 124 -7.53 -31.18 -5.09
N VAL C 125 -8.80 -31.19 -5.46
CA VAL C 125 -9.84 -30.56 -4.64
C VAL C 125 -11.05 -31.47 -4.38
N ASP C 126 -11.35 -31.70 -3.09
CA ASP C 126 -12.63 -32.31 -2.64
C ASP C 126 -13.43 -31.32 -1.81
N ILE C 127 -14.73 -31.22 -2.10
CA ILE C 127 -15.62 -30.29 -1.43
C ILE C 127 -16.68 -31.07 -0.68
N TYR C 128 -16.73 -30.91 0.66
CA TYR C 128 -17.78 -31.47 1.48
C TYR C 128 -18.97 -30.52 1.48
N MET C 129 -20.14 -31.06 1.19
CA MET C 129 -21.34 -30.23 1.06
C MET C 129 -22.51 -31.06 1.55
N GLY C 130 -23.28 -30.51 2.48
CA GLY C 130 -24.47 -31.17 2.99
C GLY C 130 -25.45 -31.54 1.87
N ALA C 131 -26.00 -32.75 1.90
CA ALA C 131 -26.89 -33.22 0.81
C ALA C 131 -28.04 -32.25 0.52
N GLU C 132 -28.56 -31.60 1.55
CA GLU C 132 -29.63 -30.60 1.39
C GLU C 132 -29.16 -29.43 0.52
N ASP C 133 -27.91 -28.99 0.71
CA ASP C 133 -27.32 -27.92 -0.10
C ASP C 133 -26.89 -28.38 -1.49
N VAL C 134 -26.40 -29.61 -1.60
CA VAL C 134 -26.14 -30.25 -2.90
C VAL C 134 -27.35 -30.14 -3.85
N GLU C 135 -28.55 -30.38 -3.31
CA GLU C 135 -29.79 -30.29 -4.09
C GLU C 135 -30.22 -28.81 -4.35
N ARG C 136 -30.05 -27.93 -3.36
CA ARG C 136 -30.39 -26.50 -3.50
C ARG C 136 -29.49 -25.73 -4.49
N GLN C 137 -28.25 -26.18 -4.66
CA GLN C 137 -27.22 -25.42 -5.38
C GLN C 137 -26.65 -26.25 -6.53
N LYS C 138 -27.55 -26.71 -7.40
CA LYS C 138 -27.21 -27.67 -8.47
C LYS C 138 -26.18 -27.05 -9.40
N MET C 139 -26.38 -25.76 -9.68
CA MET C 139 -25.55 -25.03 -10.63
C MET C 139 -24.13 -24.77 -10.07
N ASN C 140 -24.01 -24.48 -8.77
CA ASN C 140 -22.69 -24.38 -8.15
C ASN C 140 -22.02 -25.74 -8.10
N VAL C 141 -22.82 -26.79 -7.88
CA VAL C 141 -22.31 -28.16 -7.87
C VAL C 141 -21.76 -28.51 -9.27
N PHE C 142 -22.50 -28.12 -10.29
CA PHE C 142 -22.06 -28.30 -11.67
C PHE C 142 -20.76 -27.51 -11.99
N ARG C 143 -20.70 -26.25 -11.58
CA ARG C 143 -19.47 -25.43 -11.70
C ARG C 143 -18.24 -26.10 -11.10
N MET C 144 -18.39 -26.59 -9.87
CA MET C 144 -17.30 -27.27 -9.18
C MET C 144 -16.81 -28.48 -9.95
N LYS C 145 -17.75 -29.25 -10.50
CA LYS C 145 -17.41 -30.41 -11.31
C LYS C 145 -16.75 -30.01 -12.63
N LEU C 146 -17.23 -28.95 -13.28
CA LEU C 146 -16.54 -28.38 -14.47
C LEU C 146 -15.09 -28.03 -14.16
N LEU C 147 -14.87 -27.53 -12.95
CA LEU C 147 -13.55 -27.13 -12.51
C LEU C 147 -12.69 -28.30 -11.99
N GLY C 148 -13.25 -29.51 -11.96
CA GLY C 148 -12.49 -30.72 -11.67
C GLY C 148 -12.45 -31.11 -10.19
N ALA C 149 -13.34 -30.51 -9.40
CA ALA C 149 -13.44 -30.79 -7.98
C ALA C 149 -14.48 -31.88 -7.76
N ASN C 150 -14.27 -32.71 -6.73
CA ASN C 150 -15.24 -33.74 -6.35
C ASN C 150 -16.14 -33.25 -5.23
N VAL C 151 -17.44 -33.20 -5.52
CA VAL C 151 -18.42 -32.81 -4.54
C VAL C 151 -18.83 -34.06 -3.78
N ILE C 152 -18.45 -34.12 -2.50
CA ILE C 152 -18.77 -35.25 -1.62
C ILE C 152 -19.98 -34.87 -0.79
N PRO C 153 -21.15 -35.45 -1.11
CA PRO C 153 -22.33 -35.16 -0.30
C PRO C 153 -22.17 -35.66 1.14
N VAL C 154 -22.71 -34.88 2.08
CA VAL C 154 -22.68 -35.25 3.49
C VAL C 154 -24.11 -35.47 3.94
N ASN C 155 -24.36 -36.69 4.43
CA ASN C 155 -25.72 -37.17 4.76
C ASN C 155 -26.01 -37.22 6.28
N SER C 156 -25.00 -36.99 7.10
CA SER C 156 -25.15 -37.02 8.55
C SER C 156 -25.90 -35.78 9.05
N GLY C 157 -26.71 -35.97 10.11
CA GLY C 157 -27.34 -34.86 10.82
C GLY C 157 -28.35 -34.07 10.00
N SER C 158 -28.19 -32.75 9.99
CA SER C 158 -29.04 -31.84 9.21
C SER C 158 -28.75 -31.86 7.69
N ARG C 159 -27.66 -32.51 7.27
CA ARG C 159 -27.27 -32.54 5.86
C ARG C 159 -27.06 -31.09 5.33
N THR C 160 -26.46 -30.24 6.16
CA THR C 160 -26.21 -28.84 5.78
C THR C 160 -24.78 -28.37 6.21
N LEU C 161 -24.54 -27.06 6.17
CA LEU C 161 -23.17 -26.51 6.27
C LEU C 161 -22.48 -26.91 7.56
N LYS C 162 -23.25 -26.85 8.65
CA LYS C 162 -22.82 -27.35 9.95
C LYS C 162 -22.18 -28.75 9.85
N ASP C 163 -22.84 -29.65 9.13
CA ASP C 163 -22.41 -31.07 9.07
C ASP C 163 -21.26 -31.29 8.10
N ALA C 164 -21.22 -30.49 7.03
CA ALA C 164 -20.11 -30.53 6.06
C ALA C 164 -18.80 -30.09 6.72
N ILE C 165 -18.88 -29.06 7.57
CA ILE C 165 -17.74 -28.63 8.35
C ILE C 165 -17.23 -29.79 9.23
N ASN C 166 -18.16 -30.48 9.89
CA ASN C 166 -17.82 -31.64 10.72
C ASN C 166 -17.04 -32.72 9.97
N GLU C 167 -17.50 -33.05 8.77
CA GLU C 167 -16.86 -34.10 7.97
C GLU C 167 -15.48 -33.67 7.45
N ALA C 168 -15.35 -32.40 7.09
CA ALA C 168 -14.08 -31.87 6.57
C ALA C 168 -12.97 -31.98 7.63
N LEU C 169 -13.29 -31.54 8.86
CA LEU C 169 -12.39 -31.68 10.01
C LEU C 169 -11.99 -33.14 10.26
N ARG C 170 -12.94 -34.06 10.19
CA ARG C 170 -12.63 -35.50 10.33
C ARG C 170 -11.64 -35.99 9.26
N ASP C 171 -11.85 -35.57 8.01
CA ASP C 171 -10.94 -35.89 6.91
C ASP C 171 -9.53 -35.34 7.19
N TRP C 172 -9.45 -34.07 7.58
CA TRP C 172 -8.17 -33.39 7.78
C TRP C 172 -7.30 -34.08 8.86
N VAL C 173 -7.93 -34.58 9.92
CA VAL C 173 -7.24 -35.35 10.98
C VAL C 173 -6.42 -36.50 10.39
N ALA C 174 -6.98 -37.18 9.38
CA ALA C 174 -6.31 -38.31 8.73
C ALA C 174 -5.30 -37.88 7.66
N THR C 175 -5.58 -36.80 6.95
CA THR C 175 -4.85 -36.48 5.71
C THR C 175 -3.99 -35.21 5.76
N PHE C 176 -3.84 -34.61 6.93
CA PHE C 176 -3.14 -33.29 7.05
C PHE C 176 -1.69 -33.23 6.52
N GLU C 177 -1.03 -34.38 6.40
CA GLU C 177 0.35 -34.43 5.87
C GLU C 177 0.43 -33.91 4.43
N TYR C 178 -0.59 -34.21 3.63
CA TYR C 178 -0.64 -33.84 2.19
C TYR C 178 -1.87 -32.96 1.81
N THR C 179 -2.76 -32.70 2.79
CA THR C 179 -4.03 -32.00 2.57
C THR C 179 -4.10 -30.73 3.43
N HIS C 180 -4.58 -29.63 2.84
CA HIS C 180 -4.90 -28.44 3.58
C HIS C 180 -6.41 -28.27 3.63
N TYR C 181 -6.95 -28.05 4.83
CA TYR C 181 -8.36 -27.72 4.98
C TYR C 181 -8.50 -26.21 4.72
N LEU C 182 -9.09 -25.86 3.58
CA LEU C 182 -9.27 -24.47 3.18
C LEU C 182 -10.63 -23.98 3.68
N ILE C 183 -10.64 -23.39 4.88
CA ILE C 183 -11.85 -22.82 5.48
C ILE C 183 -12.23 -21.54 4.72
N GLY C 184 -13.53 -21.37 4.48
CA GLY C 184 -14.01 -20.31 3.64
C GLY C 184 -14.37 -19.00 4.29
N SER C 185 -14.34 -18.92 5.61
CA SER C 185 -14.62 -17.66 6.30
C SER C 185 -13.69 -17.44 7.47
N VAL C 186 -13.91 -16.35 8.19
CA VAL C 186 -13.08 -15.98 9.36
C VAL C 186 -13.53 -16.75 10.61
N VAL C 187 -13.57 -18.07 10.49
CA VAL C 187 -14.18 -18.95 11.47
C VAL C 187 -13.27 -20.15 11.61
N GLY C 188 -13.67 -21.08 12.46
CA GLY C 188 -12.90 -22.28 12.72
C GLY C 188 -11.93 -22.04 13.87
N PRO C 189 -11.14 -23.04 14.20
CA PRO C 189 -10.10 -22.87 15.23
C PRO C 189 -8.94 -22.01 14.74
N HIS C 190 -8.30 -21.28 15.64
CA HIS C 190 -7.04 -20.61 15.34
C HIS C 190 -6.11 -21.58 14.60
N PRO C 191 -5.40 -21.13 13.55
CA PRO C 191 -5.25 -19.73 13.16
C PRO C 191 -6.16 -19.26 12.01
N TYR C 192 -7.24 -20.00 11.74
CA TYR C 192 -8.05 -19.72 10.56
C TYR C 192 -8.72 -18.35 10.56
N PRO C 193 -9.32 -17.92 11.68
CA PRO C 193 -9.91 -16.57 11.68
C PRO C 193 -8.90 -15.45 11.35
N THR C 194 -7.67 -15.61 11.81
CA THR C 194 -6.62 -14.63 11.52
C THR C 194 -6.16 -14.68 10.05
N ILE C 195 -5.86 -15.87 9.58
CA ILE C 195 -5.42 -16.10 8.21
C ILE C 195 -6.44 -15.54 7.19
N VAL C 196 -7.69 -15.96 7.32
CA VAL C 196 -8.71 -15.55 6.36
C VAL C 196 -8.90 -14.04 6.35
N ARG C 197 -8.91 -13.44 7.54
CA ARG C 197 -8.98 -11.98 7.66
C ARG C 197 -7.81 -11.30 6.97
N ASP C 198 -6.61 -11.85 7.16
CA ASP C 198 -5.42 -11.25 6.59
C ASP C 198 -5.45 -11.29 5.06
N PHE C 199 -5.84 -12.43 4.51
CA PHE C 199 -6.00 -12.57 3.05
C PHE C 199 -7.11 -11.73 2.43
N GLN C 200 -8.10 -11.32 3.22
CA GLN C 200 -9.14 -10.43 2.76
C GLN C 200 -8.87 -8.95 3.01
N SER C 201 -7.88 -8.62 3.85
CA SER C 201 -7.58 -7.20 4.17
C SER C 201 -7.18 -6.35 2.96
N VAL C 202 -6.77 -7.00 1.88
CA VAL C 202 -6.54 -6.31 0.58
C VAL C 202 -7.77 -5.47 0.18
N ILE C 203 -8.96 -5.96 0.46
CA ILE C 203 -10.17 -5.21 0.10
C ILE C 203 -10.10 -3.81 0.77
N GLY C 204 -9.83 -3.82 2.08
CA GLY C 204 -9.80 -2.59 2.87
C GLY C 204 -8.64 -1.66 2.55
N ARG C 205 -7.47 -2.23 2.30
CA ARG C 205 -6.31 -1.42 1.95
C ARG C 205 -6.51 -0.67 0.62
N GLU C 206 -6.93 -1.39 -0.42
CA GLU C 206 -7.27 -0.74 -1.69
C GLU C 206 -8.34 0.34 -1.49
N ALA C 207 -9.42 0.02 -0.75
CA ALA C 207 -10.56 0.95 -0.58
C ALA C 207 -10.16 2.23 0.16
N LYS C 208 -9.25 2.10 1.15
CA LYS C 208 -8.70 3.27 1.84
C LYS C 208 -7.97 4.22 0.85
N ALA C 209 -6.96 3.70 0.14
CA ALA C 209 -6.24 4.48 -0.89
C ALA C 209 -7.23 5.13 -1.88
N GLN C 210 -8.15 4.32 -2.37
CA GLN C 210 -9.12 4.76 -3.38
C GLN C 210 -10.08 5.88 -2.89
N ILE C 211 -10.57 5.78 -1.66
CA ILE C 211 -11.44 6.86 -1.12
C ILE C 211 -10.65 8.15 -0.81
N LEU C 212 -9.43 7.98 -0.30
CA LEU C 212 -8.53 9.12 -0.14
C LEU C 212 -8.27 9.81 -1.50
N GLU C 213 -7.97 9.04 -2.54
CA GLU C 213 -7.83 9.60 -3.90
C GLU C 213 -9.11 10.29 -4.36
N ALA C 214 -10.27 9.61 -4.20
CA ALA C 214 -11.59 10.11 -4.65
C ALA C 214 -12.10 11.33 -3.88
N GLU C 215 -12.02 11.29 -2.56
CA GLU C 215 -12.65 12.31 -1.69
C GLU C 215 -11.68 13.14 -0.82
N GLY C 216 -10.41 12.73 -0.77
CA GLY C 216 -9.42 13.41 0.10
C GLY C 216 -9.65 13.22 1.59
N GLN C 217 -10.43 12.20 1.96
CA GLN C 217 -10.81 11.95 3.35
C GLN C 217 -11.31 10.52 3.51
N LEU C 218 -11.26 10.02 4.74
CA LEU C 218 -11.74 8.68 5.06
C LEU C 218 -13.29 8.69 5.13
N PRO C 219 -13.90 7.51 5.00
CA PRO C 219 -15.38 7.51 4.96
C PRO C 219 -15.97 7.65 6.37
N ASP C 220 -17.22 8.08 6.42
CA ASP C 220 -17.96 8.15 7.68
C ASP C 220 -18.47 6.79 8.17
N VAL C 221 -18.78 5.90 7.24
CA VAL C 221 -19.20 4.53 7.59
C VAL C 221 -18.85 3.55 6.48
N ILE C 222 -18.47 2.35 6.89
CA ILE C 222 -18.29 1.23 5.97
C ILE C 222 -19.37 0.21 6.31
N VAL C 223 -20.10 -0.22 5.28
CA VAL C 223 -21.24 -1.13 5.45
C VAL C 223 -20.91 -2.40 4.67
N ALA C 224 -20.92 -3.54 5.34
CA ALA C 224 -20.63 -4.82 4.68
C ALA C 224 -21.51 -5.90 5.25
N CYS C 225 -21.96 -6.82 4.41
CA CYS C 225 -22.75 -7.95 4.92
C CYS C 225 -21.85 -8.92 5.70
N VAL C 226 -22.46 -9.63 6.63
CA VAL C 226 -21.74 -10.56 7.52
C VAL C 226 -22.44 -11.91 7.49
N GLY C 227 -21.79 -12.88 6.87
CA GLY C 227 -22.16 -14.29 7.02
C GLY C 227 -21.33 -14.87 8.14
N GLY C 228 -20.19 -15.43 7.79
CA GLY C 228 -19.17 -15.77 8.75
C GLY C 228 -18.31 -14.56 9.08
N GLY C 229 -18.19 -13.63 8.13
CA GLY C 229 -17.59 -12.32 8.40
C GLY C 229 -16.33 -11.93 7.62
N SER C 230 -15.93 -12.75 6.63
CA SER C 230 -14.64 -12.53 5.94
C SER C 230 -14.61 -11.27 5.03
N ASN C 231 -15.63 -11.01 4.23
CA ASN C 231 -15.64 -9.75 3.43
C ASN C 231 -15.72 -8.51 4.35
N ALA C 232 -16.52 -8.60 5.41
CA ALA C 232 -16.65 -7.51 6.36
C ALA C 232 -15.32 -7.27 7.06
N MET C 233 -14.65 -8.32 7.52
CA MET C 233 -13.32 -8.15 8.14
C MET C 233 -12.32 -7.57 7.17
N GLY C 234 -12.32 -8.08 5.94
CA GLY C 234 -11.39 -7.59 4.91
C GLY C 234 -11.48 -6.10 4.67
N ILE C 235 -12.70 -5.57 4.54
CA ILE C 235 -12.89 -4.13 4.37
C ILE C 235 -12.81 -3.34 5.68
N PHE C 236 -13.25 -3.92 6.80
CA PHE C 236 -13.19 -3.23 8.11
C PHE C 236 -11.75 -3.03 8.56
N TYR C 237 -10.94 -4.08 8.41
CA TYR C 237 -9.73 -4.25 9.21
C TYR C 237 -8.78 -3.07 9.11
N PRO C 238 -8.44 -2.61 7.90
CA PRO C 238 -7.52 -1.47 7.83
C PRO C 238 -8.05 -0.13 8.37
N PHE C 239 -9.36 -0.03 8.62
CA PHE C 239 -9.95 1.18 9.26
C PHE C 239 -10.19 1.07 10.78
N VAL C 240 -9.88 -0.09 11.37
CA VAL C 240 -10.18 -0.33 12.78
C VAL C 240 -9.65 0.78 13.70
N ASN C 241 -8.43 1.26 13.41
CA ASN C 241 -7.76 2.31 14.20
C ASN C 241 -8.06 3.77 13.77
N ASP C 242 -8.85 3.95 12.71
CA ASP C 242 -9.28 5.29 12.29
C ASP C 242 -10.57 5.65 13.02
N LYS C 243 -10.44 6.47 14.07
CA LYS C 243 -11.53 6.70 15.03
C LYS C 243 -12.83 7.24 14.40
N LYS C 244 -12.70 8.07 13.36
CA LYS C 244 -13.86 8.69 12.71
C LYS C 244 -14.73 7.71 11.95
N VAL C 245 -14.15 6.57 11.55
CA VAL C 245 -14.82 5.61 10.64
C VAL C 245 -15.68 4.65 11.45
N LYS C 246 -16.99 4.72 11.25
CA LYS C 246 -17.91 3.73 11.83
C LYS C 246 -17.96 2.48 10.95
N LEU C 247 -18.22 1.34 11.59
CA LEU C 247 -18.23 0.04 10.93
C LEU C 247 -19.61 -0.60 11.20
N VAL C 248 -20.32 -0.93 10.14
CA VAL C 248 -21.64 -1.55 10.27
C VAL C 248 -21.65 -2.90 9.56
N GLY C 249 -21.91 -3.96 10.31
CA GLY C 249 -22.05 -5.28 9.74
C GLY C 249 -23.52 -5.58 9.60
N VAL C 250 -23.91 -6.06 8.43
CA VAL C 250 -25.32 -6.33 8.16
C VAL C 250 -25.55 -7.83 8.06
N GLU C 251 -26.38 -8.35 8.96
CA GLU C 251 -26.68 -9.76 9.00
C GLU C 251 -28.02 -10.01 8.33
N ALA C 252 -28.26 -11.26 7.94
CA ALA C 252 -29.52 -11.69 7.35
C ALA C 252 -30.65 -11.64 8.37
N GLY C 253 -31.60 -10.73 8.14
CA GLY C 253 -32.82 -10.63 8.92
C GLY C 253 -33.88 -11.63 8.49
N GLY C 254 -33.70 -12.22 7.30
CA GLY C 254 -34.56 -13.31 6.84
C GLY C 254 -36.02 -12.88 6.70
N LYS C 255 -36.92 -13.68 7.25
CA LYS C 255 -38.36 -13.35 7.28
C LYS C 255 -38.68 -12.40 8.44
N GLY C 256 -37.63 -11.93 9.15
CA GLY C 256 -37.76 -10.92 10.19
C GLY C 256 -37.02 -11.35 11.45
N LEU C 257 -36.43 -10.37 12.15
CA LEU C 257 -35.58 -10.67 13.31
C LEU C 257 -36.38 -11.24 14.50
N GLU C 258 -37.63 -10.78 14.65
CA GLU C 258 -38.55 -11.35 15.64
C GLU C 258 -39.31 -12.60 15.10
N SER C 259 -39.02 -13.00 13.86
CA SER C 259 -39.62 -14.19 13.25
C SER C 259 -38.94 -15.50 13.62
N GLY C 260 -37.67 -15.42 14.05
CA GLY C 260 -36.86 -16.60 14.31
C GLY C 260 -36.41 -17.33 13.05
N LYS C 261 -36.72 -16.78 11.87
CA LYS C 261 -36.35 -17.35 10.60
C LYS C 261 -35.38 -16.38 9.93
N HIS C 262 -34.10 -16.50 10.28
CA HIS C 262 -33.09 -15.49 9.95
C HIS C 262 -31.70 -16.08 10.25
N SER C 263 -30.63 -15.30 10.08
CA SER C 263 -29.26 -15.81 10.33
C SER C 263 -28.38 -14.75 11.02
N ALA C 264 -28.98 -14.07 11.98
CA ALA C 264 -28.40 -12.90 12.63
C ALA C 264 -27.78 -13.34 13.97
N SER C 265 -26.66 -14.05 13.88
CA SER C 265 -25.90 -14.55 15.04
C SER C 265 -25.53 -13.48 16.06
N LEU C 266 -24.84 -12.44 15.64
CA LEU C 266 -24.45 -11.37 16.56
C LEU C 266 -25.64 -10.65 17.21
N ASN C 267 -26.71 -10.45 16.45
CA ASN C 267 -27.86 -9.70 16.95
C ASN C 267 -28.79 -10.49 17.86
N ALA C 268 -28.97 -11.77 17.55
CA ALA C 268 -29.97 -12.60 18.22
C ALA C 268 -29.47 -14.00 18.59
N GLY C 269 -28.16 -14.21 18.52
CA GLY C 269 -27.56 -15.49 18.91
C GLY C 269 -27.01 -15.45 20.33
N GLN C 270 -26.44 -16.58 20.74
CA GLN C 270 -25.87 -16.73 22.07
C GLN C 270 -24.44 -17.22 21.94
N VAL C 271 -23.69 -17.11 23.02
CA VAL C 271 -22.32 -17.64 23.03
C VAL C 271 -22.41 -19.17 22.93
N GLY C 272 -21.45 -19.76 22.24
CA GLY C 272 -21.42 -21.18 22.03
C GLY C 272 -20.11 -21.65 21.47
N VAL C 273 -19.95 -22.95 21.39
CA VAL C 273 -18.76 -23.56 20.85
C VAL C 273 -19.16 -24.53 19.76
N PHE C 274 -18.76 -24.19 18.54
CA PHE C 274 -19.03 -25.02 17.38
C PHE C 274 -17.90 -24.78 16.41
N HIS C 275 -17.49 -25.84 15.73
CA HIS C 275 -16.53 -25.75 14.66
C HIS C 275 -15.15 -25.24 15.12
N GLY C 276 -14.80 -25.55 16.37
CA GLY C 276 -13.48 -25.21 16.92
C GLY C 276 -13.34 -23.82 17.51
N MET C 277 -14.43 -23.07 17.54
CA MET C 277 -14.36 -21.71 18.04
C MET C 277 -15.45 -21.42 19.05
N LEU C 278 -15.12 -20.50 19.97
CA LEU C 278 -16.11 -19.93 20.84
C LEU C 278 -16.46 -18.56 20.25
N SER C 279 -17.74 -18.40 19.88
CA SER C 279 -18.25 -17.18 19.26
C SER C 279 -19.79 -17.16 19.44
N TYR C 280 -20.49 -16.36 18.65
CA TYR C 280 -21.95 -16.34 18.71
C TYR C 280 -22.55 -17.29 17.69
N PHE C 281 -23.54 -18.05 18.15
CA PHE C 281 -24.25 -19.05 17.32
C PHE C 281 -25.73 -18.95 17.58
N LEU C 282 -26.52 -19.27 16.57
CA LEU C 282 -27.98 -19.40 16.72
C LEU C 282 -28.34 -20.81 17.15
N GLN C 283 -29.01 -20.93 18.30
CA GLN C 283 -29.25 -22.22 18.95
C GLN C 283 -30.70 -22.38 19.39
N ASP C 284 -31.09 -23.63 19.65
CA ASP C 284 -32.47 -23.96 20.07
C ASP C 284 -32.55 -24.29 21.58
N GLU C 285 -33.69 -24.83 22.02
CA GLU C 285 -33.90 -25.22 23.41
C GLU C 285 -32.87 -26.22 23.92
N GLU C 286 -32.54 -27.23 23.11
CA GLU C 286 -31.59 -28.28 23.50
C GLU C 286 -30.14 -27.95 23.12
N GLY C 287 -29.82 -26.64 23.06
CA GLY C 287 -28.48 -26.14 22.71
C GLY C 287 -27.92 -26.67 21.41
N GLN C 288 -28.81 -27.05 20.50
CA GLN C 288 -28.46 -27.54 19.19
C GLN C 288 -28.43 -26.34 18.25
N ILE C 289 -27.65 -26.45 17.18
CA ILE C 289 -27.62 -25.43 16.14
C ILE C 289 -29.01 -25.31 15.49
N LYS C 290 -29.56 -24.09 15.54
CA LYS C 290 -30.89 -23.76 15.06
C LYS C 290 -30.87 -23.68 13.52
N PRO C 291 -31.96 -24.13 12.84
CA PRO C 291 -32.05 -23.91 11.39
C PRO C 291 -32.04 -22.40 11.09
N THR C 292 -31.18 -21.98 10.15
CA THR C 292 -31.10 -20.57 9.75
C THR C 292 -31.69 -20.37 8.37
N HIS C 293 -32.08 -19.14 8.09
CA HIS C 293 -32.68 -18.80 6.83
C HIS C 293 -32.20 -17.44 6.33
N SER C 294 -31.98 -17.38 5.02
CA SER C 294 -31.78 -16.13 4.31
C SER C 294 -32.07 -16.33 2.82
N ILE C 295 -32.61 -15.31 2.19
CA ILE C 295 -32.69 -15.24 0.74
C ILE C 295 -31.29 -15.32 0.12
N ALA C 296 -30.29 -14.72 0.77
CA ALA C 296 -28.92 -14.77 0.31
C ALA C 296 -28.24 -16.04 0.86
N PRO C 297 -27.89 -16.99 -0.02
CA PRO C 297 -27.41 -18.28 0.47
C PRO C 297 -26.06 -18.21 1.22
N GLY C 298 -25.22 -17.24 0.88
CA GLY C 298 -23.97 -17.03 1.61
C GLY C 298 -24.13 -16.44 3.03
N LEU C 299 -25.34 -16.11 3.43
CA LEU C 299 -25.59 -15.61 4.77
C LEU C 299 -26.27 -16.65 5.68
N ASP C 300 -26.22 -17.93 5.30
CA ASP C 300 -26.87 -19.02 6.05
C ASP C 300 -26.12 -19.53 7.28
N TYR C 301 -24.81 -19.32 7.34
CA TYR C 301 -24.05 -19.87 8.47
C TYR C 301 -24.65 -19.45 9.82
N PRO C 302 -24.93 -20.44 10.73
CA PRO C 302 -25.56 -20.09 12.01
C PRO C 302 -24.65 -19.42 13.03
N GLY C 303 -23.36 -19.33 12.73
CA GLY C 303 -22.41 -18.66 13.60
C GLY C 303 -21.81 -17.42 12.99
N VAL C 304 -20.78 -16.90 13.63
CA VAL C 304 -20.04 -15.75 13.13
C VAL C 304 -18.60 -15.84 13.64
N GLY C 305 -17.69 -15.23 12.93
CA GLY C 305 -16.29 -15.25 13.31
C GLY C 305 -16.01 -14.57 14.63
N PRO C 306 -15.02 -15.09 15.40
CA PRO C 306 -14.76 -14.55 16.73
C PRO C 306 -14.32 -13.08 16.76
N GLU C 307 -13.67 -12.59 15.70
CA GLU C 307 -13.17 -11.21 15.70
C GLU C 307 -14.33 -10.23 15.63
N HIS C 308 -15.44 -10.63 14.98
CA HIS C 308 -16.68 -9.84 15.00
C HIS C 308 -17.35 -9.80 16.37
N ALA C 309 -17.38 -10.94 17.04
CA ALA C 309 -17.91 -11.01 18.41
C ALA C 309 -17.16 -10.00 19.31
N TYR C 310 -15.85 -9.97 19.15
CA TYR C 310 -15.01 -9.00 19.85
C TYR C 310 -15.35 -7.53 19.51
N LEU C 311 -15.40 -7.18 18.22
CA LEU C 311 -15.70 -5.80 17.81
C LEU C 311 -17.10 -5.37 18.26
N LYS C 312 -18.03 -6.32 18.25
CA LYS C 312 -19.35 -6.10 18.83
C LYS C 312 -19.26 -5.76 20.34
N LYS C 313 -18.49 -6.56 21.07
CA LYS C 313 -18.39 -6.40 22.53
C LYS C 313 -17.80 -5.07 22.94
N ILE C 314 -16.62 -4.72 22.37
CA ILE C 314 -15.97 -3.41 22.66
C ILE C 314 -16.66 -2.18 22.01
N GLN C 315 -17.75 -2.41 21.27
CA GLN C 315 -18.54 -1.33 20.63
C GLN C 315 -17.77 -0.63 19.48
N ARG C 316 -16.78 -1.31 18.89
CA ARG C 316 -16.05 -0.76 17.75
C ARG C 316 -16.90 -0.82 16.45
N ALA C 317 -17.66 -1.89 16.28
CA ALA C 317 -18.54 -2.01 15.10
C ALA C 317 -19.98 -2.23 15.56
N GLU C 318 -20.93 -1.69 14.81
CA GLU C 318 -22.36 -1.90 15.08
C GLU C 318 -22.81 -3.02 14.18
N TYR C 319 -23.79 -3.80 14.61
CA TYR C 319 -24.30 -4.87 13.80
C TYR C 319 -25.83 -4.82 13.69
N VAL C 320 -26.34 -4.81 12.46
CA VAL C 320 -27.79 -4.66 12.16
C VAL C 320 -28.30 -5.79 11.28
N THR C 321 -29.61 -5.82 11.05
CA THR C 321 -30.20 -6.80 10.14
C THR C 321 -31.09 -6.14 9.07
N VAL C 322 -31.17 -6.82 7.94
CA VAL C 322 -32.00 -6.43 6.81
C VAL C 322 -32.81 -7.67 6.41
N THR C 323 -34.09 -7.49 6.06
CA THR C 323 -34.95 -8.63 5.71
C THR C 323 -34.69 -9.10 4.28
N ASP C 324 -35.16 -10.31 3.98
CA ASP C 324 -35.21 -10.83 2.61
C ASP C 324 -35.90 -9.87 1.66
N GLU C 325 -37.08 -9.40 2.08
CA GLU C 325 -37.86 -8.42 1.31
C GLU C 325 -37.03 -7.16 0.99
N GLU C 326 -36.34 -6.62 1.98
CA GLU C 326 -35.50 -5.45 1.77
C GLU C 326 -34.31 -5.72 0.86
N ALA C 327 -33.66 -6.88 1.05
CA ALA C 327 -32.51 -7.22 0.21
C ALA C 327 -32.93 -7.35 -1.27
N LEU C 328 -34.09 -8.00 -1.49
CA LEU C 328 -34.61 -8.23 -2.82
C LEU C 328 -34.92 -6.90 -3.50
N LYS C 329 -35.51 -5.97 -2.73
CA LYS C 329 -35.78 -4.63 -3.24
C LYS C 329 -34.48 -3.89 -3.59
N ALA C 330 -33.45 -4.01 -2.77
CA ALA C 330 -32.15 -3.39 -3.10
C ALA C 330 -31.44 -4.08 -4.30
N PHE C 331 -31.69 -5.38 -4.51
CA PHE C 331 -31.14 -6.11 -5.68
C PHE C 331 -31.68 -5.45 -6.97
N HIS C 332 -33.01 -5.28 -7.02
CA HIS C 332 -33.69 -4.62 -8.15
C HIS C 332 -33.27 -3.18 -8.31
N GLU C 333 -33.08 -2.49 -7.18
CA GLU C 333 -32.76 -1.08 -7.18
C GLU C 333 -31.38 -0.82 -7.79
N LEU C 334 -30.37 -1.53 -7.32
CA LEU C 334 -28.99 -1.31 -7.83
C LEU C 334 -28.87 -1.72 -9.30
N SER C 335 -29.61 -2.75 -9.71
CA SER C 335 -29.65 -3.17 -11.12
C SER C 335 -30.22 -2.08 -12.05
N ARG C 336 -31.36 -1.50 -11.66
CA ARG C 336 -32.02 -0.43 -12.43
C ARG C 336 -31.22 0.87 -12.43
N THR C 337 -30.61 1.20 -11.29
CA THR C 337 -30.12 2.55 -11.03
C THR C 337 -28.65 2.74 -11.38
N GLU C 338 -27.86 1.70 -11.21
CA GLU C 338 -26.44 1.74 -11.54
C GLU C 338 -26.02 0.68 -12.58
N GLY C 339 -26.96 -0.17 -13.02
CA GLY C 339 -26.62 -1.24 -13.97
C GLY C 339 -25.62 -2.26 -13.43
N ILE C 340 -25.70 -2.53 -12.12
CA ILE C 340 -24.87 -3.54 -11.46
C ILE C 340 -25.81 -4.50 -10.77
N ILE C 341 -25.75 -5.75 -11.17
CA ILE C 341 -26.56 -6.79 -10.56
C ILE C 341 -25.72 -7.32 -9.39
N PRO C 342 -26.10 -6.98 -8.15
CA PRO C 342 -25.28 -7.41 -7.02
C PRO C 342 -25.63 -8.81 -6.55
N ALA C 343 -24.70 -9.46 -5.88
CA ALA C 343 -25.04 -10.66 -5.08
C ALA C 343 -26.10 -10.32 -4.02
N LEU C 344 -26.99 -11.27 -3.74
CA LEU C 344 -28.05 -11.07 -2.74
C LEU C 344 -27.44 -10.85 -1.34
N GLU C 345 -26.26 -11.43 -1.10
CA GLU C 345 -25.50 -11.15 0.11
C GLU C 345 -25.21 -9.67 0.16
N SER C 346 -24.56 -9.18 -0.90
CA SER C 346 -24.20 -7.76 -1.04
C SER C 346 -25.47 -6.85 -1.05
N ALA C 347 -26.57 -7.33 -1.60
CA ALA C 347 -27.87 -6.61 -1.56
C ALA C 347 -28.36 -6.25 -0.12
N HIS C 348 -28.01 -7.08 0.88
CA HIS C 348 -28.26 -6.73 2.31
C HIS C 348 -27.53 -5.47 2.72
N ALA C 349 -26.25 -5.40 2.36
CA ALA C 349 -25.43 -4.24 2.70
C ALA C 349 -25.95 -3.00 1.96
N VAL C 350 -26.27 -3.17 0.68
CA VAL C 350 -26.83 -2.10 -0.13
C VAL C 350 -28.12 -1.60 0.51
N ALA C 351 -28.99 -2.53 0.92
CA ALA C 351 -30.30 -2.15 1.46
C ALA C 351 -30.14 -1.32 2.73
N TYR C 352 -29.27 -1.77 3.63
CA TYR C 352 -28.99 -0.98 4.84
C TYR C 352 -28.34 0.37 4.51
N ALA C 353 -27.47 0.40 3.50
CA ALA C 353 -26.78 1.64 3.11
C ALA C 353 -27.74 2.69 2.54
N MET C 354 -28.75 2.24 1.79
CA MET C 354 -29.83 3.12 1.30
C MET C 354 -30.65 3.71 2.44
N LYS C 355 -30.98 2.88 3.44
CA LYS C 355 -31.61 3.36 4.70
C LYS C 355 -30.75 4.38 5.43
N LEU C 356 -29.48 4.05 5.58
CA LEU C 356 -28.53 4.89 6.32
C LEU C 356 -28.23 6.21 5.61
N ALA C 357 -28.04 6.14 4.28
CA ALA C 357 -27.74 7.33 3.49
C ALA C 357 -28.81 8.43 3.67
N LYS C 358 -30.09 8.01 3.69
CA LYS C 358 -31.23 8.90 3.88
C LYS C 358 -31.19 9.67 5.22
N GLU C 359 -30.87 8.96 6.31
CA GLU C 359 -30.77 9.58 7.64
C GLU C 359 -29.45 10.35 7.85
N MET C 360 -28.50 10.21 6.92
CA MET C 360 -27.21 10.92 6.95
C MET C 360 -27.27 12.15 6.05
N SER C 361 -26.28 13.03 6.19
CA SER C 361 -26.29 14.32 5.49
C SER C 361 -25.32 14.32 4.29
N ARG C 362 -25.46 15.36 3.45
CA ARG C 362 -24.85 15.39 2.13
C ARG C 362 -23.32 15.36 2.14
N ASP C 363 -22.71 15.86 3.21
CA ASP C 363 -21.24 15.87 3.37
C ASP C 363 -20.67 14.49 3.71
N GLU C 364 -21.52 13.55 4.09
CA GLU C 364 -21.06 12.25 4.57
C GLU C 364 -20.89 11.20 3.46
N ILE C 365 -20.02 10.23 3.74
CA ILE C 365 -19.58 9.25 2.78
C ILE C 365 -19.73 7.86 3.39
N ILE C 366 -20.38 6.98 2.64
CA ILE C 366 -20.52 5.58 2.99
C ILE C 366 -19.75 4.77 1.97
N ILE C 367 -19.00 3.75 2.43
CA ILE C 367 -18.50 2.74 1.49
C ILE C 367 -19.27 1.45 1.74
N VAL C 368 -19.83 0.88 0.66
CA VAL C 368 -20.49 -0.41 0.72
C VAL C 368 -19.58 -1.43 0.08
N ASN C 369 -19.27 -2.51 0.79
CA ASN C 369 -18.52 -3.60 0.20
C ASN C 369 -19.49 -4.38 -0.67
N LEU C 370 -19.31 -4.29 -1.98
CA LEU C 370 -20.12 -5.05 -2.90
C LEU C 370 -19.41 -6.39 -3.11
N SER C 371 -19.61 -7.29 -2.15
CA SER C 371 -18.81 -8.52 -2.02
C SER C 371 -18.85 -9.45 -3.24
N GLY C 372 -19.97 -9.47 -3.94
CA GLY C 372 -20.09 -10.24 -5.17
C GLY C 372 -21.10 -9.76 -6.19
N ARG C 373 -21.08 -10.43 -7.35
CA ARG C 373 -22.05 -10.15 -8.42
C ARG C 373 -23.24 -11.07 -8.31
N GLY C 374 -24.33 -10.67 -8.96
CA GLY C 374 -25.63 -11.32 -8.77
C GLY C 374 -26.04 -12.35 -9.77
N ASP C 375 -25.15 -12.70 -10.71
CA ASP C 375 -25.49 -13.64 -11.76
C ASP C 375 -25.92 -14.97 -11.20
N LYS C 376 -25.17 -15.45 -10.21
CA LYS C 376 -25.52 -16.68 -9.45
C LYS C 376 -26.92 -16.67 -8.79
N ASP C 377 -27.49 -15.47 -8.58
CA ASP C 377 -28.76 -15.32 -7.85
C ASP C 377 -29.99 -15.12 -8.74
N LEU C 378 -29.80 -15.08 -10.06
CA LEU C 378 -30.92 -14.75 -10.96
C LEU C 378 -32.08 -15.76 -10.87
N ASP C 379 -31.76 -17.06 -10.72
CA ASP C 379 -32.80 -18.10 -10.55
C ASP C 379 -33.64 -17.91 -9.27
N ILE C 380 -32.96 -17.58 -8.18
CA ILE C 380 -33.61 -17.32 -6.89
C ILE C 380 -34.59 -16.17 -7.03
N VAL C 381 -34.12 -15.05 -7.56
CA VAL C 381 -34.91 -13.84 -7.66
C VAL C 381 -36.15 -14.09 -8.53
N LEU C 382 -35.91 -14.72 -9.67
CA LEU C 382 -36.96 -15.17 -10.58
C LEU C 382 -38.03 -16.02 -9.86
N LYS C 383 -37.58 -16.94 -9.02
CA LYS C 383 -38.45 -17.84 -8.29
C LYS C 383 -39.28 -17.11 -7.24
N VAL C 384 -38.61 -16.35 -6.37
CA VAL C 384 -39.28 -15.67 -5.24
C VAL C 384 -40.11 -14.44 -5.67
N SER C 385 -39.75 -13.81 -6.79
CA SER C 385 -40.54 -12.69 -7.31
C SER C 385 -41.88 -13.15 -7.93
N GLY C 386 -42.01 -14.45 -8.23
CA GLY C 386 -43.23 -15.02 -8.82
C GLY C 386 -43.30 -14.90 -10.33
N ASN C 387 -42.18 -14.48 -10.94
CA ASN C 387 -42.07 -14.24 -12.38
C ASN C 387 -42.53 -15.46 -13.17
N VAL C 388 -43.29 -15.23 -14.24
CA VAL C 388 -43.81 -16.30 -15.12
C VAL C 388 -43.22 -16.23 -16.54
N LEU C 389 -43.13 -15.02 -17.09
CA LEU C 389 -42.70 -14.84 -18.48
C LEU C 389 -41.24 -15.25 -18.75
N GLU C 390 -40.36 -15.07 -17.75
CA GLU C 390 -38.94 -15.42 -17.90
C GLU C 390 -38.52 -16.69 -17.12
N HIS C 391 -39.41 -17.22 -16.28
CA HIS C 391 -39.08 -18.38 -15.43
C HIS C 391 -38.85 -19.66 -16.25
N MET D 1 -14.45 5.61 -45.18
CA MET D 1 -15.51 4.60 -44.84
C MET D 1 -15.31 3.21 -45.44
N TRP D 2 -14.15 2.99 -46.07
CA TRP D 2 -13.86 1.75 -46.73
C TRP D 2 -12.57 1.16 -46.13
N PHE D 3 -12.47 -0.16 -46.17
CA PHE D 3 -11.25 -0.88 -45.79
C PHE D 3 -10.87 -1.69 -47.01
N GLY D 4 -9.96 -1.14 -47.80
CA GLY D 4 -9.83 -1.52 -49.21
C GLY D 4 -11.16 -1.26 -49.90
N GLU D 5 -11.79 -2.31 -50.39
CA GLU D 5 -13.06 -2.20 -51.12
C GLU D 5 -14.26 -2.34 -50.19
N PHE D 6 -14.03 -2.95 -49.02
CA PHE D 6 -15.09 -3.42 -48.13
C PHE D 6 -15.60 -2.29 -47.23
N GLY D 7 -16.80 -2.45 -46.69
CA GLY D 7 -17.41 -1.46 -45.83
C GLY D 7 -18.32 -0.55 -46.64
N GLY D 8 -18.14 0.76 -46.46
CA GLY D 8 -18.94 1.74 -47.19
C GLY D 8 -20.28 2.02 -46.52
N GLN D 9 -21.21 2.59 -47.30
CA GLN D 9 -22.48 3.03 -46.77
C GLN D 9 -23.57 2.94 -47.84
N TYR D 10 -24.33 1.85 -47.80
CA TYR D 10 -25.27 1.54 -48.88
C TYR D 10 -26.65 1.29 -48.27
N VAL D 11 -27.42 2.36 -48.11
CA VAL D 11 -28.69 2.31 -47.35
C VAL D 11 -29.80 3.11 -48.05
N PRO D 12 -31.07 2.93 -47.59
CA PRO D 12 -32.14 3.82 -48.04
C PRO D 12 -31.85 5.29 -47.69
N GLU D 13 -32.50 6.20 -48.41
CA GLU D 13 -32.25 7.64 -48.28
C GLU D 13 -32.60 8.16 -46.88
N THR D 14 -33.62 7.57 -46.27
CA THR D 14 -34.08 7.97 -44.94
C THR D 14 -33.08 7.67 -43.81
N LEU D 15 -32.11 6.80 -44.05
CA LEU D 15 -31.01 6.52 -43.10
C LEU D 15 -29.74 7.40 -43.27
N ILE D 16 -29.69 8.23 -44.31
CA ILE D 16 -28.48 9.02 -44.60
C ILE D 16 -28.31 10.14 -43.56
N GLU D 17 -29.41 10.79 -43.19
CA GLU D 17 -29.39 11.86 -42.20
C GLU D 17 -28.92 11.35 -40.78
N PRO D 18 -29.56 10.29 -40.24
CA PRO D 18 -29.07 9.79 -38.94
C PRO D 18 -27.60 9.35 -38.95
N LEU D 19 -27.19 8.63 -40.01
CA LEU D 19 -25.81 8.16 -40.14
C LEU D 19 -24.80 9.31 -40.33
N LYS D 20 -25.18 10.31 -41.11
CA LYS D 20 -24.34 11.51 -41.29
C LYS D 20 -24.23 12.30 -39.98
N GLU D 21 -25.36 12.50 -39.30
CA GLU D 21 -25.37 13.12 -37.97
C GLU D 21 -24.48 12.36 -36.96
N LEU D 22 -24.54 11.02 -36.99
CA LEU D 22 -23.71 10.20 -36.10
C LEU D 22 -22.23 10.33 -36.49
N GLU D 23 -21.98 10.32 -37.79
CA GLU D 23 -20.62 10.40 -38.32
C GLU D 23 -19.96 11.73 -37.98
N LYS D 24 -20.73 12.81 -38.14
CA LYS D 24 -20.32 14.15 -37.70
C LYS D 24 -20.09 14.19 -36.18
N ALA D 25 -21.06 13.73 -35.40
CA ALA D 25 -20.94 13.74 -33.95
C ALA D 25 -19.70 12.95 -33.48
N TYR D 26 -19.38 11.85 -34.16
CA TYR D 26 -18.23 11.04 -33.78
C TYR D 26 -16.91 11.75 -34.07
N LYS D 27 -16.83 12.42 -35.22
CA LYS D 27 -15.66 13.23 -35.57
C LYS D 27 -15.40 14.31 -34.49
N ARG D 28 -16.49 15.00 -34.08
CA ARG D 28 -16.37 16.05 -33.06
C ARG D 28 -15.86 15.53 -31.69
N PHE D 29 -16.34 14.36 -31.26
CA PHE D 29 -16.14 13.88 -29.87
C PHE D 29 -15.01 12.87 -29.66
N LYS D 30 -14.61 12.13 -30.69
CA LYS D 30 -13.65 11.03 -30.51
C LYS D 30 -12.32 11.47 -29.87
N ASP D 31 -11.88 12.68 -30.20
CA ASP D 31 -10.65 13.25 -29.62
C ASP D 31 -10.93 14.39 -28.63
N ASP D 32 -12.20 14.58 -28.27
CA ASP D 32 -12.59 15.58 -27.26
C ASP D 32 -12.09 15.13 -25.88
N GLU D 33 -11.49 16.08 -25.15
CA GLU D 33 -10.87 15.81 -23.85
C GLU D 33 -11.91 15.41 -22.81
N GLU D 34 -12.99 16.19 -22.71
CA GLU D 34 -14.07 15.88 -21.76
C GLU D 34 -14.75 14.55 -22.08
N PHE D 35 -14.98 14.25 -23.37
CA PHE D 35 -15.55 12.96 -23.77
C PHE D 35 -14.66 11.79 -23.33
N ASN D 36 -13.37 11.88 -23.66
CA ASN D 36 -12.39 10.84 -23.30
C ASN D 36 -12.27 10.66 -21.79
N ARG D 37 -12.21 11.78 -21.07
CA ARG D 37 -12.14 11.78 -19.61
C ARG D 37 -13.36 11.06 -19.01
N GLN D 38 -14.55 11.38 -19.48
CA GLN D 38 -15.77 10.68 -19.03
C GLN D 38 -15.73 9.18 -19.40
N LEU D 39 -15.37 8.88 -20.65
CA LEU D 39 -15.24 7.48 -21.11
C LEU D 39 -14.25 6.66 -20.26
N ASN D 40 -13.03 7.17 -20.10
CA ASN D 40 -12.02 6.48 -19.27
C ASN D 40 -12.49 6.34 -17.80
N TYR D 41 -13.18 7.34 -17.28
CA TYR D 41 -13.73 7.26 -15.92
C TYR D 41 -14.74 6.11 -15.78
N TYR D 42 -15.69 6.00 -16.71
CA TYR D 42 -16.69 4.92 -16.62
C TYR D 42 -16.03 3.55 -16.86
N LEU D 43 -15.10 3.46 -17.81
CA LEU D 43 -14.35 2.21 -18.05
C LEU D 43 -13.57 1.76 -16.80
N LYS D 44 -13.01 2.71 -16.07
CA LYS D 44 -12.18 2.35 -14.92
C LYS D 44 -13.04 1.96 -13.71
N THR D 45 -13.90 2.88 -13.28
CA THR D 45 -14.58 2.72 -12.01
C THR D 45 -15.84 1.85 -12.11
N TRP D 46 -16.44 1.74 -13.30
CA TRP D 46 -17.67 0.93 -13.43
C TRP D 46 -17.36 -0.40 -14.11
N ALA D 47 -16.66 -0.36 -15.24
CA ALA D 47 -16.34 -1.57 -16.00
C ALA D 47 -15.13 -2.36 -15.45
N GLY D 48 -14.21 -1.65 -14.80
CA GLY D 48 -13.07 -2.30 -14.13
C GLY D 48 -11.83 -2.45 -14.95
N ARG D 49 -11.64 -1.55 -15.92
CA ARG D 49 -10.45 -1.56 -16.76
C ARG D 49 -9.27 -0.94 -16.01
N PRO D 50 -8.03 -1.39 -16.27
CA PRO D 50 -7.70 -2.38 -17.31
C PRO D 50 -7.94 -3.82 -16.84
N THR D 51 -8.26 -4.70 -17.77
CA THR D 51 -8.27 -6.13 -17.47
C THR D 51 -6.84 -6.65 -17.53
N PRO D 52 -6.55 -7.73 -16.80
CA PRO D 52 -5.19 -8.28 -16.81
C PRO D 52 -4.89 -9.14 -18.02
N LEU D 53 -3.60 -9.31 -18.26
CA LEU D 53 -3.08 -10.30 -19.20
C LEU D 53 -2.53 -11.46 -18.38
N TYR D 54 -3.05 -12.66 -18.61
CA TYR D 54 -2.76 -13.79 -17.73
C TYR D 54 -1.95 -14.84 -18.47
N TYR D 55 -0.81 -15.25 -17.89
CA TYR D 55 -0.01 -16.33 -18.46
C TYR D 55 -0.61 -17.66 -18.05
N ALA D 56 -1.17 -18.40 -19.01
CA ALA D 56 -1.74 -19.72 -18.72
C ALA D 56 -0.63 -20.75 -18.65
N LYS D 57 0.05 -20.77 -17.50
CA LYS D 57 1.26 -21.58 -17.32
C LYS D 57 1.00 -23.09 -17.38
N ARG D 58 -0.08 -23.55 -16.77
CA ARG D 58 -0.38 -24.98 -16.76
C ARG D 58 -0.83 -25.49 -18.14
N LEU D 59 -1.69 -24.72 -18.80
CA LEU D 59 -2.11 -25.07 -20.18
C LEU D 59 -0.88 -25.13 -21.08
N THR D 60 -0.04 -24.10 -20.97
CA THR D 60 1.20 -23.98 -21.73
C THR D 60 2.09 -25.21 -21.57
N GLU D 61 2.34 -25.61 -20.33
CA GLU D 61 3.23 -26.75 -20.04
C GLU D 61 2.68 -28.10 -20.49
N LYS D 62 1.38 -28.29 -20.31
CA LYS D 62 0.68 -29.51 -20.74
C LYS D 62 0.78 -29.77 -22.28
N ILE D 63 0.73 -28.69 -23.06
CA ILE D 63 0.85 -28.78 -24.52
C ILE D 63 2.33 -28.88 -24.92
N GLY D 64 3.21 -28.18 -24.20
CA GLY D 64 4.67 -28.28 -24.39
C GLY D 64 5.27 -27.43 -25.51
N GLY D 65 4.46 -26.57 -26.13
CA GLY D 65 4.95 -25.64 -27.13
C GLY D 65 4.90 -24.20 -26.65
N ALA D 66 4.35 -23.32 -27.47
CA ALA D 66 4.38 -21.87 -27.21
C ALA D 66 3.69 -21.47 -25.90
N LYS D 67 4.10 -20.33 -25.36
CA LYS D 67 3.41 -19.71 -24.23
C LYS D 67 2.02 -19.20 -24.67
N ILE D 68 1.00 -19.56 -23.90
CA ILE D 68 -0.36 -19.07 -24.12
C ILE D 68 -0.67 -18.05 -23.02
N TYR D 69 -0.83 -16.79 -23.43
CA TYR D 69 -1.36 -15.76 -22.57
C TYR D 69 -2.82 -15.53 -22.92
N LEU D 70 -3.57 -15.07 -21.93
CA LEU D 70 -4.98 -14.80 -22.09
C LEU D 70 -5.24 -13.34 -21.70
N LYS D 71 -5.74 -12.55 -22.66
CA LYS D 71 -6.21 -11.21 -22.35
C LYS D 71 -7.59 -11.41 -21.75
N ARG D 72 -7.76 -10.97 -20.50
CA ARG D 72 -8.89 -11.40 -19.64
C ARG D 72 -10.08 -10.45 -19.73
N GLU D 73 -10.63 -10.32 -20.92
CA GLU D 73 -11.86 -9.55 -21.07
C GLU D 73 -13.05 -10.21 -20.34
N ASP D 74 -12.90 -11.48 -20.00
CA ASP D 74 -13.86 -12.16 -19.12
C ASP D 74 -14.04 -11.46 -17.75
N LEU D 75 -13.05 -10.64 -17.35
CA LEU D 75 -13.14 -9.87 -16.10
C LEU D 75 -13.77 -8.47 -16.17
N VAL D 76 -14.18 -8.00 -17.33
CA VAL D 76 -14.83 -6.70 -17.40
C VAL D 76 -16.24 -6.87 -16.82
N HIS D 77 -16.76 -5.78 -16.25
CA HIS D 77 -18.13 -5.74 -15.74
C HIS D 77 -19.07 -6.22 -16.82
N GLY D 78 -19.84 -7.25 -16.50
CA GLY D 78 -20.75 -7.88 -17.44
C GLY D 78 -20.20 -9.20 -17.94
N GLY D 79 -18.88 -9.35 -17.89
CA GLY D 79 -18.21 -10.60 -18.23
C GLY D 79 -17.97 -10.77 -19.72
N ALA D 80 -18.12 -9.70 -20.50
CA ALA D 80 -17.86 -9.73 -21.93
C ALA D 80 -17.35 -8.39 -22.41
N HIS D 81 -16.42 -8.45 -23.38
CA HIS D 81 -15.87 -7.26 -24.03
C HIS D 81 -16.93 -6.29 -24.57
N1 LLP D 82 -17.23 -13.37 -27.38
C2 LLP D 82 -18.10 -13.00 -26.40
C2' LLP D 82 -17.84 -13.36 -24.98
C3 LLP D 82 -19.32 -12.26 -26.76
O3 LLP D 82 -20.20 -11.88 -25.81
C4 LLP D 82 -19.55 -11.93 -28.19
C4' LLP D 82 -20.77 -11.17 -28.63
C5 LLP D 82 -18.54 -12.40 -29.16
C6 LLP D 82 -17.42 -13.10 -28.70
C5' LLP D 82 -18.70 -12.15 -30.65
OP4 LLP D 82 -18.74 -10.76 -30.99
P LLP D 82 -17.54 -10.12 -31.81
OP1 LLP D 82 -18.10 -8.82 -32.27
OP2 LLP D 82 -16.37 -9.94 -30.86
OP3 LLP D 82 -17.26 -11.13 -32.89
N LLP D 82 -18.13 -6.80 -24.88
CA LLP D 82 -19.21 -5.96 -25.41
CB LLP D 82 -20.53 -6.74 -25.42
CG LLP D 82 -20.59 -7.77 -26.54
CD LLP D 82 -22.01 -8.31 -26.61
CE LLP D 82 -22.22 -9.30 -27.75
NZ LLP D 82 -21.34 -10.42 -27.56
C LLP D 82 -19.43 -4.67 -24.64
O LLP D 82 -19.77 -3.64 -25.23
N THR D 83 -19.23 -4.72 -23.32
CA THR D 83 -19.34 -3.54 -22.44
C THR D 83 -18.54 -2.31 -22.87
N ASN D 84 -17.31 -2.52 -23.36
CA ASN D 84 -16.45 -1.38 -23.78
C ASN D 84 -17.13 -0.51 -24.84
N ASN D 85 -17.75 -1.18 -25.81
CA ASN D 85 -18.42 -0.52 -26.92
C ASN D 85 -19.79 0.03 -26.48
N ALA D 86 -20.50 -0.71 -25.65
CA ALA D 86 -21.80 -0.26 -25.16
C ALA D 86 -21.65 1.06 -24.40
N ILE D 87 -20.61 1.16 -23.57
CA ILE D 87 -20.34 2.38 -22.81
C ILE D 87 -20.01 3.53 -23.75
N GLY D 88 -19.12 3.29 -24.71
CA GLY D 88 -18.66 4.32 -25.67
C GLY D 88 -19.80 4.88 -26.49
N GLN D 89 -20.58 4.02 -27.12
CA GLN D 89 -21.76 4.47 -27.90
C GLN D 89 -22.85 5.14 -27.04
N ALA D 90 -23.13 4.60 -25.85
CA ALA D 90 -24.14 5.22 -24.96
C ALA D 90 -23.68 6.61 -24.50
N LEU D 91 -22.39 6.74 -24.20
CA LEU D 91 -21.78 8.03 -23.83
C LEU D 91 -21.84 9.06 -24.98
N LEU D 92 -21.43 8.60 -26.16
CA LEU D 92 -21.52 9.42 -27.36
C LEU D 92 -22.95 9.92 -27.55
N ALA D 93 -23.93 9.00 -27.40
CA ALA D 93 -25.37 9.37 -27.51
C ALA D 93 -25.76 10.47 -26.52
N LYS D 94 -25.30 10.35 -25.27
CA LYS D 94 -25.55 11.35 -24.24
C LYS D 94 -24.89 12.70 -24.59
N PHE D 95 -23.65 12.66 -25.09
CA PHE D 95 -22.98 13.88 -25.57
C PHE D 95 -23.67 14.56 -26.76
N MET D 96 -24.32 13.78 -27.63
CA MET D 96 -25.14 14.37 -28.71
C MET D 96 -26.57 14.75 -28.26
N GLY D 97 -26.85 14.61 -26.97
CA GLY D 97 -28.11 15.06 -26.37
C GLY D 97 -29.26 14.07 -26.49
N LYS D 98 -28.97 12.82 -26.87
CA LYS D 98 -29.99 11.79 -26.97
C LYS D 98 -30.33 11.30 -25.56
N THR D 99 -31.60 10.90 -25.38
CA THR D 99 -32.12 10.40 -24.11
C THR D 99 -32.54 8.92 -24.19
N ARG D 100 -32.46 8.34 -25.39
CA ARG D 100 -32.97 7.01 -25.63
C ARG D 100 -31.96 6.17 -26.40
N LEU D 101 -31.80 4.91 -25.98
CA LEU D 101 -31.07 3.90 -26.73
C LEU D 101 -32.03 2.87 -27.28
N ILE D 102 -31.83 2.49 -28.54
CA ILE D 102 -32.46 1.30 -29.07
C ILE D 102 -31.40 0.37 -29.62
N ALA D 103 -31.70 -0.91 -29.59
CA ALA D 103 -30.88 -1.92 -30.20
C ALA D 103 -31.79 -3.10 -30.46
N GLU D 104 -31.28 -4.05 -31.24
CA GLU D 104 -31.92 -5.33 -31.35
C GLU D 104 -30.94 -6.37 -30.85
N THR D 105 -31.46 -7.54 -30.51
CA THR D 105 -30.64 -8.62 -30.01
C THR D 105 -31.24 -9.98 -30.41
N GLY D 106 -30.38 -10.94 -30.71
CA GLY D 106 -30.80 -12.31 -31.05
C GLY D 106 -30.58 -13.21 -29.86
N ALA D 107 -29.30 -13.34 -29.49
CA ALA D 107 -28.90 -14.12 -28.31
C ALA D 107 -29.28 -13.44 -26.97
N GLY D 108 -29.37 -12.12 -26.97
CA GLY D 108 -29.60 -11.37 -25.74
C GLY D 108 -28.34 -10.69 -25.18
N GLN D 109 -27.17 -11.09 -25.65
CA GLN D 109 -25.90 -10.63 -25.04
C GLN D 109 -25.64 -9.15 -25.33
N HIS D 110 -25.90 -8.71 -26.56
CA HIS D 110 -25.80 -7.29 -26.89
C HIS D 110 -26.91 -6.50 -26.21
N GLY D 111 -28.11 -7.08 -26.15
CA GLY D 111 -29.24 -6.47 -25.45
C GLY D 111 -28.90 -6.16 -24.00
N VAL D 112 -28.32 -7.15 -23.32
CA VAL D 112 -27.90 -6.99 -21.93
C VAL D 112 -26.83 -5.90 -21.77
N ALA D 113 -25.80 -5.93 -22.61
CA ALA D 113 -24.73 -4.90 -22.56
C ALA D 113 -25.28 -3.48 -22.85
N THR D 114 -26.27 -3.39 -23.76
CA THR D 114 -26.95 -2.11 -24.06
C THR D 114 -27.78 -1.64 -22.86
N ALA D 115 -28.54 -2.58 -22.26
CA ALA D 115 -29.37 -2.26 -21.10
C ALA D 115 -28.49 -1.80 -19.94
N MET D 116 -27.37 -2.48 -19.78
CA MET D 116 -26.39 -2.17 -18.72
C MET D 116 -25.88 -0.76 -18.87
N ALA D 117 -25.39 -0.44 -20.07
CA ALA D 117 -24.87 0.89 -20.39
C ALA D 117 -25.93 1.99 -20.27
N GLY D 118 -27.17 1.70 -20.65
CA GLY D 118 -28.28 2.67 -20.51
C GLY D 118 -28.67 2.97 -19.07
N ALA D 119 -28.69 1.94 -18.23
CA ALA D 119 -28.91 2.10 -16.79
C ALA D 119 -27.79 2.98 -16.15
N LEU D 120 -26.55 2.67 -16.45
CA LEU D 120 -25.43 3.49 -15.98
C LEU D 120 -25.70 4.97 -16.28
N LEU D 121 -26.01 5.29 -17.53
CA LEU D 121 -26.09 6.67 -17.98
C LEU D 121 -27.51 7.29 -17.95
N GLY D 122 -28.48 6.62 -17.34
CA GLY D 122 -29.81 7.21 -17.10
C GLY D 122 -30.62 7.41 -18.38
N MET D 123 -30.40 6.54 -19.35
CA MET D 123 -31.04 6.62 -20.63
C MET D 123 -32.16 5.60 -20.69
N LYS D 124 -33.22 5.93 -21.41
CA LYS D 124 -34.31 4.99 -21.67
C LYS D 124 -33.80 3.95 -22.68
N VAL D 125 -34.07 2.66 -22.44
CA VAL D 125 -33.60 1.59 -23.32
C VAL D 125 -34.76 0.71 -23.82
N ASP D 126 -34.93 0.64 -25.14
CA ASP D 126 -35.89 -0.28 -25.76
C ASP D 126 -35.11 -1.30 -26.59
N ILE D 127 -35.38 -2.58 -26.38
CA ILE D 127 -34.68 -3.63 -27.10
C ILE D 127 -35.67 -4.44 -27.93
N TYR D 128 -35.43 -4.48 -29.24
CA TYR D 128 -36.25 -5.28 -30.15
C TYR D 128 -35.69 -6.67 -30.22
N MET D 129 -36.55 -7.67 -30.19
CA MET D 129 -36.11 -9.05 -30.16
C MET D 129 -37.19 -9.93 -30.76
N GLY D 130 -36.82 -10.70 -31.78
CA GLY D 130 -37.76 -11.65 -32.40
C GLY D 130 -38.45 -12.48 -31.33
N ALA D 131 -39.78 -12.59 -31.40
CA ALA D 131 -40.56 -13.39 -30.46
C ALA D 131 -40.00 -14.82 -30.33
N GLU D 132 -39.49 -15.38 -31.43
CA GLU D 132 -38.79 -16.68 -31.36
C GLU D 132 -37.58 -16.61 -30.42
N ASP D 133 -36.77 -15.55 -30.55
CA ASP D 133 -35.59 -15.37 -29.67
C ASP D 133 -35.94 -15.11 -28.18
N VAL D 134 -37.06 -14.41 -27.93
CA VAL D 134 -37.50 -14.15 -26.54
C VAL D 134 -37.73 -15.46 -25.77
N GLU D 135 -38.50 -16.36 -26.38
CA GLU D 135 -38.75 -17.71 -25.82
C GLU D 135 -37.44 -18.46 -25.55
N ARG D 136 -36.48 -18.35 -26.47
CA ARG D 136 -35.19 -19.07 -26.38
C ARG D 136 -34.19 -18.48 -25.36
N GLN D 137 -34.36 -17.21 -24.99
CA GLN D 137 -33.34 -16.49 -24.22
C GLN D 137 -33.95 -15.85 -22.97
N LYS D 138 -34.64 -16.67 -22.20
CA LYS D 138 -35.42 -16.19 -21.08
C LYS D 138 -34.55 -15.46 -20.06
N MET D 139 -33.36 -16.01 -19.79
CA MET D 139 -32.46 -15.45 -18.79
C MET D 139 -31.91 -14.09 -19.18
N ASN D 140 -31.59 -13.90 -20.46
CA ASN D 140 -31.12 -12.58 -20.94
C ASN D 140 -32.26 -11.56 -21.00
N VAL D 141 -33.46 -12.01 -21.39
CA VAL D 141 -34.63 -11.14 -21.32
C VAL D 141 -34.79 -10.65 -19.87
N PHE D 142 -34.70 -11.56 -18.89
CA PHE D 142 -34.80 -11.16 -17.47
C PHE D 142 -33.72 -10.18 -17.06
N ARG D 143 -32.48 -10.44 -17.45
CA ARG D 143 -31.38 -9.48 -17.17
C ARG D 143 -31.70 -8.09 -17.72
N MET D 144 -32.15 -8.03 -18.97
CA MET D 144 -32.48 -6.75 -19.60
C MET D 144 -33.56 -6.01 -18.82
N LYS D 145 -34.68 -6.70 -18.56
CA LYS D 145 -35.79 -6.12 -17.79
C LYS D 145 -35.31 -5.66 -16.41
N LEU D 146 -34.53 -6.51 -15.75
CA LEU D 146 -33.89 -6.18 -14.46
C LEU D 146 -33.03 -4.90 -14.54
N LEU D 147 -32.35 -4.73 -15.67
CA LEU D 147 -31.51 -3.56 -15.87
C LEU D 147 -32.32 -2.33 -16.31
N GLY D 148 -33.65 -2.49 -16.48
CA GLY D 148 -34.55 -1.39 -16.79
C GLY D 148 -35.04 -1.30 -18.23
N ALA D 149 -34.52 -2.15 -19.12
CA ALA D 149 -34.86 -2.06 -20.53
C ALA D 149 -36.30 -2.58 -20.75
N ASN D 150 -36.96 -2.02 -21.76
CA ASN D 150 -38.22 -2.54 -22.26
C ASN D 150 -37.89 -3.48 -23.42
N VAL D 151 -38.14 -4.76 -23.21
CA VAL D 151 -37.96 -5.76 -24.25
C VAL D 151 -39.26 -5.85 -25.08
N ILE D 152 -39.15 -5.49 -26.36
CA ILE D 152 -40.27 -5.47 -27.29
C ILE D 152 -40.20 -6.72 -28.17
N PRO D 153 -41.06 -7.72 -27.91
CA PRO D 153 -41.09 -8.88 -28.82
C PRO D 153 -41.57 -8.47 -30.19
N VAL D 154 -40.97 -9.01 -31.22
CA VAL D 154 -41.33 -8.70 -32.60
C VAL D 154 -42.07 -9.92 -33.16
N ASN D 155 -43.39 -9.78 -33.32
CA ASN D 155 -44.25 -10.85 -33.85
C ASN D 155 -44.45 -10.77 -35.37
N SER D 156 -43.71 -9.89 -36.05
CA SER D 156 -43.74 -9.79 -37.53
C SER D 156 -42.90 -10.87 -38.22
N GLY D 157 -43.46 -11.43 -39.30
CA GLY D 157 -42.73 -12.30 -40.22
C GLY D 157 -42.34 -13.66 -39.66
N SER D 158 -41.05 -13.97 -39.75
CA SER D 158 -40.48 -15.17 -39.14
C SER D 158 -40.30 -15.01 -37.63
N ARG D 159 -40.36 -13.77 -37.14
CA ARG D 159 -40.24 -13.46 -35.69
C ARG D 159 -38.83 -13.81 -35.21
N THR D 160 -37.84 -13.43 -36.00
CA THR D 160 -36.44 -13.72 -35.72
C THR D 160 -35.67 -12.40 -35.75
N LEU D 161 -34.34 -12.49 -35.69
CA LEU D 161 -33.47 -11.30 -35.64
C LEU D 161 -33.62 -10.34 -36.83
N LYS D 162 -33.75 -10.89 -38.05
CA LYS D 162 -33.94 -10.05 -39.26
C LYS D 162 -35.16 -9.12 -39.14
N ASP D 163 -36.22 -9.64 -38.55
CA ASP D 163 -37.43 -8.86 -38.32
C ASP D 163 -37.23 -7.78 -37.25
N ALA D 164 -36.46 -8.10 -36.20
CA ALA D 164 -36.12 -7.15 -35.15
C ALA D 164 -35.28 -5.99 -35.66
N ILE D 165 -34.36 -6.26 -36.60
CA ILE D 165 -33.55 -5.20 -37.22
C ILE D 165 -34.44 -4.17 -37.95
N ASN D 166 -35.43 -4.67 -38.72
CA ASN D 166 -36.37 -3.80 -39.46
C ASN D 166 -37.23 -2.91 -38.55
N GLU D 167 -37.77 -3.48 -37.47
CA GLU D 167 -38.48 -2.69 -36.44
C GLU D 167 -37.58 -1.61 -35.85
N ALA D 168 -36.35 -2.00 -35.50
CA ALA D 168 -35.38 -1.07 -34.92
C ALA D 168 -35.05 0.09 -35.87
N LEU D 169 -34.82 -0.24 -37.13
CA LEU D 169 -34.53 0.78 -38.16
C LEU D 169 -35.70 1.72 -38.41
N ARG D 170 -36.90 1.16 -38.55
CA ARG D 170 -38.13 1.95 -38.67
C ARG D 170 -38.29 2.91 -37.47
N ASP D 171 -37.91 2.43 -36.27
CA ASP D 171 -37.86 3.24 -35.05
C ASP D 171 -36.82 4.37 -35.17
N TRP D 172 -35.56 4.01 -35.48
CA TRP D 172 -34.48 5.01 -35.55
C TRP D 172 -34.71 6.12 -36.60
N VAL D 173 -35.25 5.74 -37.77
CA VAL D 173 -35.61 6.73 -38.81
C VAL D 173 -36.63 7.74 -38.27
N ALA D 174 -37.55 7.26 -37.42
CA ALA D 174 -38.59 8.08 -36.81
C ALA D 174 -38.13 8.88 -35.58
N THR D 175 -37.14 8.36 -34.84
CA THR D 175 -36.80 8.90 -33.51
C THR D 175 -35.34 9.36 -33.34
N PHE D 176 -34.53 9.35 -34.40
CA PHE D 176 -33.07 9.61 -34.24
C PHE D 176 -32.71 10.96 -33.60
N GLU D 177 -33.61 11.96 -33.70
CA GLU D 177 -33.41 13.26 -33.01
C GLU D 177 -33.04 13.12 -31.52
N TYR D 178 -33.70 12.18 -30.83
CA TYR D 178 -33.46 11.92 -29.40
C TYR D 178 -33.06 10.48 -29.09
N THR D 179 -32.84 9.65 -30.12
CA THR D 179 -32.54 8.24 -29.94
C THR D 179 -31.28 7.87 -30.71
N HIS D 180 -30.42 7.07 -30.08
CA HIS D 180 -29.28 6.46 -30.73
C HIS D 180 -29.50 4.95 -30.92
N TYR D 181 -29.11 4.45 -32.08
CA TYR D 181 -29.22 3.05 -32.41
C TYR D 181 -27.89 2.43 -32.11
N LEU D 182 -27.84 1.64 -31.03
CA LEU D 182 -26.59 1.12 -30.51
C LEU D 182 -26.24 -0.23 -31.16
N ILE D 183 -25.16 -0.23 -31.95
CA ILE D 183 -24.75 -1.40 -32.75
C ILE D 183 -23.61 -2.15 -32.03
N GLY D 184 -23.74 -3.46 -31.94
CA GLY D 184 -22.90 -4.26 -31.03
C GLY D 184 -21.61 -4.84 -31.59
N SER D 185 -21.44 -4.80 -32.90
CA SER D 185 -20.20 -5.32 -33.50
C SER D 185 -19.71 -4.39 -34.63
N VAL D 186 -18.58 -4.76 -35.25
CA VAL D 186 -17.89 -3.92 -36.23
C VAL D 186 -18.53 -4.06 -37.62
N VAL D 187 -19.84 -3.86 -37.67
CA VAL D 187 -20.67 -4.20 -38.83
C VAL D 187 -21.68 -3.08 -39.08
N GLY D 188 -22.38 -3.17 -40.21
CA GLY D 188 -23.33 -2.14 -40.62
C GLY D 188 -22.67 -1.06 -41.45
N PRO D 189 -23.47 -0.06 -41.85
CA PRO D 189 -22.94 1.02 -42.66
C PRO D 189 -22.04 1.92 -41.84
N HIS D 190 -21.08 2.55 -42.51
CA HIS D 190 -20.27 3.61 -41.93
C HIS D 190 -21.20 4.63 -41.24
N PRO D 191 -20.89 5.04 -40.00
CA PRO D 191 -19.55 4.89 -39.38
C PRO D 191 -19.38 3.76 -38.32
N TYR D 192 -20.33 2.82 -38.22
CA TYR D 192 -20.35 1.86 -37.11
C TYR D 192 -19.12 0.92 -37.04
N PRO D 193 -18.65 0.37 -38.18
CA PRO D 193 -17.43 -0.49 -38.13
C PRO D 193 -16.18 0.23 -37.58
N THR D 194 -16.03 1.50 -37.93
CA THR D 194 -14.94 2.33 -37.40
C THR D 194 -15.14 2.67 -35.91
N ILE D 195 -16.38 3.06 -35.54
CA ILE D 195 -16.72 3.44 -34.17
C ILE D 195 -16.53 2.27 -33.18
N VAL D 196 -17.08 1.12 -33.54
CA VAL D 196 -17.03 -0.05 -32.65
C VAL D 196 -15.61 -0.58 -32.50
N ARG D 197 -14.85 -0.61 -33.59
CA ARG D 197 -13.41 -0.99 -33.52
C ARG D 197 -12.63 -0.03 -32.64
N ASP D 198 -12.90 1.27 -32.81
CA ASP D 198 -12.26 2.30 -31.99
C ASP D 198 -12.56 2.12 -30.49
N PHE D 199 -13.82 1.85 -30.12
CA PHE D 199 -14.15 1.64 -28.72
C PHE D 199 -13.69 0.27 -28.17
N GLN D 200 -13.28 -0.66 -29.03
CA GLN D 200 -12.68 -1.94 -28.59
C GLN D 200 -11.14 -1.99 -28.64
N SER D 201 -10.51 -0.95 -29.18
CA SER D 201 -9.04 -0.97 -29.37
C SER D 201 -8.26 -0.81 -28.07
N VAL D 202 -8.94 -0.31 -27.02
CA VAL D 202 -8.41 -0.32 -25.65
C VAL D 202 -7.91 -1.71 -25.22
N ILE D 203 -8.58 -2.77 -25.70
CA ILE D 203 -8.17 -4.16 -25.46
C ILE D 203 -6.74 -4.36 -25.96
N GLY D 204 -6.48 -4.02 -27.21
CA GLY D 204 -5.16 -4.24 -27.82
C GLY D 204 -4.08 -3.33 -27.30
N ARG D 205 -4.44 -2.07 -27.02
CA ARG D 205 -3.50 -1.11 -26.44
C ARG D 205 -3.02 -1.55 -25.07
N GLU D 206 -3.96 -1.98 -24.22
CA GLU D 206 -3.59 -2.59 -22.93
C GLU D 206 -2.73 -3.83 -23.12
N ALA D 207 -3.12 -4.69 -24.05
CA ALA D 207 -2.46 -5.99 -24.22
C ALA D 207 -1.04 -5.82 -24.73
N LYS D 208 -0.84 -4.79 -25.57
CA LYS D 208 0.48 -4.42 -26.08
C LYS D 208 1.40 -4.00 -24.93
N ALA D 209 0.93 -3.06 -24.11
CA ALA D 209 1.71 -2.59 -22.95
C ALA D 209 1.97 -3.73 -21.94
N GLN D 210 0.96 -4.59 -21.72
CA GLN D 210 1.09 -5.69 -20.75
C GLN D 210 2.06 -6.81 -21.21
N ILE D 211 2.06 -7.14 -22.48
CA ILE D 211 2.98 -8.18 -22.99
C ILE D 211 4.44 -7.66 -23.10
N LEU D 212 4.61 -6.36 -23.28
CA LEU D 212 5.97 -5.75 -23.23
C LEU D 212 6.52 -5.73 -21.80
N GLU D 213 5.64 -5.44 -20.84
CA GLU D 213 5.92 -5.50 -19.40
C GLU D 213 6.19 -6.96 -18.93
N ALA D 214 5.40 -7.91 -19.43
CA ALA D 214 5.50 -9.33 -19.03
C ALA D 214 6.68 -10.04 -19.68
N GLU D 215 6.89 -9.79 -20.97
CA GLU D 215 7.79 -10.58 -21.81
C GLU D 215 8.94 -9.80 -22.48
N GLY D 216 8.90 -8.46 -22.40
CA GLY D 216 9.93 -7.62 -23.04
C GLY D 216 9.88 -7.53 -24.56
N GLN D 217 8.76 -7.95 -25.16
CA GLN D 217 8.64 -8.04 -26.61
C GLN D 217 7.19 -8.21 -27.03
N LEU D 218 6.93 -8.03 -28.31
CA LEU D 218 5.61 -8.26 -28.90
C LEU D 218 5.38 -9.77 -29.10
N PRO D 219 4.08 -10.21 -29.15
CA PRO D 219 3.81 -11.63 -29.31
C PRO D 219 4.13 -12.12 -30.72
N ASP D 220 4.18 -13.43 -30.91
CA ASP D 220 4.30 -14.01 -32.24
C ASP D 220 2.93 -14.08 -32.94
N VAL D 221 1.91 -14.47 -32.19
CA VAL D 221 0.54 -14.64 -32.72
C VAL D 221 -0.51 -14.09 -31.75
N ILE D 222 -1.56 -13.49 -32.31
CA ILE D 222 -2.76 -13.12 -31.56
C ILE D 222 -3.93 -13.91 -32.16
N VAL D 223 -4.70 -14.58 -31.29
CA VAL D 223 -5.81 -15.43 -31.68
C VAL D 223 -7.08 -14.90 -31.02
N ALA D 224 -8.12 -14.71 -31.82
CA ALA D 224 -9.38 -14.19 -31.34
C ALA D 224 -10.51 -14.81 -32.13
N CYS D 225 -11.61 -15.10 -31.48
CA CYS D 225 -12.79 -15.58 -32.19
C CYS D 225 -13.41 -14.40 -32.95
N VAL D 226 -14.12 -14.74 -34.02
CA VAL D 226 -14.68 -13.75 -34.92
C VAL D 226 -16.14 -14.10 -35.17
N GLY D 227 -17.04 -13.30 -34.63
CA GLY D 227 -18.49 -13.38 -34.99
C GLY D 227 -18.74 -12.29 -36.00
N GLY D 228 -19.17 -11.13 -35.53
CA GLY D 228 -19.13 -9.92 -36.30
C GLY D 228 -17.72 -9.34 -36.37
N GLY D 229 -16.93 -9.56 -35.33
CA GLY D 229 -15.50 -9.23 -35.36
C GLY D 229 -14.97 -8.18 -34.40
N SER D 230 -15.79 -7.71 -33.46
CA SER D 230 -15.38 -6.57 -32.60
C SER D 230 -14.25 -6.88 -31.61
N ASN D 231 -14.32 -8.00 -30.88
CA ASN D 231 -13.23 -8.35 -29.94
C ASN D 231 -11.90 -8.62 -30.66
N ALA D 232 -11.97 -9.25 -31.83
CA ALA D 232 -10.78 -9.52 -32.63
C ALA D 232 -10.18 -8.22 -33.16
N MET D 233 -11.01 -7.31 -33.68
CA MET D 233 -10.51 -6.01 -34.14
C MET D 233 -9.97 -5.20 -32.99
N GLY D 234 -10.65 -5.29 -31.85
CA GLY D 234 -10.21 -4.64 -30.64
C GLY D 234 -8.75 -4.96 -30.30
N ILE D 235 -8.43 -6.24 -30.28
CA ILE D 235 -7.09 -6.70 -29.92
C ILE D 235 -6.12 -6.66 -31.10
N PHE D 236 -6.61 -6.86 -32.33
CA PHE D 236 -5.77 -6.76 -33.55
C PHE D 236 -5.23 -5.36 -33.83
N TYR D 237 -6.13 -4.36 -33.76
CA TYR D 237 -5.91 -3.05 -34.42
C TYR D 237 -4.62 -2.35 -34.02
N PRO D 238 -4.31 -2.33 -32.70
CA PRO D 238 -3.02 -1.73 -32.30
C PRO D 238 -1.74 -2.50 -32.76
N PHE D 239 -1.84 -3.79 -33.12
CA PHE D 239 -0.70 -4.58 -33.64
C PHE D 239 -0.65 -4.65 -35.19
N VAL D 240 -1.56 -3.95 -35.86
CA VAL D 240 -1.69 -4.09 -37.29
C VAL D 240 -0.44 -3.58 -38.04
N ASN D 241 0.20 -2.52 -37.52
CA ASN D 241 1.44 -1.99 -38.08
C ASN D 241 2.73 -2.61 -37.50
N ASP D 242 2.58 -3.66 -36.67
CA ASP D 242 3.72 -4.45 -36.16
C ASP D 242 3.93 -5.70 -37.02
N LYS D 243 4.89 -5.63 -37.94
CA LYS D 243 5.08 -6.68 -38.97
C LYS D 243 5.40 -8.07 -38.39
N LYS D 244 6.04 -8.11 -37.22
CA LYS D 244 6.37 -9.38 -36.53
C LYS D 244 5.15 -10.24 -36.12
N VAL D 245 4.02 -9.58 -35.85
CA VAL D 245 2.87 -10.19 -35.14
C VAL D 245 1.86 -10.81 -36.12
N LYS D 246 1.74 -12.14 -36.12
CA LYS D 246 0.68 -12.84 -36.88
C LYS D 246 -0.67 -12.61 -36.22
N LEU D 247 -1.70 -12.47 -37.03
CA LEU D 247 -3.06 -12.26 -36.55
C LEU D 247 -3.93 -13.38 -37.07
N VAL D 248 -4.63 -14.07 -36.17
CA VAL D 248 -5.48 -15.20 -36.51
C VAL D 248 -6.88 -15.03 -35.92
N GLY D 249 -7.88 -14.90 -36.79
CA GLY D 249 -9.28 -14.90 -36.40
C GLY D 249 -9.88 -16.31 -36.49
N VAL D 250 -10.71 -16.69 -35.51
CA VAL D 250 -11.32 -18.01 -35.48
C VAL D 250 -12.82 -17.89 -35.61
N GLU D 251 -13.39 -18.47 -36.66
CA GLU D 251 -14.82 -18.45 -36.89
C GLU D 251 -15.45 -19.73 -36.40
N ALA D 252 -16.77 -19.72 -36.29
CA ALA D 252 -17.52 -20.90 -35.88
C ALA D 252 -17.59 -21.90 -37.04
N GLY D 253 -17.00 -23.07 -36.82
CA GLY D 253 -17.07 -24.19 -37.75
C GLY D 253 -18.30 -25.07 -37.55
N GLY D 254 -19.03 -24.87 -36.45
CA GLY D 254 -20.28 -25.59 -36.18
C GLY D 254 -20.07 -27.10 -36.19
N LYS D 255 -20.89 -27.82 -36.95
CA LYS D 255 -20.77 -29.28 -37.10
C LYS D 255 -19.74 -29.68 -38.17
N GLY D 256 -19.07 -28.69 -38.76
CA GLY D 256 -18.11 -28.92 -39.82
C GLY D 256 -18.51 -28.14 -41.05
N LEU D 257 -17.51 -27.68 -41.79
CA LEU D 257 -17.73 -26.92 -43.01
C LEU D 257 -18.56 -27.72 -44.02
N GLU D 258 -18.31 -29.04 -44.10
CA GLU D 258 -19.04 -29.95 -45.00
C GLU D 258 -20.52 -30.13 -44.63
N SER D 259 -20.86 -29.96 -43.35
CA SER D 259 -22.25 -30.12 -42.88
C SER D 259 -23.22 -29.03 -43.33
N GLY D 260 -22.69 -27.88 -43.75
CA GLY D 260 -23.50 -26.68 -43.93
C GLY D 260 -24.07 -26.07 -42.64
N LYS D 261 -23.69 -26.58 -41.47
CA LYS D 261 -24.15 -26.03 -40.19
C LYS D 261 -22.97 -25.36 -39.49
N HIS D 262 -22.72 -24.10 -39.85
CA HIS D 262 -21.60 -23.32 -39.30
C HIS D 262 -21.91 -21.83 -39.46
N SER D 263 -20.96 -20.98 -39.06
CA SER D 263 -21.12 -19.54 -39.25
C SER D 263 -19.82 -18.86 -39.74
N ALA D 264 -19.06 -19.59 -40.56
CA ALA D 264 -17.81 -19.11 -41.13
C ALA D 264 -17.99 -18.26 -42.40
N SER D 265 -18.23 -16.96 -42.22
CA SER D 265 -18.42 -16.02 -43.33
C SER D 265 -17.16 -15.82 -44.19
N LEU D 266 -16.02 -15.62 -43.53
CA LEU D 266 -14.75 -15.40 -44.22
C LEU D 266 -14.23 -16.66 -44.94
N ASN D 267 -14.38 -17.83 -44.32
CA ASN D 267 -13.92 -19.10 -44.94
C ASN D 267 -14.83 -19.61 -46.06
N ALA D 268 -16.15 -19.55 -45.85
CA ALA D 268 -17.15 -20.18 -46.76
C ALA D 268 -18.14 -19.19 -47.42
N GLY D 269 -18.14 -17.92 -47.02
CA GLY D 269 -19.15 -16.96 -47.48
C GLY D 269 -18.73 -16.32 -48.78
N GLN D 270 -19.60 -15.47 -49.32
CA GLN D 270 -19.35 -14.76 -50.57
C GLN D 270 -19.45 -13.25 -50.33
N VAL D 271 -18.71 -12.48 -51.12
CA VAL D 271 -18.72 -11.03 -51.01
C VAL D 271 -20.10 -10.53 -51.50
N GLY D 272 -20.70 -9.61 -50.75
CA GLY D 272 -21.99 -9.02 -51.12
C GLY D 272 -22.32 -7.71 -50.41
N VAL D 273 -23.39 -7.04 -50.85
CA VAL D 273 -23.89 -5.80 -50.20
C VAL D 273 -25.14 -6.14 -49.39
N PHE D 274 -24.98 -6.28 -48.08
CA PHE D 274 -26.12 -6.41 -47.14
C PHE D 274 -25.88 -5.54 -45.93
N HIS D 275 -26.97 -5.18 -45.25
CA HIS D 275 -26.92 -4.46 -44.00
C HIS D 275 -26.10 -3.17 -44.10
N GLY D 276 -26.17 -2.50 -45.25
CA GLY D 276 -25.48 -1.24 -45.44
C GLY D 276 -24.00 -1.31 -45.72
N MET D 277 -23.44 -2.51 -45.93
CA MET D 277 -21.98 -2.69 -46.14
C MET D 277 -21.63 -3.74 -47.20
N LEU D 278 -20.44 -3.58 -47.79
CA LEU D 278 -19.82 -4.62 -48.61
C LEU D 278 -18.89 -5.44 -47.71
N SER D 279 -19.19 -6.73 -47.57
CA SER D 279 -18.33 -7.64 -46.84
C SER D 279 -18.65 -9.07 -47.23
N TYR D 280 -18.11 -10.04 -46.49
CA TYR D 280 -18.42 -11.45 -46.68
C TYR D 280 -19.69 -11.83 -45.94
N PHE D 281 -20.57 -12.53 -46.65
CA PHE D 281 -21.82 -13.04 -46.07
C PHE D 281 -22.06 -14.48 -46.51
N LEU D 282 -22.71 -15.25 -45.65
CA LEU D 282 -23.08 -16.63 -45.97
C LEU D 282 -24.41 -16.64 -46.68
N GLN D 283 -24.37 -16.84 -48.00
CA GLN D 283 -25.52 -16.71 -48.89
C GLN D 283 -25.99 -18.09 -49.40
N ASP D 284 -27.27 -18.17 -49.78
CA ASP D 284 -27.86 -19.41 -50.32
C ASP D 284 -27.47 -19.58 -51.78
N GLN D 288 -30.01 -14.60 -50.93
CA GLN D 288 -30.60 -15.23 -49.75
C GLN D 288 -29.55 -15.38 -48.64
N ILE D 289 -29.76 -14.69 -47.51
CA ILE D 289 -28.95 -14.92 -46.32
C ILE D 289 -29.25 -16.36 -45.85
N LYS D 290 -28.21 -17.21 -45.83
CA LYS D 290 -28.35 -18.61 -45.41
C LYS D 290 -28.42 -18.68 -43.89
N PRO D 291 -29.19 -19.67 -43.34
CA PRO D 291 -29.18 -19.84 -41.88
C PRO D 291 -27.79 -20.19 -41.37
N THR D 292 -27.48 -19.75 -40.14
CA THR D 292 -26.18 -20.02 -39.51
C THR D 292 -26.30 -20.97 -38.33
N HIS D 293 -25.17 -21.48 -37.88
CA HIS D 293 -25.13 -22.29 -36.66
C HIS D 293 -23.81 -22.14 -35.91
N SER D 294 -23.91 -22.17 -34.58
CA SER D 294 -22.76 -22.38 -33.69
C SER D 294 -23.29 -22.70 -32.30
N ILE D 295 -22.58 -23.55 -31.57
CA ILE D 295 -22.88 -23.75 -30.16
C ILE D 295 -22.70 -22.45 -29.34
N ALA D 296 -21.86 -21.53 -29.81
CA ALA D 296 -21.65 -20.24 -29.14
C ALA D 296 -22.68 -19.25 -29.64
N PRO D 297 -23.54 -18.72 -28.74
CA PRO D 297 -24.62 -17.80 -29.19
C PRO D 297 -24.12 -16.59 -29.99
N GLY D 298 -23.00 -16.00 -29.57
CA GLY D 298 -22.51 -14.77 -30.15
C GLY D 298 -21.78 -14.91 -31.49
N LEU D 299 -21.62 -16.14 -32.00
CA LEU D 299 -20.93 -16.38 -33.28
C LEU D 299 -21.91 -16.71 -34.42
N ASP D 300 -23.16 -16.26 -34.29
CA ASP D 300 -24.27 -16.56 -35.24
C ASP D 300 -24.38 -15.62 -36.46
N TYR D 301 -23.81 -14.42 -36.39
CA TYR D 301 -24.02 -13.42 -37.45
C TYR D 301 -23.55 -13.94 -38.81
N PRO D 302 -24.43 -13.89 -39.84
CA PRO D 302 -24.09 -14.45 -41.15
C PRO D 302 -23.09 -13.63 -41.94
N GLY D 303 -22.88 -12.38 -41.53
CA GLY D 303 -21.82 -11.54 -42.08
C GLY D 303 -20.58 -11.49 -41.20
N VAL D 304 -19.71 -10.55 -41.54
CA VAL D 304 -18.48 -10.31 -40.81
C VAL D 304 -18.04 -8.88 -41.04
N GLY D 305 -17.28 -8.32 -40.11
CA GLY D 305 -16.84 -6.95 -40.20
C GLY D 305 -16.03 -6.71 -41.46
N PRO D 306 -16.29 -5.59 -42.20
CA PRO D 306 -15.54 -5.32 -43.44
C PRO D 306 -14.03 -5.13 -43.23
N GLU D 307 -13.62 -4.65 -42.05
CA GLU D 307 -12.20 -4.55 -41.75
C GLU D 307 -11.51 -5.92 -41.67
N HIS D 308 -12.25 -6.99 -41.31
CA HIS D 308 -11.72 -8.36 -41.38
C HIS D 308 -11.64 -8.90 -42.81
N ALA D 309 -12.65 -8.60 -43.61
CA ALA D 309 -12.57 -8.88 -45.04
C ALA D 309 -11.31 -8.28 -45.65
N TYR D 310 -11.03 -7.02 -45.31
CA TYR D 310 -9.85 -6.30 -45.74
C TYR D 310 -8.52 -6.94 -45.30
N LEU D 311 -8.41 -7.29 -44.01
CA LEU D 311 -7.21 -7.96 -43.47
C LEU D 311 -7.01 -9.35 -44.06
N LYS D 312 -8.10 -10.06 -44.36
CA LYS D 312 -8.03 -11.34 -45.07
C LYS D 312 -7.50 -11.17 -46.51
N LYS D 313 -8.00 -10.16 -47.22
CA LYS D 313 -7.64 -9.93 -48.63
C LYS D 313 -6.16 -9.62 -48.80
N ILE D 314 -5.68 -8.60 -48.09
CA ILE D 314 -4.25 -8.23 -48.12
C ILE D 314 -3.37 -9.23 -47.33
N GLN D 315 -4.00 -10.25 -46.75
CA GLN D 315 -3.32 -11.33 -46.03
C GLN D 315 -2.54 -10.84 -44.81
N ARG D 316 -3.05 -9.80 -44.16
CA ARG D 316 -2.50 -9.31 -42.89
C ARG D 316 -2.94 -10.22 -41.72
N ALA D 317 -4.17 -10.72 -41.77
CA ALA D 317 -4.66 -11.71 -40.80
C ALA D 317 -5.02 -13.02 -41.53
N GLU D 318 -4.76 -14.15 -40.88
CA GLU D 318 -5.29 -15.46 -41.32
C GLU D 318 -6.61 -15.75 -40.61
N TYR D 319 -7.53 -16.44 -41.29
CA TYR D 319 -8.85 -16.79 -40.72
C TYR D 319 -9.13 -18.28 -40.80
N VAL D 320 -9.39 -18.90 -39.64
CA VAL D 320 -9.53 -20.37 -39.52
C VAL D 320 -10.88 -20.70 -38.93
N THR D 321 -11.21 -21.99 -38.86
CA THR D 321 -12.41 -22.43 -38.18
C THR D 321 -12.12 -23.49 -37.15
N VAL D 322 -13.01 -23.55 -36.15
CA VAL D 322 -12.98 -24.53 -35.07
C VAL D 322 -14.43 -25.04 -34.92
N THR D 323 -14.59 -26.35 -34.73
CA THR D 323 -15.95 -26.95 -34.58
C THR D 323 -16.56 -26.69 -33.20
N ASP D 324 -17.87 -26.92 -33.10
CA ASP D 324 -18.59 -27.01 -31.81
C ASP D 324 -17.89 -27.96 -30.82
N GLU D 325 -17.55 -29.16 -31.30
CA GLU D 325 -16.91 -30.19 -30.46
C GLU D 325 -15.56 -29.72 -29.92
N GLU D 326 -14.78 -29.06 -30.77
CA GLU D 326 -13.45 -28.56 -30.36
C GLU D 326 -13.57 -27.42 -29.35
N ALA D 327 -14.52 -26.50 -29.59
CA ALA D 327 -14.77 -25.38 -28.68
C ALA D 327 -15.17 -25.91 -27.32
N LEU D 328 -16.05 -26.92 -27.32
CA LEU D 328 -16.55 -27.51 -26.09
C LEU D 328 -15.44 -28.20 -25.26
N LYS D 329 -14.49 -28.86 -25.93
CA LYS D 329 -13.36 -29.47 -25.23
C LYS D 329 -12.44 -28.42 -24.63
N ALA D 330 -12.21 -27.33 -25.37
CA ALA D 330 -11.43 -26.21 -24.87
C ALA D 330 -12.10 -25.57 -23.66
N PHE D 331 -13.42 -25.52 -23.67
CA PHE D 331 -14.23 -25.00 -22.56
C PHE D 331 -13.96 -25.80 -21.28
N HIS D 332 -14.00 -27.13 -21.39
CA HIS D 332 -13.73 -28.01 -20.25
C HIS D 332 -12.26 -27.95 -19.84
N GLU D 333 -11.38 -27.92 -20.83
CA GLU D 333 -9.95 -27.95 -20.58
C GLU D 333 -9.47 -26.70 -19.84
N LEU D 334 -9.89 -25.52 -20.29
CA LEU D 334 -9.49 -24.28 -19.62
C LEU D 334 -10.03 -24.25 -18.18
N SER D 335 -11.29 -24.64 -18.02
CA SER D 335 -11.88 -24.77 -16.70
C SER D 335 -11.02 -25.61 -15.73
N ARG D 336 -10.70 -26.85 -16.13
CA ARG D 336 -10.00 -27.81 -15.25
C ARG D 336 -8.52 -27.47 -15.05
N THR D 337 -7.91 -26.82 -16.04
CA THR D 337 -6.47 -26.64 -16.08
C THR D 337 -6.04 -25.29 -15.58
N GLU D 338 -6.87 -24.26 -15.76
CA GLU D 338 -6.54 -22.91 -15.31
C GLU D 338 -7.53 -22.32 -14.32
N GLY D 339 -8.68 -22.99 -14.11
CA GLY D 339 -9.70 -22.46 -13.22
C GLY D 339 -10.40 -21.25 -13.79
N ILE D 340 -10.50 -21.19 -15.13
CA ILE D 340 -11.18 -20.10 -15.82
C ILE D 340 -12.21 -20.73 -16.74
N ILE D 341 -13.49 -20.46 -16.47
CA ILE D 341 -14.59 -20.96 -17.29
C ILE D 341 -14.82 -19.92 -18.38
N PRO D 342 -14.50 -20.25 -19.64
CA PRO D 342 -14.57 -19.28 -20.72
C PRO D 342 -15.95 -19.25 -21.37
N ALA D 343 -16.29 -18.13 -22.01
CA ALA D 343 -17.45 -18.08 -22.92
C ALA D 343 -17.22 -19.10 -24.05
N LEU D 344 -18.28 -19.73 -24.52
CA LEU D 344 -18.20 -20.67 -25.63
C LEU D 344 -17.66 -19.97 -26.88
N GLU D 345 -17.87 -18.66 -27.02
CA GLU D 345 -17.32 -17.90 -28.14
C GLU D 345 -15.79 -17.94 -28.00
N SER D 346 -15.34 -17.56 -26.82
CA SER D 346 -13.91 -17.47 -26.49
C SER D 346 -13.23 -18.83 -26.56
N ALA D 347 -13.97 -19.88 -26.20
CA ALA D 347 -13.44 -21.26 -26.27
C ALA D 347 -13.01 -21.69 -27.69
N HIS D 348 -13.63 -21.09 -28.72
CA HIS D 348 -13.20 -21.34 -30.11
C HIS D 348 -11.74 -20.85 -30.28
N ALA D 349 -11.48 -19.64 -29.80
CA ALA D 349 -10.13 -19.07 -29.82
C ALA D 349 -9.15 -19.89 -29.01
N VAL D 350 -9.59 -20.36 -27.82
CA VAL D 350 -8.75 -21.17 -26.96
C VAL D 350 -8.43 -22.50 -27.65
N ALA D 351 -9.43 -23.11 -28.30
CA ALA D 351 -9.26 -24.41 -28.97
C ALA D 351 -8.20 -24.31 -30.08
N TYR D 352 -8.27 -23.24 -30.88
CA TYR D 352 -7.30 -23.07 -31.98
C TYR D 352 -5.91 -22.75 -31.44
N ALA D 353 -5.82 -21.87 -30.45
CA ALA D 353 -4.53 -21.53 -29.82
C ALA D 353 -3.85 -22.79 -29.24
N MET D 354 -4.65 -23.74 -28.74
CA MET D 354 -4.13 -25.04 -28.30
C MET D 354 -3.49 -25.84 -29.43
N LYS D 355 -4.18 -25.95 -30.57
CA LYS D 355 -3.60 -26.58 -31.78
C LYS D 355 -2.34 -25.87 -32.23
N LEU D 356 -2.41 -24.54 -32.30
CA LEU D 356 -1.29 -23.71 -32.74
C LEU D 356 -0.07 -23.85 -31.83
N ALA D 357 -0.30 -23.75 -30.52
CA ALA D 357 0.79 -23.84 -29.52
C ALA D 357 1.59 -25.14 -29.67
N LYS D 358 0.89 -26.25 -29.90
CA LYS D 358 1.52 -27.56 -30.19
C LYS D 358 2.45 -27.51 -31.43
N GLU D 359 2.03 -26.82 -32.49
CA GLU D 359 2.87 -26.70 -33.71
C GLU D 359 3.99 -25.65 -33.57
N MET D 360 3.92 -24.80 -32.54
CA MET D 360 4.94 -23.76 -32.32
C MET D 360 5.97 -24.23 -31.29
N SER D 361 6.92 -23.35 -30.93
CA SER D 361 8.02 -23.73 -30.03
C SER D 361 8.03 -22.94 -28.73
N ARG D 362 8.60 -23.53 -27.70
CA ARG D 362 8.65 -22.89 -26.40
C ARG D 362 9.37 -21.56 -26.52
N ASP D 363 8.92 -20.59 -25.72
CA ASP D 363 9.46 -19.22 -25.75
C ASP D 363 8.82 -18.33 -26.83
N GLU D 364 8.14 -18.91 -27.82
CA GLU D 364 7.26 -18.13 -28.68
C GLU D 364 5.96 -17.87 -27.94
N ILE D 365 5.29 -16.77 -28.31
CA ILE D 365 4.24 -16.14 -27.51
C ILE D 365 2.93 -16.04 -28.30
N ILE D 366 1.86 -16.62 -27.75
CA ILE D 366 0.49 -16.47 -28.28
C ILE D 366 -0.34 -15.71 -27.24
N ILE D 367 -1.04 -14.65 -27.68
CA ILE D 367 -2.06 -13.99 -26.86
C ILE D 367 -3.41 -14.40 -27.43
N VAL D 368 -4.24 -14.98 -26.57
CA VAL D 368 -5.60 -15.35 -26.91
C VAL D 368 -6.49 -14.32 -26.27
N ASN D 369 -7.39 -13.72 -27.04
CA ASN D 369 -8.31 -12.78 -26.49
C ASN D 369 -9.45 -13.58 -25.82
N LEU D 370 -9.45 -13.64 -24.48
CA LEU D 370 -10.52 -14.35 -23.77
C LEU D 370 -11.70 -13.39 -23.66
N SER D 371 -12.52 -13.37 -24.70
CA SER D 371 -13.53 -12.31 -24.88
C SER D 371 -14.61 -12.26 -23.81
N GLY D 372 -14.90 -13.40 -23.19
CA GLY D 372 -15.80 -13.43 -22.07
C GLY D 372 -15.71 -14.67 -21.20
N ARG D 373 -16.44 -14.63 -20.10
CA ARG D 373 -16.55 -15.79 -19.20
C ARG D 373 -17.79 -16.62 -19.54
N GLY D 374 -17.79 -17.85 -19.04
CA GLY D 374 -18.75 -18.85 -19.45
C GLY D 374 -19.93 -19.12 -18.52
N ASP D 375 -20.14 -18.27 -17.52
CA ASP D 375 -21.28 -18.45 -16.59
C ASP D 375 -22.62 -18.42 -17.35
N LYS D 376 -22.72 -17.53 -18.34
CA LYS D 376 -23.93 -17.40 -19.18
C LYS D 376 -24.24 -18.66 -20.02
N ASP D 377 -23.20 -19.49 -20.26
CA ASP D 377 -23.28 -20.69 -21.11
C ASP D 377 -23.48 -22.01 -20.38
N LEU D 378 -23.62 -21.99 -19.06
CA LEU D 378 -23.63 -23.24 -18.31
C LEU D 378 -24.82 -24.13 -18.69
N ASP D 379 -25.99 -23.52 -18.90
CA ASP D 379 -27.18 -24.30 -19.34
C ASP D 379 -26.97 -24.97 -20.69
N ILE D 380 -26.35 -24.25 -21.63
CA ILE D 380 -26.01 -24.82 -22.96
C ILE D 380 -25.14 -26.06 -22.82
N VAL D 381 -24.08 -25.94 -22.02
CA VAL D 381 -23.15 -27.04 -21.78
C VAL D 381 -23.84 -28.18 -21.02
N LEU D 382 -24.63 -27.83 -20.02
CA LEU D 382 -25.43 -28.80 -19.27
C LEU D 382 -26.36 -29.62 -20.20
N LYS D 383 -27.06 -28.92 -21.10
CA LYS D 383 -27.88 -29.58 -22.15
C LYS D 383 -27.10 -30.59 -23.03
N VAL D 384 -25.83 -30.31 -23.32
CA VAL D 384 -24.98 -31.23 -24.12
C VAL D 384 -24.33 -32.33 -23.24
N SER D 385 -25.17 -33.19 -22.67
CA SER D 385 -24.74 -34.37 -21.86
C SER D 385 -25.88 -34.83 -20.96
NA NA E . 24.32 23.76 -8.36
P PO4 F . 26.32 14.69 -2.01
O1 PO4 F . 26.28 13.73 -3.15
O2 PO4 F . 27.49 15.64 -2.18
O3 PO4 F . 25.04 15.51 -1.97
O4 PO4 F . 26.48 13.88 -0.77
NA NA G . 23.61 2.03 36.54
OXT 78U H . 23.03 12.96 30.67
C 78U H . 22.83 11.94 29.96
O 78U H . 22.53 11.96 28.75
CA 78U H . 23.04 10.56 30.60
N 78U H . 24.04 10.58 31.71
CB 78U H . 21.69 9.96 31.06
CAG 78U H . 21.86 8.44 31.07
CG 78U H . 21.20 10.55 32.44
CD2 78U H . 21.05 9.94 33.63
CE3 78U H . 21.26 8.69 34.08
CZ3 78U H . 21.00 8.35 35.40
CH2 78U H . 20.52 9.32 36.27
CZ2 78U H . 20.32 10.61 35.78
CE2 78U H . 20.58 10.88 34.48
NE1 78U H . 20.45 12.02 33.82
CD1 78U H . 20.83 11.83 32.56
NA NA I . -24.49 -15.87 10.80
OXT 78U J . -20.14 -22.10 1.06
C 78U J . -20.45 -20.93 0.82
O 78U J . -20.29 -20.37 -0.26
CA 78U J . -21.09 -20.10 1.94
N 78U J . -21.89 -20.95 2.88
CB 78U J . -20.02 -19.26 2.67
CAG 78U J . -20.75 -18.09 3.36
CG 78U J . -19.15 -20.14 3.65
CD2 78U J . -19.08 -20.11 5.00
CE3 78U J . -19.65 -19.35 5.96
CZ3 78U J . -19.34 -19.57 7.29
CH2 78U J . -18.46 -20.57 7.63
CZ2 78U J . -17.89 -21.32 6.62
CE2 78U J . -18.20 -21.08 5.34
NE1 78U J . -17.77 -21.67 4.24
CD1 78U J . -18.35 -21.10 3.21
NA NA K . -19.86 -14.58 -39.01
P PO4 L . -26.59 -10.66 -30.02
O1 PO4 L . -25.43 -10.16 -30.86
O2 PO4 L . -26.99 -12.05 -30.50
O3 PO4 L . -27.77 -9.73 -30.18
O4 PO4 L . -26.18 -10.69 -28.57
OXT 78U M . -25.82 -4.83 -35.60
C 78U M . -26.36 -5.61 -36.42
O 78U M . -26.13 -6.84 -36.54
CA 78U M . -27.31 -4.98 -37.46
N 78U M . -28.25 -4.06 -36.79
CB 78U M . -26.47 -4.24 -38.53
CAG 78U M . -25.65 -5.26 -39.34
CG 78U M . -27.37 -3.41 -39.47
CD2 78U M . -27.46 -2.09 -39.49
CE3 78U M . -26.86 -1.12 -38.78
CZ3 78U M . -27.16 0.22 -39.02
CH2 78U M . -28.08 0.54 -40.02
CZ2 78U M . -28.67 -0.51 -40.74
CE2 78U M . -28.36 -1.78 -40.46
NE1 78U M . -28.79 -2.92 -41.00
CD1 78U M . -28.18 -3.93 -40.38
#